data_9J1S
# 
_entry.id   9J1S 
# 
_audit_conform.dict_name       mmcif_pdbx.dic 
_audit_conform.dict_version    5.397 
_audit_conform.dict_location   http://mmcif.pdb.org/dictionaries/ascii/mmcif_pdbx.dic 
# 
loop_
_database_2.database_id 
_database_2.database_code 
_database_2.pdbx_database_accession 
_database_2.pdbx_DOI 
PDB   9J1S         pdb_00009j1s 10.2210/pdb9j1s/pdb 
WWPDB D_1300050123 ?            ?                   
# 
_pdbx_audit_revision_history.ordinal             1 
_pdbx_audit_revision_history.data_content_type   'Structure model' 
_pdbx_audit_revision_history.major_revision      1 
_pdbx_audit_revision_history.minor_revision      0 
_pdbx_audit_revision_history.revision_date       2024-10-09 
# 
_pdbx_audit_revision_details.ordinal             1 
_pdbx_audit_revision_details.revision_ordinal    1 
_pdbx_audit_revision_details.data_content_type   'Structure model' 
_pdbx_audit_revision_details.provider            repository 
_pdbx_audit_revision_details.type                'Initial release' 
_pdbx_audit_revision_details.description         ? 
_pdbx_audit_revision_details.details             ? 
# 
_pdbx_database_status.status_code                     REL 
_pdbx_database_status.status_code_sf                  REL 
_pdbx_database_status.status_code_mr                  ? 
_pdbx_database_status.entry_id                        9J1S 
_pdbx_database_status.recvd_initial_deposition_date   2024-08-05 
_pdbx_database_status.SG_entry                        N 
_pdbx_database_status.deposit_site                    PDBJ 
_pdbx_database_status.process_site                    PDBJ 
_pdbx_database_status.status_code_cs                  ? 
_pdbx_database_status.status_code_nmr_data            ? 
_pdbx_database_status.methods_development_category    ? 
_pdbx_database_status.pdb_format_compatible           Y 
# 
_pdbx_contact_author.id                 4 
_pdbx_contact_author.email              agneyo@iitkgp.ac.in 
_pdbx_contact_author.name_first         Agneyo 
_pdbx_contact_author.name_last          Ganguly 
_pdbx_contact_author.name_mi            ? 
_pdbx_contact_author.role               'principal investigator/group leader' 
_pdbx_contact_author.identifier_ORCID   0000-0003-4172-071X 
# 
loop_
_audit_author.name 
_audit_author.pdbx_ordinal 
_audit_author.identifier_ORCID 
'Chakraborty, M.' 1 ? 
'Ganguly, S.S.'   2 ? 
'Das, A.K.'       3 ? 
'Ganguly, A.'     4 ? 
# 
_citation.abstract                  ? 
_citation.abstract_id_CAS           ? 
_citation.book_id_ISBN              ? 
_citation.book_publisher            ? 
_citation.book_publisher_city       ? 
_citation.book_title                ? 
_citation.coordinate_linkage        ? 
_citation.country                   ? 
_citation.database_id_Medline       ? 
_citation.details                   ? 
_citation.id                        primary 
_citation.journal_abbrev            'To Be Published' 
_citation.journal_id_ASTM           ? 
_citation.journal_id_CSD            0353 
_citation.journal_id_ISSN           ? 
_citation.journal_full              ? 
_citation.journal_issue             ? 
_citation.journal_volume            ? 
_citation.language                  ? 
_citation.page_first                ? 
_citation.page_last                 ? 
_citation.title                     'Human replication protein A: RPA70 subunit N-terminal domain' 
_citation.year                      ? 
_citation.database_id_CSD           ? 
_citation.pdbx_database_id_DOI      ? 
_citation.pdbx_database_id_PubMed   ? 
_citation.pdbx_database_id_patent   ? 
_citation.unpublished_flag          ? 
# 
loop_
_citation_author.citation_id 
_citation_author.name 
_citation_author.ordinal 
_citation_author.identifier_ORCID 
primary 'Chakraborty, M.' 1 ? 
primary 'Ganguly, S.S.'   2 ? 
primary 'Das, A.K.'       3 ? 
primary 'Ganguly, A.'     4 ? 
# 
loop_
_entity.id 
_entity.type 
_entity.src_method 
_entity.pdbx_description 
_entity.formula_weight 
_entity.pdbx_number_of_molecules 
_entity.pdbx_ec 
_entity.pdbx_mutation 
_entity.pdbx_fragment 
_entity.details 
1 polymer man 'Replication protein A 70 kDa DNA-binding subunit' 13187.371 1  ? ? 'N-terminal domain' ? 
2 water   nat water                                              18.015    33 ? ? ?                   ? 
# 
_entity_name_com.entity_id   1 
_entity_name_com.name        'RP-A p70,Replication factor A protein 1,RF-A protein 1,Single-stranded DNA-binding protein' 
# 
_entity_poly.entity_id                      1 
_entity_poly.type                           'polypeptide(L)' 
_entity_poly.nstd_linkage                   no 
_entity_poly.nstd_monomer                   no 
_entity_poly.pdbx_seq_one_letter_code       
;MVGQLSEGAIAAIMQKGDTNIKPILQVINIRPITTGNSPPRYRLLMSDGLNTLSSFMLATQLNPLVEEEQLSSNCVCQIH
RFIVNTLKDGRRVVILMELEVLKSAEAVGVKIGNPVPYNE
;
_entity_poly.pdbx_seq_one_letter_code_can   
;MVGQLSEGAIAAIMQKGDTNIKPILQVINIRPITTGNSPPRYRLLMSDGLNTLSSFMLATQLNPLVEEEQLSSNCVCQIH
RFIVNTLKDGRRVVILMELEVLKSAEAVGVKIGNPVPYNE
;
_entity_poly.pdbx_strand_id                 A 
_entity_poly.pdbx_target_identifier         ? 
# 
_pdbx_entity_nonpoly.entity_id   2 
_pdbx_entity_nonpoly.name        water 
_pdbx_entity_nonpoly.comp_id     HOH 
# 
loop_
_entity_poly_seq.entity_id 
_entity_poly_seq.num 
_entity_poly_seq.mon_id 
_entity_poly_seq.hetero 
1 1   MET n 
1 2   VAL n 
1 3   GLY n 
1 4   GLN n 
1 5   LEU n 
1 6   SER n 
1 7   GLU n 
1 8   GLY n 
1 9   ALA n 
1 10  ILE n 
1 11  ALA n 
1 12  ALA n 
1 13  ILE n 
1 14  MET n 
1 15  GLN n 
1 16  LYS n 
1 17  GLY n 
1 18  ASP n 
1 19  THR n 
1 20  ASN n 
1 21  ILE n 
1 22  LYS n 
1 23  PRO n 
1 24  ILE n 
1 25  LEU n 
1 26  GLN n 
1 27  VAL n 
1 28  ILE n 
1 29  ASN n 
1 30  ILE n 
1 31  ARG n 
1 32  PRO n 
1 33  ILE n 
1 34  THR n 
1 35  THR n 
1 36  GLY n 
1 37  ASN n 
1 38  SER n 
1 39  PRO n 
1 40  PRO n 
1 41  ARG n 
1 42  TYR n 
1 43  ARG n 
1 44  LEU n 
1 45  LEU n 
1 46  MET n 
1 47  SER n 
1 48  ASP n 
1 49  GLY n 
1 50  LEU n 
1 51  ASN n 
1 52  THR n 
1 53  LEU n 
1 54  SER n 
1 55  SER n 
1 56  PHE n 
1 57  MET n 
1 58  LEU n 
1 59  ALA n 
1 60  THR n 
1 61  GLN n 
1 62  LEU n 
1 63  ASN n 
1 64  PRO n 
1 65  LEU n 
1 66  VAL n 
1 67  GLU n 
1 68  GLU n 
1 69  GLU n 
1 70  GLN n 
1 71  LEU n 
1 72  SER n 
1 73  SER n 
1 74  ASN n 
1 75  CYS n 
1 76  VAL n 
1 77  CYS n 
1 78  GLN n 
1 79  ILE n 
1 80  HIS n 
1 81  ARG n 
1 82  PHE n 
1 83  ILE n 
1 84  VAL n 
1 85  ASN n 
1 86  THR n 
1 87  LEU n 
1 88  LYS n 
1 89  ASP n 
1 90  GLY n 
1 91  ARG n 
1 92  ARG n 
1 93  VAL n 
1 94  VAL n 
1 95  ILE n 
1 96  LEU n 
1 97  MET n 
1 98  GLU n 
1 99  LEU n 
1 100 GLU n 
1 101 VAL n 
1 102 LEU n 
1 103 LYS n 
1 104 SER n 
1 105 ALA n 
1 106 GLU n 
1 107 ALA n 
1 108 VAL n 
1 109 GLY n 
1 110 VAL n 
1 111 LYS n 
1 112 ILE n 
1 113 GLY n 
1 114 ASN n 
1 115 PRO n 
1 116 VAL n 
1 117 PRO n 
1 118 TYR n 
1 119 ASN n 
1 120 GLU n 
# 
_entity_src_gen.entity_id                          1 
_entity_src_gen.pdbx_src_id                        1 
_entity_src_gen.pdbx_alt_source_flag               sample 
_entity_src_gen.pdbx_seq_type                      'Biological sequence' 
_entity_src_gen.pdbx_beg_seq_num                   1 
_entity_src_gen.pdbx_end_seq_num                   120 
_entity_src_gen.gene_src_common_name               human 
_entity_src_gen.gene_src_genus                     ? 
_entity_src_gen.pdbx_gene_src_gene                 'RPA1, REPA1, RPA70' 
_entity_src_gen.gene_src_species                   ? 
_entity_src_gen.gene_src_strain                    ? 
_entity_src_gen.gene_src_tissue                    ? 
_entity_src_gen.gene_src_tissue_fraction           ? 
_entity_src_gen.gene_src_details                   ? 
_entity_src_gen.pdbx_gene_src_fragment             ? 
_entity_src_gen.pdbx_gene_src_scientific_name      'Homo sapiens' 
_entity_src_gen.pdbx_gene_src_ncbi_taxonomy_id     9606 
_entity_src_gen.pdbx_gene_src_variant              ? 
_entity_src_gen.pdbx_gene_src_cell_line            ? 
_entity_src_gen.pdbx_gene_src_atcc                 ? 
_entity_src_gen.pdbx_gene_src_organ                ? 
_entity_src_gen.pdbx_gene_src_organelle            ? 
_entity_src_gen.pdbx_gene_src_cell                 ? 
_entity_src_gen.pdbx_gene_src_cellular_location    ? 
_entity_src_gen.host_org_common_name               ? 
_entity_src_gen.pdbx_host_org_scientific_name      'Escherichia coli' 
_entity_src_gen.pdbx_host_org_ncbi_taxonomy_id     562 
_entity_src_gen.host_org_genus                     ? 
_entity_src_gen.pdbx_host_org_gene                 ? 
_entity_src_gen.pdbx_host_org_organ                ? 
_entity_src_gen.host_org_species                   ? 
_entity_src_gen.pdbx_host_org_tissue               ? 
_entity_src_gen.pdbx_host_org_tissue_fraction      ? 
_entity_src_gen.pdbx_host_org_strain               ? 
_entity_src_gen.pdbx_host_org_variant              ? 
_entity_src_gen.pdbx_host_org_cell_line            ? 
_entity_src_gen.pdbx_host_org_atcc                 ? 
_entity_src_gen.pdbx_host_org_culture_collection   ? 
_entity_src_gen.pdbx_host_org_cell                 ? 
_entity_src_gen.pdbx_host_org_organelle            ? 
_entity_src_gen.pdbx_host_org_cellular_location    ? 
_entity_src_gen.pdbx_host_org_vector_type          ? 
_entity_src_gen.pdbx_host_org_vector               ? 
_entity_src_gen.host_org_details                   ? 
_entity_src_gen.expression_system_id               ? 
_entity_src_gen.plasmid_name                       ? 
_entity_src_gen.plasmid_details                    ? 
_entity_src_gen.pdbx_description                   ? 
# 
loop_
_chem_comp.id 
_chem_comp.type 
_chem_comp.mon_nstd_flag 
_chem_comp.name 
_chem_comp.pdbx_synonyms 
_chem_comp.formula 
_chem_comp.formula_weight 
ALA 'L-peptide linking' y ALANINE         ? 'C3 H7 N O2'     89.093  
ARG 'L-peptide linking' y ARGININE        ? 'C6 H15 N4 O2 1' 175.209 
ASN 'L-peptide linking' y ASPARAGINE      ? 'C4 H8 N2 O3'    132.118 
ASP 'L-peptide linking' y 'ASPARTIC ACID' ? 'C4 H7 N O4'     133.103 
CYS 'L-peptide linking' y CYSTEINE        ? 'C3 H7 N O2 S'   121.158 
GLN 'L-peptide linking' y GLUTAMINE       ? 'C5 H10 N2 O3'   146.144 
GLU 'L-peptide linking' y 'GLUTAMIC ACID' ? 'C5 H9 N O4'     147.129 
GLY 'peptide linking'   y GLYCINE         ? 'C2 H5 N O2'     75.067  
HIS 'L-peptide linking' y HISTIDINE       ? 'C6 H10 N3 O2 1' 156.162 
HOH non-polymer         . WATER           ? 'H2 O'           18.015  
ILE 'L-peptide linking' y ISOLEUCINE      ? 'C6 H13 N O2'    131.173 
LEU 'L-peptide linking' y LEUCINE         ? 'C6 H13 N O2'    131.173 
LYS 'L-peptide linking' y LYSINE          ? 'C6 H15 N2 O2 1' 147.195 
MET 'L-peptide linking' y METHIONINE      ? 'C5 H11 N O2 S'  149.211 
PHE 'L-peptide linking' y PHENYLALANINE   ? 'C9 H11 N O2'    165.189 
PRO 'L-peptide linking' y PROLINE         ? 'C5 H9 N O2'     115.130 
SER 'L-peptide linking' y SERINE          ? 'C3 H7 N O3'     105.093 
THR 'L-peptide linking' y THREONINE       ? 'C4 H9 N O3'     119.119 
TYR 'L-peptide linking' y TYROSINE        ? 'C9 H11 N O3'    181.189 
VAL 'L-peptide linking' y VALINE          ? 'C5 H11 N O2'    117.146 
# 
loop_
_pdbx_poly_seq_scheme.asym_id 
_pdbx_poly_seq_scheme.entity_id 
_pdbx_poly_seq_scheme.seq_id 
_pdbx_poly_seq_scheme.mon_id 
_pdbx_poly_seq_scheme.ndb_seq_num 
_pdbx_poly_seq_scheme.pdb_seq_num 
_pdbx_poly_seq_scheme.auth_seq_num 
_pdbx_poly_seq_scheme.pdb_mon_id 
_pdbx_poly_seq_scheme.auth_mon_id 
_pdbx_poly_seq_scheme.pdb_strand_id 
_pdbx_poly_seq_scheme.pdb_ins_code 
_pdbx_poly_seq_scheme.hetero 
A 1 1   MET 1   1   ?   ?   ?   A . n 
A 1 2   VAL 2   2   ?   ?   ?   A . n 
A 1 3   GLY 3   3   ?   ?   ?   A . n 
A 1 4   GLN 4   4   4   GLN GLN A . n 
A 1 5   LEU 5   5   5   LEU LEU A . n 
A 1 6   SER 6   6   6   SER SER A . n 
A 1 7   GLU 7   7   7   GLU GLU A . n 
A 1 8   GLY 8   8   8   GLY GLY A . n 
A 1 9   ALA 9   9   9   ALA ALA A . n 
A 1 10  ILE 10  10  10  ILE ILE A . n 
A 1 11  ALA 11  11  11  ALA ALA A . n 
A 1 12  ALA 12  12  12  ALA ALA A . n 
A 1 13  ILE 13  13  13  ILE ILE A . n 
A 1 14  MET 14  14  14  MET MET A . n 
A 1 15  GLN 15  15  15  GLN GLN A . n 
A 1 16  LYS 16  16  16  LYS LYS A . n 
A 1 17  GLY 17  17  17  GLY GLY A . n 
A 1 18  ASP 18  18  18  ASP ASP A . n 
A 1 19  THR 19  19  19  THR THR A . n 
A 1 20  ASN 20  20  20  ASN ASN A . n 
A 1 21  ILE 21  21  21  ILE ILE A . n 
A 1 22  LYS 22  22  22  LYS LYS A . n 
A 1 23  PRO 23  23  23  PRO PRO A . n 
A 1 24  ILE 24  24  24  ILE ILE A . n 
A 1 25  LEU 25  25  25  LEU LEU A . n 
A 1 26  GLN 26  26  26  GLN GLN A . n 
A 1 27  VAL 27  27  27  VAL VAL A . n 
A 1 28  ILE 28  28  28  ILE ILE A . n 
A 1 29  ASN 29  29  29  ASN ASN A . n 
A 1 30  ILE 30  30  30  ILE ILE A . n 
A 1 31  ARG 31  31  31  ARG ARG A . n 
A 1 32  PRO 32  32  32  PRO PRO A . n 
A 1 33  ILE 33  33  33  ILE ILE A . n 
A 1 34  THR 34  34  34  THR THR A . n 
A 1 35  THR 35  35  35  THR THR A . n 
A 1 36  GLY 36  36  ?   ?   ?   A . n 
A 1 37  ASN 37  37  ?   ?   ?   A . n 
A 1 38  SER 38  38  38  SER SER A . n 
A 1 39  PRO 39  39  39  PRO PRO A . n 
A 1 40  PRO 40  40  40  PRO PRO A . n 
A 1 41  ARG 41  41  41  ARG ARG A . n 
A 1 42  TYR 42  42  42  TYR TYR A . n 
A 1 43  ARG 43  43  43  ARG ARG A . n 
A 1 44  LEU 44  44  44  LEU LEU A . n 
A 1 45  LEU 45  45  45  LEU LEU A . n 
A 1 46  MET 46  46  46  MET MET A . n 
A 1 47  SER 47  47  47  SER SER A . n 
A 1 48  ASP 48  48  48  ASP ASP A . n 
A 1 49  GLY 49  49  49  GLY GLY A . n 
A 1 50  LEU 50  50  50  LEU LEU A . n 
A 1 51  ASN 51  51  51  ASN ASN A . n 
A 1 52  THR 52  52  52  THR THR A . n 
A 1 53  LEU 53  53  53  LEU LEU A . n 
A 1 54  SER 54  54  54  SER SER A . n 
A 1 55  SER 55  55  55  SER SER A . n 
A 1 56  PHE 56  56  56  PHE PHE A . n 
A 1 57  MET 57  57  57  MET MET A . n 
A 1 58  LEU 58  58  58  LEU LEU A . n 
A 1 59  ALA 59  59  59  ALA ALA A . n 
A 1 60  THR 60  60  60  THR THR A . n 
A 1 61  GLN 61  61  61  GLN GLN A . n 
A 1 62  LEU 62  62  62  LEU LEU A . n 
A 1 63  ASN 63  63  63  ASN ASN A . n 
A 1 64  PRO 64  64  64  PRO PRO A . n 
A 1 65  LEU 65  65  65  LEU LEU A . n 
A 1 66  VAL 66  66  66  VAL VAL A . n 
A 1 67  GLU 67  67  67  GLU GLU A . n 
A 1 68  GLU 68  68  68  GLU GLU A . n 
A 1 69  GLU 69  69  69  GLU GLU A . n 
A 1 70  GLN 70  70  70  GLN GLN A . n 
A 1 71  LEU 71  71  71  LEU LEU A . n 
A 1 72  SER 72  72  72  SER SER A . n 
A 1 73  SER 73  73  73  SER SER A . n 
A 1 74  ASN 74  74  74  ASN ASN A . n 
A 1 75  CYS 75  75  75  CYS CYS A . n 
A 1 76  VAL 76  76  76  VAL VAL A . n 
A 1 77  CYS 77  77  77  CYS CYS A . n 
A 1 78  GLN 78  78  78  GLN GLN A . n 
A 1 79  ILE 79  79  79  ILE ILE A . n 
A 1 80  HIS 80  80  80  HIS HIS A . n 
A 1 81  ARG 81  81  81  ARG ARG A . n 
A 1 82  PHE 82  82  82  PHE PHE A . n 
A 1 83  ILE 83  83  83  ILE ILE A . n 
A 1 84  VAL 84  84  84  VAL VAL A . n 
A 1 85  ASN 85  85  85  ASN ASN A . n 
A 1 86  THR 86  86  86  THR THR A . n 
A 1 87  LEU 87  87  87  LEU LEU A . n 
A 1 88  LYS 88  88  88  LYS LYS A . n 
A 1 89  ASP 89  89  89  ASP ASP A . n 
A 1 90  GLY 90  90  90  GLY GLY A . n 
A 1 91  ARG 91  91  91  ARG ARG A . n 
A 1 92  ARG 92  92  92  ARG ARG A . n 
A 1 93  VAL 93  93  93  VAL VAL A . n 
A 1 94  VAL 94  94  94  VAL VAL A . n 
A 1 95  ILE 95  95  95  ILE ILE A . n 
A 1 96  LEU 96  96  96  LEU LEU A . n 
A 1 97  MET 97  97  97  MET MET A . n 
A 1 98  GLU 98  98  98  GLU GLU A . n 
A 1 99  LEU 99  99  99  LEU LEU A . n 
A 1 100 GLU 100 100 100 GLU GLU A . n 
A 1 101 VAL 101 101 101 VAL VAL A . n 
A 1 102 LEU 102 102 102 LEU LEU A . n 
A 1 103 LYS 103 103 103 LYS LYS A . n 
A 1 104 SER 104 104 104 SER SER A . n 
A 1 105 ALA 105 105 105 ALA ALA A . n 
A 1 106 GLU 106 106 106 GLU GLU A . n 
A 1 107 ALA 107 107 107 ALA ALA A . n 
A 1 108 VAL 108 108 108 VAL ALA A . n 
A 1 109 GLY 109 109 109 GLY GLY A . n 
A 1 110 VAL 110 110 110 VAL VAL A . n 
A 1 111 LYS 111 111 111 LYS LYS A . n 
A 1 112 ILE 112 112 112 ILE ILE A . n 
A 1 113 GLY 113 113 113 GLY GLY A . n 
A 1 114 ASN 114 114 114 ASN ASN A . n 
A 1 115 PRO 115 115 115 PRO PRO A . n 
A 1 116 VAL 116 116 116 VAL VAL A . n 
A 1 117 PRO 117 117 117 PRO PRO A . n 
A 1 118 TYR 118 118 118 TYR TYR A . n 
A 1 119 ASN 119 119 119 ASN ASN A . n 
A 1 120 GLU 120 120 ?   ?   ?   A . n 
# 
loop_
_pdbx_nonpoly_scheme.asym_id 
_pdbx_nonpoly_scheme.entity_id 
_pdbx_nonpoly_scheme.mon_id 
_pdbx_nonpoly_scheme.ndb_seq_num 
_pdbx_nonpoly_scheme.pdb_seq_num 
_pdbx_nonpoly_scheme.auth_seq_num 
_pdbx_nonpoly_scheme.pdb_mon_id 
_pdbx_nonpoly_scheme.auth_mon_id 
_pdbx_nonpoly_scheme.pdb_strand_id 
_pdbx_nonpoly_scheme.pdb_ins_code 
B 2 HOH 1  201 4  HOH HOH A . 
B 2 HOH 2  202 23 HOH HOH A . 
B 2 HOH 3  203 34 HOH HOH A . 
B 2 HOH 4  204 60 HOH HOH A . 
B 2 HOH 5  205 6  HOH HOH A . 
B 2 HOH 6  206 7  HOH HOH A . 
B 2 HOH 7  207 9  HOH HOH A . 
B 2 HOH 8  208 30 HOH HOH A . 
B 2 HOH 9  209 1  HOH HOH A . 
B 2 HOH 10 210 16 HOH HOH A . 
B 2 HOH 11 211 50 HOH HOH A . 
B 2 HOH 12 212 11 HOH HOH A . 
B 2 HOH 13 213 10 HOH HOH A . 
B 2 HOH 14 214 3  HOH HOH A . 
B 2 HOH 15 215 22 HOH HOH A . 
B 2 HOH 16 216 19 HOH HOH A . 
B 2 HOH 17 217 13 HOH HOH A . 
B 2 HOH 18 218 8  HOH HOH A . 
B 2 HOH 19 219 15 HOH HOH A . 
B 2 HOH 20 220 21 HOH HOH A . 
B 2 HOH 21 221 44 HOH HOH A . 
B 2 HOH 22 222 5  HOH HOH A . 
B 2 HOH 23 223 37 HOH HOH A . 
B 2 HOH 24 224 29 HOH HOH A . 
B 2 HOH 25 225 18 HOH HOH A . 
B 2 HOH 26 226 77 HOH HOH A . 
B 2 HOH 27 227 2  HOH HOH A . 
B 2 HOH 28 228 46 HOH HOH A . 
B 2 HOH 29 229 61 HOH HOH A . 
B 2 HOH 30 230 68 HOH HOH A . 
B 2 HOH 31 231 47 HOH HOH A . 
B 2 HOH 32 232 55 HOH HOH A . 
B 2 HOH 33 233 12 HOH HOH A . 
# 
loop_
_pdbx_unobs_or_zero_occ_atoms.id 
_pdbx_unobs_or_zero_occ_atoms.PDB_model_num 
_pdbx_unobs_or_zero_occ_atoms.polymer_flag 
_pdbx_unobs_or_zero_occ_atoms.occupancy_flag 
_pdbx_unobs_or_zero_occ_atoms.auth_asym_id 
_pdbx_unobs_or_zero_occ_atoms.auth_comp_id 
_pdbx_unobs_or_zero_occ_atoms.auth_seq_id 
_pdbx_unobs_or_zero_occ_atoms.PDB_ins_code 
_pdbx_unobs_or_zero_occ_atoms.auth_atom_id 
_pdbx_unobs_or_zero_occ_atoms.label_alt_id 
_pdbx_unobs_or_zero_occ_atoms.label_asym_id 
_pdbx_unobs_or_zero_occ_atoms.label_comp_id 
_pdbx_unobs_or_zero_occ_atoms.label_seq_id 
_pdbx_unobs_or_zero_occ_atoms.label_atom_id 
1  1 Y 1 A LYS 16  ? CG  ? A LYS 16  CG  
2  1 Y 1 A LYS 16  ? CD  ? A LYS 16  CD  
3  1 Y 1 A LYS 16  ? CE  ? A LYS 16  CE  
4  1 Y 1 A LYS 16  ? NZ  ? A LYS 16  NZ  
5  1 Y 1 A ASN 20  ? CG  ? A ASN 20  CG  
6  1 Y 1 A ASN 20  ? OD1 ? A ASN 20  OD1 
7  1 Y 1 A ASN 20  ? ND2 ? A ASN 20  ND2 
8  1 Y 1 A LYS 88  ? CG  ? A LYS 88  CG  
9  1 Y 1 A LYS 88  ? CD  ? A LYS 88  CD  
10 1 Y 1 A LYS 88  ? CE  ? A LYS 88  CE  
11 1 Y 1 A LYS 88  ? NZ  ? A LYS 88  NZ  
12 1 Y 1 A ASP 89  ? O   ? A ASP 89  O   
13 1 Y 1 A ASP 89  ? CB  ? A ASP 89  CB  
14 1 Y 1 A ASP 89  ? CG  ? A ASP 89  CG  
15 1 Y 1 A ASP 89  ? OD1 ? A ASP 89  OD1 
16 1 Y 1 A ASP 89  ? OD2 ? A ASP 89  OD2 
17 1 Y 1 A GLY 90  ? CA  ? A GLY 90  CA  
18 1 Y 1 A LYS 103 ? CG  ? A LYS 103 CG  
19 1 Y 1 A LYS 103 ? CD  ? A LYS 103 CD  
20 1 Y 1 A LYS 103 ? CE  ? A LYS 103 CE  
21 1 Y 1 A LYS 103 ? NZ  ? A LYS 103 NZ  
22 1 Y 1 A VAL 108 ? CG1 ? A VAL 108 CG1 
23 1 Y 1 A VAL 108 ? CG2 ? A VAL 108 CG2 
24 1 Y 1 A GLY 109 ? O   ? A GLY 109 O   
25 1 Y 1 A VAL 110 ? CG1 ? A VAL 110 CG1 
26 1 Y 1 A VAL 110 ? CG2 ? A VAL 110 CG2 
# 
loop_
_software.citation_id 
_software.classification 
_software.compiler_name 
_software.compiler_version 
_software.contact_author 
_software.contact_author_email 
_software.date 
_software.description 
_software.dependencies 
_software.hardware 
_software.language 
_software.location 
_software.mods 
_software.name 
_software.os 
_software.os_version 
_software.type 
_software.version 
_software.pdbx_ordinal 
? refinement       ? ? ? ? ? ? ? ? ? ? ? PHENIX  ? ? ? '(1.20.1_4487: ???)' 1 
? 'data scaling'   ? ? ? ? ? ? ? ? ? ? ? Aimless ? ? ? .                    2 
? 'data reduction' ? ? ? ? ? ? ? ? ? ? ? XDS     ? ? ? .                    3 
? phasing          ? ? ? ? ? ? ? ? ? ? ? PHENIX  ? ? ? .                    4 
# 
_cell.angle_alpha                  90.00 
_cell.angle_alpha_esd              ? 
_cell.angle_beta                   90.00 
_cell.angle_beta_esd               ? 
_cell.angle_gamma                  120.00 
_cell.angle_gamma_esd              ? 
_cell.entry_id                     9J1S 
_cell.details                      ? 
_cell.formula_units_Z              ? 
_cell.length_a                     57.669 
_cell.length_a_esd                 ? 
_cell.length_b                     57.669 
_cell.length_b_esd                 ? 
_cell.length_c                     63.122 
_cell.length_c_esd                 ? 
_cell.volume                       ? 
_cell.volume_esd                   ? 
_cell.Z_PDB                        6 
_cell.reciprocal_angle_alpha       ? 
_cell.reciprocal_angle_beta        ? 
_cell.reciprocal_angle_gamma       ? 
_cell.reciprocal_angle_alpha_esd   ? 
_cell.reciprocal_angle_beta_esd    ? 
_cell.reciprocal_angle_gamma_esd   ? 
_cell.reciprocal_length_a          ? 
_cell.reciprocal_length_b          ? 
_cell.reciprocal_length_c          ? 
_cell.reciprocal_length_a_esd      ? 
_cell.reciprocal_length_b_esd      ? 
_cell.reciprocal_length_c_esd      ? 
_cell.pdbx_unique_axis             ? 
_cell.pdbx_esd_method              ? 
# 
_symmetry.entry_id                         9J1S 
_symmetry.cell_setting                     ? 
_symmetry.Int_Tables_number                169 
_symmetry.space_group_name_Hall            ? 
_symmetry.space_group_name_H-M             'P 61' 
_symmetry.pdbx_full_space_group_name_H-M   ? 
# 
_exptl.absorpt_coefficient_mu     ? 
_exptl.absorpt_correction_T_max   ? 
_exptl.absorpt_correction_T_min   ? 
_exptl.absorpt_correction_type    ? 
_exptl.absorpt_process_details    ? 
_exptl.entry_id                   9J1S 
_exptl.crystals_number            1 
_exptl.details                    ? 
_exptl.method                     'X-RAY DIFFRACTION' 
_exptl.method_details             ? 
# 
_exptl_crystal.colour                       ? 
_exptl_crystal.density_diffrn               ? 
_exptl_crystal.density_Matthews             2.30 
_exptl_crystal.density_method               ? 
_exptl_crystal.density_percent_sol          46.47 
_exptl_crystal.description                  ? 
_exptl_crystal.F_000                        ? 
_exptl_crystal.id                           1 
_exptl_crystal.preparation                  ? 
_exptl_crystal.size_max                     ? 
_exptl_crystal.size_mid                     ? 
_exptl_crystal.size_min                     ? 
_exptl_crystal.size_rad                     ? 
_exptl_crystal.colour_lustre                ? 
_exptl_crystal.colour_modifier              ? 
_exptl_crystal.colour_primary               ? 
_exptl_crystal.density_meas                 ? 
_exptl_crystal.density_meas_esd             ? 
_exptl_crystal.density_meas_gt              ? 
_exptl_crystal.density_meas_lt              ? 
_exptl_crystal.density_meas_temp            ? 
_exptl_crystal.density_meas_temp_esd        ? 
_exptl_crystal.density_meas_temp_gt         ? 
_exptl_crystal.density_meas_temp_lt         ? 
_exptl_crystal.pdbx_crystal_image_url       ? 
_exptl_crystal.pdbx_crystal_image_format    ? 
_exptl_crystal.pdbx_mosaicity               ? 
_exptl_crystal.pdbx_mosaicity_esd           ? 
_exptl_crystal.pdbx_mosaic_method           ? 
_exptl_crystal.pdbx_mosaic_block_size       ? 
_exptl_crystal.pdbx_mosaic_block_size_esd   ? 
# 
_exptl_crystal_grow.apparatus       ? 
_exptl_crystal_grow.atmosphere      ? 
_exptl_crystal_grow.crystal_id      1 
_exptl_crystal_grow.details         ? 
_exptl_crystal_grow.method          'VAPOR DIFFUSION, HANGING DROP' 
_exptl_crystal_grow.method_ref      ? 
_exptl_crystal_grow.pH              7.0 
_exptl_crystal_grow.pressure        ? 
_exptl_crystal_grow.pressure_esd    ? 
_exptl_crystal_grow.seeding         ? 
_exptl_crystal_grow.seeding_ref     ? 
_exptl_crystal_grow.temp_details    ? 
_exptl_crystal_grow.temp_esd        ? 
_exptl_crystal_grow.time            ? 
_exptl_crystal_grow.pdbx_details    '0.2 M Ammonium sulfate, 0.1 M Bis-Tris, pH 7.0, 25% PEG 3350' 
_exptl_crystal_grow.pdbx_pH_range   ? 
_exptl_crystal_grow.temp            298 
# 
_diffrn.ambient_environment              ? 
_diffrn.ambient_temp                     100 
_diffrn.ambient_temp_details             ? 
_diffrn.ambient_temp_esd                 ? 
_diffrn.crystal_id                       1 
_diffrn.crystal_support                  ? 
_diffrn.crystal_treatment                ? 
_diffrn.details                          ? 
_diffrn.id                               1 
_diffrn.ambient_pressure                 ? 
_diffrn.ambient_pressure_esd             ? 
_diffrn.ambient_pressure_gt              ? 
_diffrn.ambient_pressure_lt              ? 
_diffrn.ambient_temp_gt                  ? 
_diffrn.ambient_temp_lt                  ? 
_diffrn.pdbx_serial_crystal_experiment   N 
# 
_diffrn_detector.details                      ? 
_diffrn_detector.detector                     CCD 
_diffrn_detector.diffrn_id                    1 
_diffrn_detector.type                         'MARMOSAIC 225 mm CCD' 
_diffrn_detector.area_resol_mean              ? 
_diffrn_detector.dtime                        ? 
_diffrn_detector.pdbx_frames_total            ? 
_diffrn_detector.pdbx_collection_time_total   ? 
_diffrn_detector.pdbx_collection_date         2024-07-04 
_diffrn_detector.pdbx_frequency               ? 
_diffrn_detector.id                           ? 
_diffrn_detector.number_of_axes               ? 
# 
_diffrn_radiation.collimation                      ? 
_diffrn_radiation.diffrn_id                        1 
_diffrn_radiation.filter_edge                      ? 
_diffrn_radiation.inhomogeneity                    ? 
_diffrn_radiation.monochromator                    ? 
_diffrn_radiation.polarisn_norm                    ? 
_diffrn_radiation.polarisn_ratio                   ? 
_diffrn_radiation.probe                            ? 
_diffrn_radiation.type                             ? 
_diffrn_radiation.xray_symbol                      ? 
_diffrn_radiation.wavelength_id                    1 
_diffrn_radiation.pdbx_monochromatic_or_laue_m_l   M 
_diffrn_radiation.pdbx_wavelength_list             ? 
_diffrn_radiation.pdbx_wavelength                  ? 
_diffrn_radiation.pdbx_diffrn_protocol             'SINGLE WAVELENGTH' 
_diffrn_radiation.pdbx_analyzer                    ? 
_diffrn_radiation.pdbx_scattering_type             x-ray 
# 
_diffrn_radiation_wavelength.id           1 
_diffrn_radiation_wavelength.wavelength   0.97893 
_diffrn_radiation_wavelength.wt           1.0 
# 
_diffrn_source.current                     ? 
_diffrn_source.details                     ? 
_diffrn_source.diffrn_id                   1 
_diffrn_source.power                       ? 
_diffrn_source.size                        ? 
_diffrn_source.source                      SYNCHROTRON 
_diffrn_source.target                      ? 
_diffrn_source.type                        'RRCAT INDUS-2 BEAMLINE PX-BL21' 
_diffrn_source.voltage                     ? 
_diffrn_source.take-off_angle              ? 
_diffrn_source.pdbx_wavelength_list        0.97893 
_diffrn_source.pdbx_wavelength             ? 
_diffrn_source.pdbx_synchrotron_beamline   PX-BL21 
_diffrn_source.pdbx_synchrotron_site       'RRCAT INDUS-2' 
# 
_reflns.B_iso_Wilson_estimate                          25.25 
_reflns.entry_id                                       9J1S 
_reflns.data_reduction_details                         ? 
_reflns.data_reduction_method                          ? 
_reflns.d_resolution_high                              1.55 
_reflns.d_resolution_low                               19.58 
_reflns.details                                        ? 
_reflns.limit_h_max                                    ? 
_reflns.limit_h_min                                    ? 
_reflns.limit_k_max                                    ? 
_reflns.limit_k_min                                    ? 
_reflns.limit_l_max                                    ? 
_reflns.limit_l_min                                    ? 
_reflns.number_all                                     ? 
_reflns.number_obs                                     17169 
_reflns.observed_criterion                             ? 
_reflns.observed_criterion_F_max                       ? 
_reflns.observed_criterion_F_min                       ? 
_reflns.observed_criterion_I_max                       ? 
_reflns.observed_criterion_I_min                       ? 
_reflns.observed_criterion_sigma_F                     ? 
_reflns.observed_criterion_sigma_I                     ? 
_reflns.percent_possible_obs                           99.01 
_reflns.R_free_details                                 ? 
_reflns.Rmerge_F_all                                   ? 
_reflns.Rmerge_F_obs                                   ? 
_reflns.Friedel_coverage                               ? 
_reflns.number_gt                                      ? 
_reflns.threshold_expression                           ? 
_reflns.pdbx_redundancy                                2.0 
_reflns.pdbx_netI_over_av_sigmaI                       ? 
_reflns.pdbx_netI_over_sigmaI                          37.98 
_reflns.pdbx_res_netI_over_av_sigmaI_2                 ? 
_reflns.pdbx_res_netI_over_sigmaI_2                    ? 
_reflns.pdbx_chi_squared                               ? 
_reflns.pdbx_scaling_rejects                           ? 
_reflns.pdbx_d_res_high_opt                            ? 
_reflns.pdbx_d_res_low_opt                             ? 
_reflns.pdbx_d_res_opt_method                          ? 
_reflns.phase_calculation_details                      ? 
_reflns.pdbx_Rrim_I_all                                0.01133 
_reflns.pdbx_Rpim_I_all                                ? 
_reflns.pdbx_d_opt                                     ? 
_reflns.pdbx_number_measured_all                       ? 
_reflns.pdbx_diffrn_id                                 1 
_reflns.pdbx_ordinal                                   1 
_reflns.pdbx_CC_half                                   1 
_reflns.pdbx_CC_star                                   1 
_reflns.pdbx_R_split                                   ? 
_reflns.pdbx_Rmerge_I_obs                              0.05259 
_reflns.pdbx_Rmerge_I_all                              ? 
_reflns.pdbx_Rsym_value                                ? 
_reflns.pdbx_CC_split_method                           ? 
_reflns.pdbx_aniso_diffraction_limit_axis_1_ortho[1]   ? 
_reflns.pdbx_aniso_diffraction_limit_axis_1_ortho[2]   ? 
_reflns.pdbx_aniso_diffraction_limit_axis_1_ortho[3]   ? 
_reflns.pdbx_aniso_diffraction_limit_axis_2_ortho[1]   ? 
_reflns.pdbx_aniso_diffraction_limit_axis_2_ortho[2]   ? 
_reflns.pdbx_aniso_diffraction_limit_axis_2_ortho[3]   ? 
_reflns.pdbx_aniso_diffraction_limit_axis_3_ortho[1]   ? 
_reflns.pdbx_aniso_diffraction_limit_axis_3_ortho[2]   ? 
_reflns.pdbx_aniso_diffraction_limit_axis_3_ortho[3]   ? 
_reflns.pdbx_aniso_diffraction_limit_1                 ? 
_reflns.pdbx_aniso_diffraction_limit_2                 ? 
_reflns.pdbx_aniso_diffraction_limit_3                 ? 
_reflns.pdbx_aniso_B_tensor_eigenvector_1_ortho[1]     ? 
_reflns.pdbx_aniso_B_tensor_eigenvector_1_ortho[2]     ? 
_reflns.pdbx_aniso_B_tensor_eigenvector_1_ortho[3]     ? 
_reflns.pdbx_aniso_B_tensor_eigenvector_2_ortho[1]     ? 
_reflns.pdbx_aniso_B_tensor_eigenvector_2_ortho[2]     ? 
_reflns.pdbx_aniso_B_tensor_eigenvector_2_ortho[3]     ? 
_reflns.pdbx_aniso_B_tensor_eigenvector_3_ortho[1]     ? 
_reflns.pdbx_aniso_B_tensor_eigenvector_3_ortho[2]     ? 
_reflns.pdbx_aniso_B_tensor_eigenvector_3_ortho[3]     ? 
_reflns.pdbx_aniso_B_tensor_eigenvalue_1               ? 
_reflns.pdbx_aniso_B_tensor_eigenvalue_2               ? 
_reflns.pdbx_aniso_B_tensor_eigenvalue_3               ? 
_reflns.pdbx_orthogonalization_convention              ? 
_reflns.pdbx_percent_possible_ellipsoidal              ? 
_reflns.pdbx_percent_possible_spherical                ? 
_reflns.pdbx_percent_possible_ellipsoidal_anomalous    ? 
_reflns.pdbx_percent_possible_spherical_anomalous      ? 
_reflns.pdbx_redundancy_anomalous                      ? 
_reflns.pdbx_CC_half_anomalous                         ? 
_reflns.pdbx_absDiff_over_sigma_anomalous              ? 
_reflns.pdbx_percent_possible_anomalous                ? 
_reflns.pdbx_observed_signal_threshold                 ? 
_reflns.pdbx_signal_type                               ? 
_reflns.pdbx_signal_details                            ? 
_reflns.pdbx_signal_software_id                        ? 
# 
_reflns_shell.d_res_high                                    1.55 
_reflns_shell.d_res_low                                     1.606 
_reflns_shell.meanI_over_sigI_all                           ? 
_reflns_shell.meanI_over_sigI_obs                           ? 
_reflns_shell.number_measured_all                           ? 
_reflns_shell.number_measured_obs                           ? 
_reflns_shell.number_possible                               ? 
_reflns_shell.number_unique_all                             ? 
_reflns_shell.number_unique_obs                             1654 
_reflns_shell.percent_possible_obs                          ? 
_reflns_shell.Rmerge_F_all                                  ? 
_reflns_shell.Rmerge_F_obs                                  ? 
_reflns_shell.meanI_over_sigI_gt                            ? 
_reflns_shell.meanI_over_uI_all                             ? 
_reflns_shell.meanI_over_uI_gt                              ? 
_reflns_shell.number_measured_gt                            ? 
_reflns_shell.number_unique_gt                              ? 
_reflns_shell.percent_possible_gt                           ? 
_reflns_shell.Rmerge_F_gt                                   ? 
_reflns_shell.Rmerge_I_gt                                   ? 
_reflns_shell.pdbx_redundancy                               ? 
_reflns_shell.pdbx_chi_squared                              ? 
_reflns_shell.pdbx_netI_over_sigmaI_all                     ? 
_reflns_shell.pdbx_netI_over_sigmaI_obs                     ? 
_reflns_shell.pdbx_Rrim_I_all                               ? 
_reflns_shell.pdbx_Rpim_I_all                               ? 
_reflns_shell.pdbx_rejects                                  ? 
_reflns_shell.pdbx_ordinal                                  1 
_reflns_shell.pdbx_diffrn_id                                1 
_reflns_shell.pdbx_CC_half                                  0.557 
_reflns_shell.pdbx_CC_star                                  0.846 
_reflns_shell.pdbx_R_split                                  ? 
_reflns_shell.percent_possible_all                          93.60 
_reflns_shell.Rmerge_I_all                                  ? 
_reflns_shell.Rmerge_I_obs                                  ? 
_reflns_shell.pdbx_Rsym_value                               ? 
_reflns_shell.pdbx_percent_possible_ellipsoidal             ? 
_reflns_shell.pdbx_percent_possible_spherical               ? 
_reflns_shell.pdbx_percent_possible_ellipsoidal_anomalous   ? 
_reflns_shell.pdbx_percent_possible_spherical_anomalous     ? 
_reflns_shell.pdbx_redundancy_anomalous                     ? 
_reflns_shell.pdbx_CC_half_anomalous                        ? 
_reflns_shell.pdbx_absDiff_over_sigma_anomalous             ? 
_reflns_shell.pdbx_percent_possible_anomalous               ? 
# 
_refine.aniso_B[1][1]                            ? 
_refine.aniso_B[1][2]                            ? 
_refine.aniso_B[1][3]                            ? 
_refine.aniso_B[2][2]                            ? 
_refine.aniso_B[2][3]                            ? 
_refine.aniso_B[3][3]                            ? 
_refine.B_iso_max                                ? 
_refine.B_iso_mean                               ? 
_refine.B_iso_min                                ? 
_refine.correlation_coeff_Fo_to_Fc               ? 
_refine.correlation_coeff_Fo_to_Fc_free          ? 
_refine.details                                  ? 
_refine.diff_density_max                         ? 
_refine.diff_density_max_esd                     ? 
_refine.diff_density_min                         ? 
_refine.diff_density_min_esd                     ? 
_refine.diff_density_rms                         ? 
_refine.diff_density_rms_esd                     ? 
_refine.entry_id                                 9J1S 
_refine.pdbx_refine_id                           'X-RAY DIFFRACTION' 
_refine.ls_abs_structure_details                 ? 
_refine.ls_abs_structure_Flack                   ? 
_refine.ls_abs_structure_Flack_esd               ? 
_refine.ls_abs_structure_Rogers                  ? 
_refine.ls_abs_structure_Rogers_esd              ? 
_refine.ls_d_res_high                            1.55 
_refine.ls_d_res_low                             19.58 
_refine.ls_extinction_coef                       ? 
_refine.ls_extinction_coef_esd                   ? 
_refine.ls_extinction_expression                 ? 
_refine.ls_extinction_method                     ? 
_refine.ls_goodness_of_fit_all                   ? 
_refine.ls_goodness_of_fit_all_esd               ? 
_refine.ls_goodness_of_fit_obs                   ? 
_refine.ls_goodness_of_fit_obs_esd               ? 
_refine.ls_hydrogen_treatment                    ? 
_refine.ls_matrix_type                           ? 
_refine.ls_number_constraints                    ? 
_refine.ls_number_parameters                     ? 
_refine.ls_number_reflns_all                     ? 
_refine.ls_number_reflns_obs                     17169 
_refine.ls_number_reflns_R_free                  1702 
_refine.ls_number_reflns_R_work                  ? 
_refine.ls_number_restraints                     ? 
_refine.ls_percent_reflns_obs                    99.06 
_refine.ls_percent_reflns_R_free                 9.91 
_refine.ls_R_factor_all                          ? 
_refine.ls_R_factor_obs                          0.2216 
_refine.ls_R_factor_R_free                       0.2300 
_refine.ls_R_factor_R_free_error                 ? 
_refine.ls_R_factor_R_free_error_details         ? 
_refine.ls_R_factor_R_work                       0.2206 
_refine.ls_R_Fsqd_factor_obs                     ? 
_refine.ls_R_I_factor_obs                        ? 
_refine.ls_redundancy_reflns_all                 ? 
_refine.ls_redundancy_reflns_obs                 ? 
_refine.ls_restrained_S_all                      ? 
_refine.ls_restrained_S_obs                      ? 
_refine.ls_shift_over_esd_max                    ? 
_refine.ls_shift_over_esd_mean                   ? 
_refine.ls_structure_factor_coef                 ? 
_refine.ls_weighting_details                     ? 
_refine.ls_weighting_scheme                      ? 
_refine.ls_wR_factor_all                         ? 
_refine.ls_wR_factor_obs                         ? 
_refine.ls_wR_factor_R_free                      ? 
_refine.ls_wR_factor_R_work                      ? 
_refine.occupancy_max                            ? 
_refine.occupancy_min                            ? 
_refine.solvent_model_details                    'FLAT BULK SOLVENT MODEL' 
_refine.solvent_model_param_bsol                 ? 
_refine.solvent_model_param_ksol                 ? 
_refine.pdbx_R_complete                          ? 
_refine.ls_R_factor_gt                           ? 
_refine.ls_goodness_of_fit_gt                    ? 
_refine.ls_goodness_of_fit_ref                   ? 
_refine.ls_shift_over_su_max                     ? 
_refine.ls_shift_over_su_max_lt                  ? 
_refine.ls_shift_over_su_mean                    ? 
_refine.ls_shift_over_su_mean_lt                 ? 
_refine.pdbx_ls_sigma_I                          ? 
_refine.pdbx_ls_sigma_F                          1.34 
_refine.pdbx_ls_sigma_Fsqd                       ? 
_refine.pdbx_data_cutoff_high_absF               ? 
_refine.pdbx_data_cutoff_high_rms_absF           ? 
_refine.pdbx_data_cutoff_low_absF                ? 
_refine.pdbx_isotropic_thermal_model             ? 
_refine.pdbx_ls_cross_valid_method               'FREE R-VALUE' 
_refine.pdbx_method_to_determine_struct          'MOLECULAR REPLACEMENT' 
_refine.pdbx_starting_model                      2B29 
_refine.pdbx_stereochemistry_target_values       ML 
_refine.pdbx_R_Free_selection_details            ? 
_refine.pdbx_stereochem_target_val_spec_case     ? 
_refine.pdbx_overall_ESU_R                       ? 
_refine.pdbx_overall_ESU_R_Free                  ? 
_refine.pdbx_solvent_vdw_probe_radii             1.10 
_refine.pdbx_solvent_ion_probe_radii             ? 
_refine.pdbx_solvent_shrinkage_radii             0.90 
_refine.pdbx_real_space_R                        ? 
_refine.pdbx_density_correlation                 ? 
_refine.pdbx_pd_number_of_powder_patterns        ? 
_refine.pdbx_pd_number_of_points                 ? 
_refine.pdbx_pd_meas_number_of_points            ? 
_refine.pdbx_pd_proc_ls_prof_R_factor            ? 
_refine.pdbx_pd_proc_ls_prof_wR_factor           ? 
_refine.pdbx_pd_Marquardt_correlation_coeff      ? 
_refine.pdbx_pd_Fsqrd_R_factor                   ? 
_refine.pdbx_pd_ls_matrix_band_width             ? 
_refine.pdbx_overall_phase_error                 29.45 
_refine.pdbx_overall_SU_R_free_Cruickshank_DPI   ? 
_refine.pdbx_overall_SU_R_free_Blow_DPI          ? 
_refine.pdbx_overall_SU_R_Blow_DPI               ? 
_refine.pdbx_TLS_residual_ADP_flag               ? 
_refine.pdbx_diffrn_id                           1 
_refine.overall_SU_B                             ? 
_refine.overall_SU_ML                            0.20 
_refine.overall_SU_R_Cruickshank_DPI             ? 
_refine.overall_SU_R_free                        ? 
_refine.overall_FOM_free_R_set                   ? 
_refine.overall_FOM_work_R_set                   ? 
_refine.pdbx_average_fsc_overall                 ? 
_refine.pdbx_average_fsc_work                    ? 
_refine.pdbx_average_fsc_free                    ? 
# 
_refine_hist.pdbx_refine_id                   'X-RAY DIFFRACTION' 
_refine_hist.cycle_id                         LAST 
_refine_hist.pdbx_number_atoms_protein        853 
_refine_hist.pdbx_number_atoms_nucleic_acid   0 
_refine_hist.pdbx_number_atoms_ligand         0 
_refine_hist.number_atoms_solvent             33 
_refine_hist.number_atoms_total               886 
_refine_hist.d_res_high                       1.55 
_refine_hist.d_res_low                        19.58 
# 
loop_
_refine_ls_restr.pdbx_refine_id 
_refine_ls_restr.criterion 
_refine_ls_restr.dev_ideal 
_refine_ls_restr.dev_ideal_target 
_refine_ls_restr.number 
_refine_ls_restr.rejects 
_refine_ls_restr.type 
_refine_ls_restr.weight 
_refine_ls_restr.pdbx_restraint_function 
'X-RAY DIFFRACTION' ? 0.008 ? ?   ? f_bond_d           ? ? 
'X-RAY DIFFRACTION' ? 1.021 ? ?   ? f_angle_d          ? ? 
'X-RAY DIFFRACTION' ? 5.922 ? 118 ? f_dihedral_angle_d ? ? 
'X-RAY DIFFRACTION' ? 0.069 ? 147 ? f_chiral_restr     ? ? 
'X-RAY DIFFRACTION' ? 0.010 ? 149 ? f_plane_restr      ? ? 
# 
loop_
_refine_ls_shell.pdbx_refine_id 
_refine_ls_shell.d_res_high 
_refine_ls_shell.d_res_low 
_refine_ls_shell.number_reflns_all 
_refine_ls_shell.number_reflns_obs 
_refine_ls_shell.number_reflns_R_free 
_refine_ls_shell.number_reflns_R_work 
_refine_ls_shell.percent_reflns_obs 
_refine_ls_shell.percent_reflns_R_free 
_refine_ls_shell.R_factor_all 
_refine_ls_shell.R_factor_obs 
_refine_ls_shell.R_factor_R_free_error 
_refine_ls_shell.R_factor_R_work 
_refine_ls_shell.redundancy_reflns_all 
_refine_ls_shell.redundancy_reflns_obs 
_refine_ls_shell.wR_factor_all 
_refine_ls_shell.wR_factor_obs 
_refine_ls_shell.wR_factor_R_free 
_refine_ls_shell.wR_factor_R_work 
_refine_ls_shell.pdbx_R_complete 
_refine_ls_shell.pdbx_total_number_of_bins_used 
_refine_ls_shell.pdbx_phase_error 
_refine_ls_shell.pdbx_fsc_work 
_refine_ls_shell.pdbx_fsc_free 
_refine_ls_shell.R_factor_R_free 
'X-RAY DIFFRACTION' 1.55  1.60 . . 130 1200 93.00  . . . . .      . . . . . . . . . . . 0.3471 
'X-RAY DIFFRACTION' 1.60  1.65 . . 144 1289 99.00  . . . . 0.3324 . . . . . . . . . . . 0.3331 
'X-RAY DIFFRACTION' 1.606 3.54 . . 144 1331 100.00 . . . . .      . . . . . . . . . . . 0.1570 
'X-RAY DIFFRACTION' 1.65  1.71 . . 142 1285 100.00 . . . . 0.3112 . . . . . . . . . . . 0.3206 
'X-RAY DIFFRACTION' 1.71  1.77 . . 142 1276 99.00  . . . . .      . . . . . . . . . . . 0.2659 
'X-RAY DIFFRACTION' 1.77  1.86 . . 141 1312 100.00 . . . . 0.2773 . . . . . . . . . . . 0.3179 
'X-RAY DIFFRACTION' 1.86  1.95 . . 138 1258 99.00  . . . . 0.2632 . . . . . . . . . . . 0.3079 
'X-RAY DIFFRACTION' 1.95  2.08 . . 145 1311 100.00 . . . . 0.2198 . . . . . . . . . . . 0.2812 
'X-RAY DIFFRACTION' 2.08  2.24 . . 141 1297 100.00 . . . . 0.2341 . . . . . . . . . . . 0.2562 
'X-RAY DIFFRACTION' 2.24  2.46 . . 147 1292 100.00 . . . . 0.2311 . . . . . . . . . . . 0.2439 
'X-RAY DIFFRACTION' 2.46  2.81 . . 142 1300 100.00 . . . . 0.2437 . . . . . . . . . . . 0.2443 
'X-RAY DIFFRACTION' 2.82  3.54 . . 146 1316 100.00 . . . . 0.2184 . . . . . . . . . . . 0.2520 
# 
_struct.entry_id                     9J1S 
_struct.title                        'Human replication protein A: RPA70 subunit N-terminal domain' 
_struct.pdbx_model_details           ? 
_struct.pdbx_formula_weight          ? 
_struct.pdbx_formula_weight_method   ? 
_struct.pdbx_model_type_details      ? 
_struct.pdbx_CASP_flag               N 
# 
_struct_keywords.entry_id        9J1S 
_struct_keywords.text            'Replication, Single strand binding, DNA binding, DNA BINDING PROTEIN' 
_struct_keywords.pdbx_keywords   'DNA BINDING PROTEIN' 
# 
loop_
_struct_asym.id 
_struct_asym.pdbx_blank_PDB_chainid_flag 
_struct_asym.pdbx_modified 
_struct_asym.entity_id 
_struct_asym.details 
A N N 1 ? 
B N N 2 ? 
# 
_struct_ref.id                         1 
_struct_ref.db_name                    UNP 
_struct_ref.db_code                    RFA1_HUMAN 
_struct_ref.pdbx_db_accession          P27694 
_struct_ref.pdbx_db_isoform            ? 
_struct_ref.entity_id                  1 
_struct_ref.pdbx_seq_one_letter_code   
;MVGQLSEGAIAAIMQKGDTNIKPILQVINIRPITTGNSPPRYRLLMSDGLNTLSSFMLATQLNPLVEEEQLSSNCVCQIH
RFIVNTLKDGRRVVILMELEVLKSAEAVGVKIGNPVPYNE
;
_struct_ref.pdbx_align_begin           1 
# 
_struct_ref_seq.align_id                      1 
_struct_ref_seq.ref_id                        1 
_struct_ref_seq.pdbx_PDB_id_code              9J1S 
_struct_ref_seq.pdbx_strand_id                A 
_struct_ref_seq.seq_align_beg                 1 
_struct_ref_seq.pdbx_seq_align_beg_ins_code   ? 
_struct_ref_seq.seq_align_end                 120 
_struct_ref_seq.pdbx_seq_align_end_ins_code   ? 
_struct_ref_seq.pdbx_db_accession             P27694 
_struct_ref_seq.db_align_beg                  1 
_struct_ref_seq.pdbx_db_align_beg_ins_code    ? 
_struct_ref_seq.db_align_end                  120 
_struct_ref_seq.pdbx_db_align_end_ins_code    ? 
_struct_ref_seq.pdbx_auth_seq_align_beg       1 
_struct_ref_seq.pdbx_auth_seq_align_end       120 
# 
_pdbx_struct_assembly.id                   1 
_pdbx_struct_assembly.details              author_and_software_defined_assembly 
_pdbx_struct_assembly.method_details       PISA 
_pdbx_struct_assembly.oligomeric_details   monomeric 
_pdbx_struct_assembly.oligomeric_count     1 
# 
loop_
_pdbx_struct_assembly_prop.biol_id 
_pdbx_struct_assembly_prop.type 
_pdbx_struct_assembly_prop.value 
_pdbx_struct_assembly_prop.details 
1 'ABSA (A^2)' 0    ? 
1 MORE         0    ? 
1 'SSA (A^2)'  6050 ? 
# 
_pdbx_struct_assembly_gen.assembly_id       1 
_pdbx_struct_assembly_gen.oper_expression   1 
_pdbx_struct_assembly_gen.asym_id_list      A,B 
# 
_pdbx_struct_assembly_auth_evidence.id                     1 
_pdbx_struct_assembly_auth_evidence.assembly_id            1 
_pdbx_struct_assembly_auth_evidence.experimental_support   'gel filtration' 
_pdbx_struct_assembly_auth_evidence.details                ? 
# 
_pdbx_struct_oper_list.id                   1 
_pdbx_struct_oper_list.type                 'identity operation' 
_pdbx_struct_oper_list.name                 1_555 
_pdbx_struct_oper_list.symmetry_operation   x,y,z 
_pdbx_struct_oper_list.matrix[1][1]         1.0000000000 
_pdbx_struct_oper_list.matrix[1][2]         0.0000000000 
_pdbx_struct_oper_list.matrix[1][3]         0.0000000000 
_pdbx_struct_oper_list.vector[1]            0.0000000000 
_pdbx_struct_oper_list.matrix[2][1]         0.0000000000 
_pdbx_struct_oper_list.matrix[2][2]         1.0000000000 
_pdbx_struct_oper_list.matrix[2][3]         0.0000000000 
_pdbx_struct_oper_list.vector[2]            0.0000000000 
_pdbx_struct_oper_list.matrix[3][1]         0.0000000000 
_pdbx_struct_oper_list.matrix[3][2]         0.0000000000 
_pdbx_struct_oper_list.matrix[3][3]         1.0000000000 
_pdbx_struct_oper_list.vector[3]            0.0000000000 
# 
loop_
_struct_conf.conf_type_id 
_struct_conf.id 
_struct_conf.pdbx_PDB_helix_id 
_struct_conf.beg_label_comp_id 
_struct_conf.beg_label_asym_id 
_struct_conf.beg_label_seq_id 
_struct_conf.pdbx_beg_PDB_ins_code 
_struct_conf.end_label_comp_id 
_struct_conf.end_label_asym_id 
_struct_conf.end_label_seq_id 
_struct_conf.pdbx_end_PDB_ins_code 
_struct_conf.beg_auth_comp_id 
_struct_conf.beg_auth_asym_id 
_struct_conf.beg_auth_seq_id 
_struct_conf.end_auth_comp_id 
_struct_conf.end_auth_asym_id 
_struct_conf.end_auth_seq_id 
_struct_conf.pdbx_PDB_helix_class 
_struct_conf.details 
_struct_conf.pdbx_PDB_helix_length 
HELX_P HELX_P1 AA1 GLY A 8   ? GLY A 17  ? GLY A 8   GLY A 17  1 ? 10 
HELX_P HELX_P2 AA2 LEU A 62  ? GLU A 68  ? LEU A 62  GLU A 68  1 ? 7  
HELX_P HELX_P3 AA3 SER A 104 ? GLY A 109 ? SER A 104 GLY A 109 1 ? 6  
# 
_struct_conf_type.id          HELX_P 
_struct_conf_type.criteria    ? 
_struct_conf_type.reference   ? 
# 
_struct_sheet.id               AA1 
_struct_sheet.type             ? 
_struct_sheet.number_strands   7 
_struct_sheet.details          ? 
# 
loop_
_struct_sheet_order.sheet_id 
_struct_sheet_order.range_id_1 
_struct_sheet_order.range_id_2 
_struct_sheet_order.offset 
_struct_sheet_order.sense 
AA1 1 2 ? parallel      
AA1 2 3 ? parallel      
AA1 3 4 ? anti-parallel 
AA1 4 5 ? anti-parallel 
AA1 5 6 ? anti-parallel 
AA1 6 7 ? anti-parallel 
# 
loop_
_struct_sheet_range.sheet_id 
_struct_sheet_range.id 
_struct_sheet_range.beg_label_comp_id 
_struct_sheet_range.beg_label_asym_id 
_struct_sheet_range.beg_label_seq_id 
_struct_sheet_range.pdbx_beg_PDB_ins_code 
_struct_sheet_range.end_label_comp_id 
_struct_sheet_range.end_label_asym_id 
_struct_sheet_range.end_label_seq_id 
_struct_sheet_range.pdbx_end_PDB_ins_code 
_struct_sheet_range.beg_auth_comp_id 
_struct_sheet_range.beg_auth_asym_id 
_struct_sheet_range.beg_auth_seq_id 
_struct_sheet_range.end_auth_comp_id 
_struct_sheet_range.end_auth_asym_id 
_struct_sheet_range.end_auth_seq_id 
AA1 1 VAL A 116 ? PRO A 117 ? VAL A 116 PRO A 117 
AA1 2 ASN A 51  ? LEU A 58  ? ASN A 51  LEU A 58  
AA1 3 ARG A 92  ? LYS A 103 ? ARG A 92  LYS A 103 
AA1 4 VAL A 76  ? THR A 86  ? VAL A 76  THR A 86  
AA1 5 ILE A 24  ? ILE A 33  ? ILE A 24  ILE A 33  
AA1 6 ARG A 41  ? SER A 47  ? ARG A 41  SER A 47  
AA1 7 ASN A 51  ? LEU A 58  ? ASN A 51  LEU A 58  
# 
loop_
_pdbx_struct_sheet_hbond.sheet_id 
_pdbx_struct_sheet_hbond.range_id_1 
_pdbx_struct_sheet_hbond.range_id_2 
_pdbx_struct_sheet_hbond.range_1_label_atom_id 
_pdbx_struct_sheet_hbond.range_1_label_comp_id 
_pdbx_struct_sheet_hbond.range_1_label_asym_id 
_pdbx_struct_sheet_hbond.range_1_label_seq_id 
_pdbx_struct_sheet_hbond.range_1_PDB_ins_code 
_pdbx_struct_sheet_hbond.range_1_auth_atom_id 
_pdbx_struct_sheet_hbond.range_1_auth_comp_id 
_pdbx_struct_sheet_hbond.range_1_auth_asym_id 
_pdbx_struct_sheet_hbond.range_1_auth_seq_id 
_pdbx_struct_sheet_hbond.range_2_label_atom_id 
_pdbx_struct_sheet_hbond.range_2_label_comp_id 
_pdbx_struct_sheet_hbond.range_2_label_asym_id 
_pdbx_struct_sheet_hbond.range_2_label_seq_id 
_pdbx_struct_sheet_hbond.range_2_PDB_ins_code 
_pdbx_struct_sheet_hbond.range_2_auth_atom_id 
_pdbx_struct_sheet_hbond.range_2_auth_comp_id 
_pdbx_struct_sheet_hbond.range_2_auth_asym_id 
_pdbx_struct_sheet_hbond.range_2_auth_seq_id 
AA1 1 2 O VAL A 116 ? O VAL A 116 N THR A 52 ? N THR A 52 
AA1 2 3 N MET A 57  ? N MET A 57  O LEU A 96 ? O LEU A 96 
AA1 3 4 O VAL A 93  ? O VAL A 93  N ASN A 85 ? N ASN A 85 
AA1 4 5 O CYS A 77  ? O CYS A 77  N LEU A 25 ? N LEU A 25 
AA1 5 6 N ARG A 31  ? N ARG A 31  O ARG A 43 ? O ARG A 43 
AA1 6 7 N MET A 46  ? N MET A 46  O LEU A 53 ? O LEU A 53 
# 
_pdbx_entry_details.entry_id                   9J1S 
_pdbx_entry_details.compound_details           ? 
_pdbx_entry_details.source_details             ? 
_pdbx_entry_details.nonpolymer_details         ? 
_pdbx_entry_details.sequence_details           ? 
_pdbx_entry_details.has_ligand_of_interest     ? 
_pdbx_entry_details.has_protein_modification   N 
# 
loop_
_pdbx_validate_torsion.id 
_pdbx_validate_torsion.PDB_model_num 
_pdbx_validate_torsion.auth_comp_id 
_pdbx_validate_torsion.auth_asym_id 
_pdbx_validate_torsion.auth_seq_id 
_pdbx_validate_torsion.PDB_ins_code 
_pdbx_validate_torsion.label_alt_id 
_pdbx_validate_torsion.phi 
_pdbx_validate_torsion.psi 
1 1 SER A 55 ? ? -92.40 40.48 
2 1 ASN A 74 ? ? 82.81  -7.90 
# 
_pdbx_refine_tls.id               1 
_pdbx_refine_tls.pdbx_refine_id   'X-RAY DIFFRACTION' 
_pdbx_refine_tls.details          ? 
_pdbx_refine_tls.method           refined 
_pdbx_refine_tls.origin_x         0.0436 
_pdbx_refine_tls.origin_y         -0.4805 
_pdbx_refine_tls.origin_z         0.3853 
_pdbx_refine_tls.T[1][1]          0.1731 
_pdbx_refine_tls.T[1][1]_esd      ? 
_pdbx_refine_tls.T[1][2]          -0.0034 
_pdbx_refine_tls.T[1][2]_esd      ? 
_pdbx_refine_tls.T[1][3]          0.0065 
_pdbx_refine_tls.T[1][3]_esd      ? 
_pdbx_refine_tls.T[2][2]          0.1801 
_pdbx_refine_tls.T[2][2]_esd      ? 
_pdbx_refine_tls.T[2][3]          0.0128 
_pdbx_refine_tls.T[2][3]_esd      ? 
_pdbx_refine_tls.T[3][3]          0.1964 
_pdbx_refine_tls.T[3][3]_esd      ? 
_pdbx_refine_tls.L[1][1]          3.6681 
_pdbx_refine_tls.L[1][1]_esd      ? 
_pdbx_refine_tls.L[1][2]          -1.1916 
_pdbx_refine_tls.L[1][2]_esd      ? 
_pdbx_refine_tls.L[1][3]          0.7580 
_pdbx_refine_tls.L[1][3]_esd      ? 
_pdbx_refine_tls.L[2][2]          3.1567 
_pdbx_refine_tls.L[2][2]_esd      ? 
_pdbx_refine_tls.L[2][3]          0.1306 
_pdbx_refine_tls.L[2][3]_esd      ? 
_pdbx_refine_tls.L[3][3]          2.6220 
_pdbx_refine_tls.L[3][3]_esd      ? 
_pdbx_refine_tls.S[1][1]          -0.0996 
_pdbx_refine_tls.S[1][1]_esd      ? 
_pdbx_refine_tls.S[1][2]          -0.0241 
_pdbx_refine_tls.S[1][2]_esd      ? 
_pdbx_refine_tls.S[1][3]          0.1391 
_pdbx_refine_tls.S[1][3]_esd      ? 
_pdbx_refine_tls.S[2][1]          -0.0125 
_pdbx_refine_tls.S[2][1]_esd      ? 
_pdbx_refine_tls.S[2][2]          0.1003 
_pdbx_refine_tls.S[2][2]_esd      ? 
_pdbx_refine_tls.S[2][3]          0.0754 
_pdbx_refine_tls.S[2][3]_esd      ? 
_pdbx_refine_tls.S[3][1]          -0.0427 
_pdbx_refine_tls.S[3][1]_esd      ? 
_pdbx_refine_tls.S[3][2]          0.0221 
_pdbx_refine_tls.S[3][2]_esd      ? 
_pdbx_refine_tls.S[3][3]          -0.0155 
_pdbx_refine_tls.S[3][3]_esd      ? 
# 
_pdbx_refine_tls_group.id                  1 
_pdbx_refine_tls_group.pdbx_refine_id      'X-RAY DIFFRACTION' 
_pdbx_refine_tls_group.refine_tls_id       1 
_pdbx_refine_tls_group.beg_label_asym_id   ? 
_pdbx_refine_tls_group.beg_label_seq_id    ? 
_pdbx_refine_tls_group.beg_auth_asym_id    ? 
_pdbx_refine_tls_group.beg_auth_seq_id     ? 
_pdbx_refine_tls_group.beg_PDB_ins_code    ? 
_pdbx_refine_tls_group.end_label_asym_id   ? 
_pdbx_refine_tls_group.end_label_seq_id    ? 
_pdbx_refine_tls_group.end_auth_asym_id    ? 
_pdbx_refine_tls_group.end_auth_seq_id     ? 
_pdbx_refine_tls_group.end_PDB_ins_code    ? 
_pdbx_refine_tls_group.selection           ? 
_pdbx_refine_tls_group.selection_details   all 
# 
loop_
_pdbx_unobs_or_zero_occ_residues.id 
_pdbx_unobs_or_zero_occ_residues.PDB_model_num 
_pdbx_unobs_or_zero_occ_residues.polymer_flag 
_pdbx_unobs_or_zero_occ_residues.occupancy_flag 
_pdbx_unobs_or_zero_occ_residues.auth_asym_id 
_pdbx_unobs_or_zero_occ_residues.auth_comp_id 
_pdbx_unobs_or_zero_occ_residues.auth_seq_id 
_pdbx_unobs_or_zero_occ_residues.PDB_ins_code 
_pdbx_unobs_or_zero_occ_residues.label_asym_id 
_pdbx_unobs_or_zero_occ_residues.label_comp_id 
_pdbx_unobs_or_zero_occ_residues.label_seq_id 
1 1 Y 1 A MET 1   ? A MET 1   
2 1 Y 1 A VAL 2   ? A VAL 2   
3 1 Y 1 A GLY 3   ? A GLY 3   
4 1 Y 1 A GLY 36  ? A GLY 36  
5 1 Y 1 A ASN 37  ? A ASN 37  
6 1 Y 1 A GLU 120 ? A GLU 120 
# 
loop_
_chem_comp_atom.comp_id 
_chem_comp_atom.atom_id 
_chem_comp_atom.type_symbol 
_chem_comp_atom.pdbx_aromatic_flag 
_chem_comp_atom.pdbx_stereo_config 
_chem_comp_atom.pdbx_ordinal 
ALA N    N N N 1   
ALA CA   C N S 2   
ALA C    C N N 3   
ALA O    O N N 4   
ALA CB   C N N 5   
ALA OXT  O N N 6   
ALA H    H N N 7   
ALA H2   H N N 8   
ALA HA   H N N 9   
ALA HB1  H N N 10  
ALA HB2  H N N 11  
ALA HB3  H N N 12  
ALA HXT  H N N 13  
ARG N    N N N 14  
ARG CA   C N S 15  
ARG C    C N N 16  
ARG O    O N N 17  
ARG CB   C N N 18  
ARG CG   C N N 19  
ARG CD   C N N 20  
ARG NE   N N N 21  
ARG CZ   C N N 22  
ARG NH1  N N N 23  
ARG NH2  N N N 24  
ARG OXT  O N N 25  
ARG H    H N N 26  
ARG H2   H N N 27  
ARG HA   H N N 28  
ARG HB2  H N N 29  
ARG HB3  H N N 30  
ARG HG2  H N N 31  
ARG HG3  H N N 32  
ARG HD2  H N N 33  
ARG HD3  H N N 34  
ARG HE   H N N 35  
ARG HH11 H N N 36  
ARG HH12 H N N 37  
ARG HH21 H N N 38  
ARG HH22 H N N 39  
ARG HXT  H N N 40  
ASN N    N N N 41  
ASN CA   C N S 42  
ASN C    C N N 43  
ASN O    O N N 44  
ASN CB   C N N 45  
ASN CG   C N N 46  
ASN OD1  O N N 47  
ASN ND2  N N N 48  
ASN OXT  O N N 49  
ASN H    H N N 50  
ASN H2   H N N 51  
ASN HA   H N N 52  
ASN HB2  H N N 53  
ASN HB3  H N N 54  
ASN HD21 H N N 55  
ASN HD22 H N N 56  
ASN HXT  H N N 57  
ASP N    N N N 58  
ASP CA   C N S 59  
ASP C    C N N 60  
ASP O    O N N 61  
ASP CB   C N N 62  
ASP CG   C N N 63  
ASP OD1  O N N 64  
ASP OD2  O N N 65  
ASP OXT  O N N 66  
ASP H    H N N 67  
ASP H2   H N N 68  
ASP HA   H N N 69  
ASP HB2  H N N 70  
ASP HB3  H N N 71  
ASP HD2  H N N 72  
ASP HXT  H N N 73  
CYS N    N N N 74  
CYS CA   C N R 75  
CYS C    C N N 76  
CYS O    O N N 77  
CYS CB   C N N 78  
CYS SG   S N N 79  
CYS OXT  O N N 80  
CYS H    H N N 81  
CYS H2   H N N 82  
CYS HA   H N N 83  
CYS HB2  H N N 84  
CYS HB3  H N N 85  
CYS HG   H N N 86  
CYS HXT  H N N 87  
GLN N    N N N 88  
GLN CA   C N S 89  
GLN C    C N N 90  
GLN O    O N N 91  
GLN CB   C N N 92  
GLN CG   C N N 93  
GLN CD   C N N 94  
GLN OE1  O N N 95  
GLN NE2  N N N 96  
GLN OXT  O N N 97  
GLN H    H N N 98  
GLN H2   H N N 99  
GLN HA   H N N 100 
GLN HB2  H N N 101 
GLN HB3  H N N 102 
GLN HG2  H N N 103 
GLN HG3  H N N 104 
GLN HE21 H N N 105 
GLN HE22 H N N 106 
GLN HXT  H N N 107 
GLU N    N N N 108 
GLU CA   C N S 109 
GLU C    C N N 110 
GLU O    O N N 111 
GLU CB   C N N 112 
GLU CG   C N N 113 
GLU CD   C N N 114 
GLU OE1  O N N 115 
GLU OE2  O N N 116 
GLU OXT  O N N 117 
GLU H    H N N 118 
GLU H2   H N N 119 
GLU HA   H N N 120 
GLU HB2  H N N 121 
GLU HB3  H N N 122 
GLU HG2  H N N 123 
GLU HG3  H N N 124 
GLU HE2  H N N 125 
GLU HXT  H N N 126 
GLY N    N N N 127 
GLY CA   C N N 128 
GLY C    C N N 129 
GLY O    O N N 130 
GLY OXT  O N N 131 
GLY H    H N N 132 
GLY H2   H N N 133 
GLY HA2  H N N 134 
GLY HA3  H N N 135 
GLY HXT  H N N 136 
HIS N    N N N 137 
HIS CA   C N S 138 
HIS C    C N N 139 
HIS O    O N N 140 
HIS CB   C N N 141 
HIS CG   C Y N 142 
HIS ND1  N Y N 143 
HIS CD2  C Y N 144 
HIS CE1  C Y N 145 
HIS NE2  N Y N 146 
HIS OXT  O N N 147 
HIS H    H N N 148 
HIS H2   H N N 149 
HIS HA   H N N 150 
HIS HB2  H N N 151 
HIS HB3  H N N 152 
HIS HD1  H N N 153 
HIS HD2  H N N 154 
HIS HE1  H N N 155 
HIS HE2  H N N 156 
HIS HXT  H N N 157 
HOH O    O N N 158 
HOH H1   H N N 159 
HOH H2   H N N 160 
ILE N    N N N 161 
ILE CA   C N S 162 
ILE C    C N N 163 
ILE O    O N N 164 
ILE CB   C N S 165 
ILE CG1  C N N 166 
ILE CG2  C N N 167 
ILE CD1  C N N 168 
ILE OXT  O N N 169 
ILE H    H N N 170 
ILE H2   H N N 171 
ILE HA   H N N 172 
ILE HB   H N N 173 
ILE HG12 H N N 174 
ILE HG13 H N N 175 
ILE HG21 H N N 176 
ILE HG22 H N N 177 
ILE HG23 H N N 178 
ILE HD11 H N N 179 
ILE HD12 H N N 180 
ILE HD13 H N N 181 
ILE HXT  H N N 182 
LEU N    N N N 183 
LEU CA   C N S 184 
LEU C    C N N 185 
LEU O    O N N 186 
LEU CB   C N N 187 
LEU CG   C N N 188 
LEU CD1  C N N 189 
LEU CD2  C N N 190 
LEU OXT  O N N 191 
LEU H    H N N 192 
LEU H2   H N N 193 
LEU HA   H N N 194 
LEU HB2  H N N 195 
LEU HB3  H N N 196 
LEU HG   H N N 197 
LEU HD11 H N N 198 
LEU HD12 H N N 199 
LEU HD13 H N N 200 
LEU HD21 H N N 201 
LEU HD22 H N N 202 
LEU HD23 H N N 203 
LEU HXT  H N N 204 
LYS N    N N N 205 
LYS CA   C N S 206 
LYS C    C N N 207 
LYS O    O N N 208 
LYS CB   C N N 209 
LYS CG   C N N 210 
LYS CD   C N N 211 
LYS CE   C N N 212 
LYS NZ   N N N 213 
LYS OXT  O N N 214 
LYS H    H N N 215 
LYS H2   H N N 216 
LYS HA   H N N 217 
LYS HB2  H N N 218 
LYS HB3  H N N 219 
LYS HG2  H N N 220 
LYS HG3  H N N 221 
LYS HD2  H N N 222 
LYS HD3  H N N 223 
LYS HE2  H N N 224 
LYS HE3  H N N 225 
LYS HZ1  H N N 226 
LYS HZ2  H N N 227 
LYS HZ3  H N N 228 
LYS HXT  H N N 229 
MET N    N N N 230 
MET CA   C N S 231 
MET C    C N N 232 
MET O    O N N 233 
MET CB   C N N 234 
MET CG   C N N 235 
MET SD   S N N 236 
MET CE   C N N 237 
MET OXT  O N N 238 
MET H    H N N 239 
MET H2   H N N 240 
MET HA   H N N 241 
MET HB2  H N N 242 
MET HB3  H N N 243 
MET HG2  H N N 244 
MET HG3  H N N 245 
MET HE1  H N N 246 
MET HE2  H N N 247 
MET HE3  H N N 248 
MET HXT  H N N 249 
PHE N    N N N 250 
PHE CA   C N S 251 
PHE C    C N N 252 
PHE O    O N N 253 
PHE CB   C N N 254 
PHE CG   C Y N 255 
PHE CD1  C Y N 256 
PHE CD2  C Y N 257 
PHE CE1  C Y N 258 
PHE CE2  C Y N 259 
PHE CZ   C Y N 260 
PHE OXT  O N N 261 
PHE H    H N N 262 
PHE H2   H N N 263 
PHE HA   H N N 264 
PHE HB2  H N N 265 
PHE HB3  H N N 266 
PHE HD1  H N N 267 
PHE HD2  H N N 268 
PHE HE1  H N N 269 
PHE HE2  H N N 270 
PHE HZ   H N N 271 
PHE HXT  H N N 272 
PRO N    N N N 273 
PRO CA   C N S 274 
PRO C    C N N 275 
PRO O    O N N 276 
PRO CB   C N N 277 
PRO CG   C N N 278 
PRO CD   C N N 279 
PRO OXT  O N N 280 
PRO H    H N N 281 
PRO HA   H N N 282 
PRO HB2  H N N 283 
PRO HB3  H N N 284 
PRO HG2  H N N 285 
PRO HG3  H N N 286 
PRO HD2  H N N 287 
PRO HD3  H N N 288 
PRO HXT  H N N 289 
SER N    N N N 290 
SER CA   C N S 291 
SER C    C N N 292 
SER O    O N N 293 
SER CB   C N N 294 
SER OG   O N N 295 
SER OXT  O N N 296 
SER H    H N N 297 
SER H2   H N N 298 
SER HA   H N N 299 
SER HB2  H N N 300 
SER HB3  H N N 301 
SER HG   H N N 302 
SER HXT  H N N 303 
THR N    N N N 304 
THR CA   C N S 305 
THR C    C N N 306 
THR O    O N N 307 
THR CB   C N R 308 
THR OG1  O N N 309 
THR CG2  C N N 310 
THR OXT  O N N 311 
THR H    H N N 312 
THR H2   H N N 313 
THR HA   H N N 314 
THR HB   H N N 315 
THR HG1  H N N 316 
THR HG21 H N N 317 
THR HG22 H N N 318 
THR HG23 H N N 319 
THR HXT  H N N 320 
TYR N    N N N 321 
TYR CA   C N S 322 
TYR C    C N N 323 
TYR O    O N N 324 
TYR CB   C N N 325 
TYR CG   C Y N 326 
TYR CD1  C Y N 327 
TYR CD2  C Y N 328 
TYR CE1  C Y N 329 
TYR CE2  C Y N 330 
TYR CZ   C Y N 331 
TYR OH   O N N 332 
TYR OXT  O N N 333 
TYR H    H N N 334 
TYR H2   H N N 335 
TYR HA   H N N 336 
TYR HB2  H N N 337 
TYR HB3  H N N 338 
TYR HD1  H N N 339 
TYR HD2  H N N 340 
TYR HE1  H N N 341 
TYR HE2  H N N 342 
TYR HH   H N N 343 
TYR HXT  H N N 344 
VAL N    N N N 345 
VAL CA   C N S 346 
VAL C    C N N 347 
VAL O    O N N 348 
VAL CB   C N N 349 
VAL CG1  C N N 350 
VAL CG2  C N N 351 
VAL OXT  O N N 352 
VAL H    H N N 353 
VAL H2   H N N 354 
VAL HA   H N N 355 
VAL HB   H N N 356 
VAL HG11 H N N 357 
VAL HG12 H N N 358 
VAL HG13 H N N 359 
VAL HG21 H N N 360 
VAL HG22 H N N 361 
VAL HG23 H N N 362 
VAL HXT  H N N 363 
# 
loop_
_chem_comp_bond.comp_id 
_chem_comp_bond.atom_id_1 
_chem_comp_bond.atom_id_2 
_chem_comp_bond.value_order 
_chem_comp_bond.pdbx_aromatic_flag 
_chem_comp_bond.pdbx_stereo_config 
_chem_comp_bond.pdbx_ordinal 
ALA N   CA   sing N N 1   
ALA N   H    sing N N 2   
ALA N   H2   sing N N 3   
ALA CA  C    sing N N 4   
ALA CA  CB   sing N N 5   
ALA CA  HA   sing N N 6   
ALA C   O    doub N N 7   
ALA C   OXT  sing N N 8   
ALA CB  HB1  sing N N 9   
ALA CB  HB2  sing N N 10  
ALA CB  HB3  sing N N 11  
ALA OXT HXT  sing N N 12  
ARG N   CA   sing N N 13  
ARG N   H    sing N N 14  
ARG N   H2   sing N N 15  
ARG CA  C    sing N N 16  
ARG CA  CB   sing N N 17  
ARG CA  HA   sing N N 18  
ARG C   O    doub N N 19  
ARG C   OXT  sing N N 20  
ARG CB  CG   sing N N 21  
ARG CB  HB2  sing N N 22  
ARG CB  HB3  sing N N 23  
ARG CG  CD   sing N N 24  
ARG CG  HG2  sing N N 25  
ARG CG  HG3  sing N N 26  
ARG CD  NE   sing N N 27  
ARG CD  HD2  sing N N 28  
ARG CD  HD3  sing N N 29  
ARG NE  CZ   sing N N 30  
ARG NE  HE   sing N N 31  
ARG CZ  NH1  sing N N 32  
ARG CZ  NH2  doub N N 33  
ARG NH1 HH11 sing N N 34  
ARG NH1 HH12 sing N N 35  
ARG NH2 HH21 sing N N 36  
ARG NH2 HH22 sing N N 37  
ARG OXT HXT  sing N N 38  
ASN N   CA   sing N N 39  
ASN N   H    sing N N 40  
ASN N   H2   sing N N 41  
ASN CA  C    sing N N 42  
ASN CA  CB   sing N N 43  
ASN CA  HA   sing N N 44  
ASN C   O    doub N N 45  
ASN C   OXT  sing N N 46  
ASN CB  CG   sing N N 47  
ASN CB  HB2  sing N N 48  
ASN CB  HB3  sing N N 49  
ASN CG  OD1  doub N N 50  
ASN CG  ND2  sing N N 51  
ASN ND2 HD21 sing N N 52  
ASN ND2 HD22 sing N N 53  
ASN OXT HXT  sing N N 54  
ASP N   CA   sing N N 55  
ASP N   H    sing N N 56  
ASP N   H2   sing N N 57  
ASP CA  C    sing N N 58  
ASP CA  CB   sing N N 59  
ASP CA  HA   sing N N 60  
ASP C   O    doub N N 61  
ASP C   OXT  sing N N 62  
ASP CB  CG   sing N N 63  
ASP CB  HB2  sing N N 64  
ASP CB  HB3  sing N N 65  
ASP CG  OD1  doub N N 66  
ASP CG  OD2  sing N N 67  
ASP OD2 HD2  sing N N 68  
ASP OXT HXT  sing N N 69  
CYS N   CA   sing N N 70  
CYS N   H    sing N N 71  
CYS N   H2   sing N N 72  
CYS CA  C    sing N N 73  
CYS CA  CB   sing N N 74  
CYS CA  HA   sing N N 75  
CYS C   O    doub N N 76  
CYS C   OXT  sing N N 77  
CYS CB  SG   sing N N 78  
CYS CB  HB2  sing N N 79  
CYS CB  HB3  sing N N 80  
CYS SG  HG   sing N N 81  
CYS OXT HXT  sing N N 82  
GLN N   CA   sing N N 83  
GLN N   H    sing N N 84  
GLN N   H2   sing N N 85  
GLN CA  C    sing N N 86  
GLN CA  CB   sing N N 87  
GLN CA  HA   sing N N 88  
GLN C   O    doub N N 89  
GLN C   OXT  sing N N 90  
GLN CB  CG   sing N N 91  
GLN CB  HB2  sing N N 92  
GLN CB  HB3  sing N N 93  
GLN CG  CD   sing N N 94  
GLN CG  HG2  sing N N 95  
GLN CG  HG3  sing N N 96  
GLN CD  OE1  doub N N 97  
GLN CD  NE2  sing N N 98  
GLN NE2 HE21 sing N N 99  
GLN NE2 HE22 sing N N 100 
GLN OXT HXT  sing N N 101 
GLU N   CA   sing N N 102 
GLU N   H    sing N N 103 
GLU N   H2   sing N N 104 
GLU CA  C    sing N N 105 
GLU CA  CB   sing N N 106 
GLU CA  HA   sing N N 107 
GLU C   O    doub N N 108 
GLU C   OXT  sing N N 109 
GLU CB  CG   sing N N 110 
GLU CB  HB2  sing N N 111 
GLU CB  HB3  sing N N 112 
GLU CG  CD   sing N N 113 
GLU CG  HG2  sing N N 114 
GLU CG  HG3  sing N N 115 
GLU CD  OE1  doub N N 116 
GLU CD  OE2  sing N N 117 
GLU OE2 HE2  sing N N 118 
GLU OXT HXT  sing N N 119 
GLY N   CA   sing N N 120 
GLY N   H    sing N N 121 
GLY N   H2   sing N N 122 
GLY CA  C    sing N N 123 
GLY CA  HA2  sing N N 124 
GLY CA  HA3  sing N N 125 
GLY C   O    doub N N 126 
GLY C   OXT  sing N N 127 
GLY OXT HXT  sing N N 128 
HIS N   CA   sing N N 129 
HIS N   H    sing N N 130 
HIS N   H2   sing N N 131 
HIS CA  C    sing N N 132 
HIS CA  CB   sing N N 133 
HIS CA  HA   sing N N 134 
HIS C   O    doub N N 135 
HIS C   OXT  sing N N 136 
HIS CB  CG   sing N N 137 
HIS CB  HB2  sing N N 138 
HIS CB  HB3  sing N N 139 
HIS CG  ND1  sing Y N 140 
HIS CG  CD2  doub Y N 141 
HIS ND1 CE1  doub Y N 142 
HIS ND1 HD1  sing N N 143 
HIS CD2 NE2  sing Y N 144 
HIS CD2 HD2  sing N N 145 
HIS CE1 NE2  sing Y N 146 
HIS CE1 HE1  sing N N 147 
HIS NE2 HE2  sing N N 148 
HIS OXT HXT  sing N N 149 
HOH O   H1   sing N N 150 
HOH O   H2   sing N N 151 
ILE N   CA   sing N N 152 
ILE N   H    sing N N 153 
ILE N   H2   sing N N 154 
ILE CA  C    sing N N 155 
ILE CA  CB   sing N N 156 
ILE CA  HA   sing N N 157 
ILE C   O    doub N N 158 
ILE C   OXT  sing N N 159 
ILE CB  CG1  sing N N 160 
ILE CB  CG2  sing N N 161 
ILE CB  HB   sing N N 162 
ILE CG1 CD1  sing N N 163 
ILE CG1 HG12 sing N N 164 
ILE CG1 HG13 sing N N 165 
ILE CG2 HG21 sing N N 166 
ILE CG2 HG22 sing N N 167 
ILE CG2 HG23 sing N N 168 
ILE CD1 HD11 sing N N 169 
ILE CD1 HD12 sing N N 170 
ILE CD1 HD13 sing N N 171 
ILE OXT HXT  sing N N 172 
LEU N   CA   sing N N 173 
LEU N   H    sing N N 174 
LEU N   H2   sing N N 175 
LEU CA  C    sing N N 176 
LEU CA  CB   sing N N 177 
LEU CA  HA   sing N N 178 
LEU C   O    doub N N 179 
LEU C   OXT  sing N N 180 
LEU CB  CG   sing N N 181 
LEU CB  HB2  sing N N 182 
LEU CB  HB3  sing N N 183 
LEU CG  CD1  sing N N 184 
LEU CG  CD2  sing N N 185 
LEU CG  HG   sing N N 186 
LEU CD1 HD11 sing N N 187 
LEU CD1 HD12 sing N N 188 
LEU CD1 HD13 sing N N 189 
LEU CD2 HD21 sing N N 190 
LEU CD2 HD22 sing N N 191 
LEU CD2 HD23 sing N N 192 
LEU OXT HXT  sing N N 193 
LYS N   CA   sing N N 194 
LYS N   H    sing N N 195 
LYS N   H2   sing N N 196 
LYS CA  C    sing N N 197 
LYS CA  CB   sing N N 198 
LYS CA  HA   sing N N 199 
LYS C   O    doub N N 200 
LYS C   OXT  sing N N 201 
LYS CB  CG   sing N N 202 
LYS CB  HB2  sing N N 203 
LYS CB  HB3  sing N N 204 
LYS CG  CD   sing N N 205 
LYS CG  HG2  sing N N 206 
LYS CG  HG3  sing N N 207 
LYS CD  CE   sing N N 208 
LYS CD  HD2  sing N N 209 
LYS CD  HD3  sing N N 210 
LYS CE  NZ   sing N N 211 
LYS CE  HE2  sing N N 212 
LYS CE  HE3  sing N N 213 
LYS NZ  HZ1  sing N N 214 
LYS NZ  HZ2  sing N N 215 
LYS NZ  HZ3  sing N N 216 
LYS OXT HXT  sing N N 217 
MET N   CA   sing N N 218 
MET N   H    sing N N 219 
MET N   H2   sing N N 220 
MET CA  C    sing N N 221 
MET CA  CB   sing N N 222 
MET CA  HA   sing N N 223 
MET C   O    doub N N 224 
MET C   OXT  sing N N 225 
MET CB  CG   sing N N 226 
MET CB  HB2  sing N N 227 
MET CB  HB3  sing N N 228 
MET CG  SD   sing N N 229 
MET CG  HG2  sing N N 230 
MET CG  HG3  sing N N 231 
MET SD  CE   sing N N 232 
MET CE  HE1  sing N N 233 
MET CE  HE2  sing N N 234 
MET CE  HE3  sing N N 235 
MET OXT HXT  sing N N 236 
PHE N   CA   sing N N 237 
PHE N   H    sing N N 238 
PHE N   H2   sing N N 239 
PHE CA  C    sing N N 240 
PHE CA  CB   sing N N 241 
PHE CA  HA   sing N N 242 
PHE C   O    doub N N 243 
PHE C   OXT  sing N N 244 
PHE CB  CG   sing N N 245 
PHE CB  HB2  sing N N 246 
PHE CB  HB3  sing N N 247 
PHE CG  CD1  doub Y N 248 
PHE CG  CD2  sing Y N 249 
PHE CD1 CE1  sing Y N 250 
PHE CD1 HD1  sing N N 251 
PHE CD2 CE2  doub Y N 252 
PHE CD2 HD2  sing N N 253 
PHE CE1 CZ   doub Y N 254 
PHE CE1 HE1  sing N N 255 
PHE CE2 CZ   sing Y N 256 
PHE CE2 HE2  sing N N 257 
PHE CZ  HZ   sing N N 258 
PHE OXT HXT  sing N N 259 
PRO N   CA   sing N N 260 
PRO N   CD   sing N N 261 
PRO N   H    sing N N 262 
PRO CA  C    sing N N 263 
PRO CA  CB   sing N N 264 
PRO CA  HA   sing N N 265 
PRO C   O    doub N N 266 
PRO C   OXT  sing N N 267 
PRO CB  CG   sing N N 268 
PRO CB  HB2  sing N N 269 
PRO CB  HB3  sing N N 270 
PRO CG  CD   sing N N 271 
PRO CG  HG2  sing N N 272 
PRO CG  HG3  sing N N 273 
PRO CD  HD2  sing N N 274 
PRO CD  HD3  sing N N 275 
PRO OXT HXT  sing N N 276 
SER N   CA   sing N N 277 
SER N   H    sing N N 278 
SER N   H2   sing N N 279 
SER CA  C    sing N N 280 
SER CA  CB   sing N N 281 
SER CA  HA   sing N N 282 
SER C   O    doub N N 283 
SER C   OXT  sing N N 284 
SER CB  OG   sing N N 285 
SER CB  HB2  sing N N 286 
SER CB  HB3  sing N N 287 
SER OG  HG   sing N N 288 
SER OXT HXT  sing N N 289 
THR N   CA   sing N N 290 
THR N   H    sing N N 291 
THR N   H2   sing N N 292 
THR CA  C    sing N N 293 
THR CA  CB   sing N N 294 
THR CA  HA   sing N N 295 
THR C   O    doub N N 296 
THR C   OXT  sing N N 297 
THR CB  OG1  sing N N 298 
THR CB  CG2  sing N N 299 
THR CB  HB   sing N N 300 
THR OG1 HG1  sing N N 301 
THR CG2 HG21 sing N N 302 
THR CG2 HG22 sing N N 303 
THR CG2 HG23 sing N N 304 
THR OXT HXT  sing N N 305 
TYR N   CA   sing N N 306 
TYR N   H    sing N N 307 
TYR N   H2   sing N N 308 
TYR CA  C    sing N N 309 
TYR CA  CB   sing N N 310 
TYR CA  HA   sing N N 311 
TYR C   O    doub N N 312 
TYR C   OXT  sing N N 313 
TYR CB  CG   sing N N 314 
TYR CB  HB2  sing N N 315 
TYR CB  HB3  sing N N 316 
TYR CG  CD1  doub Y N 317 
TYR CG  CD2  sing Y N 318 
TYR CD1 CE1  sing Y N 319 
TYR CD1 HD1  sing N N 320 
TYR CD2 CE2  doub Y N 321 
TYR CD2 HD2  sing N N 322 
TYR CE1 CZ   doub Y N 323 
TYR CE1 HE1  sing N N 324 
TYR CE2 CZ   sing Y N 325 
TYR CE2 HE2  sing N N 326 
TYR CZ  OH   sing N N 327 
TYR OH  HH   sing N N 328 
TYR OXT HXT  sing N N 329 
VAL N   CA   sing N N 330 
VAL N   H    sing N N 331 
VAL N   H2   sing N N 332 
VAL CA  C    sing N N 333 
VAL CA  CB   sing N N 334 
VAL CA  HA   sing N N 335 
VAL C   O    doub N N 336 
VAL C   OXT  sing N N 337 
VAL CB  CG1  sing N N 338 
VAL CB  CG2  sing N N 339 
VAL CB  HB   sing N N 340 
VAL CG1 HG11 sing N N 341 
VAL CG1 HG12 sing N N 342 
VAL CG1 HG13 sing N N 343 
VAL CG2 HG21 sing N N 344 
VAL CG2 HG22 sing N N 345 
VAL CG2 HG23 sing N N 346 
VAL OXT HXT  sing N N 347 
# 
_pdbx_audit_support.funding_organization   'Science and Engineering Research Board (SERB)' 
_pdbx_audit_support.country                India 
_pdbx_audit_support.grant_number           CRG/2022/005602 
_pdbx_audit_support.ordinal                1 
# 
_pdbx_initial_refinement_model.id               1 
_pdbx_initial_refinement_model.entity_id_list   ? 
_pdbx_initial_refinement_model.type             'experimental model' 
_pdbx_initial_refinement_model.source_name      PDB 
_pdbx_initial_refinement_model.accession_code   2B29 
_pdbx_initial_refinement_model.details          ? 
# 
_atom_sites.entry_id                    9J1S 
_atom_sites.Cartn_transf_matrix[1][1]   ? 
_atom_sites.Cartn_transf_matrix[1][2]   ? 
_atom_sites.Cartn_transf_matrix[1][3]   ? 
_atom_sites.Cartn_transf_matrix[2][1]   ? 
_atom_sites.Cartn_transf_matrix[2][2]   ? 
_atom_sites.Cartn_transf_matrix[2][3]   ? 
_atom_sites.Cartn_transf_matrix[3][1]   ? 
_atom_sites.Cartn_transf_matrix[3][2]   ? 
_atom_sites.Cartn_transf_matrix[3][3]   ? 
_atom_sites.Cartn_transf_vector[1]      ? 
_atom_sites.Cartn_transf_vector[2]      ? 
_atom_sites.Cartn_transf_vector[3]      ? 
_atom_sites.Cartn_transform_axes        ? 
_atom_sites.fract_transf_matrix[1][1]   0.00734461 
_atom_sites.fract_transf_matrix[1][2]   0.01592385 
_atom_sites.fract_transf_matrix[1][3]   -0.00966350 
_atom_sites.fract_transf_matrix[2][1]   -0.00948358 
_atom_sites.fract_transf_matrix[2][2]   0.00719049 
_atom_sites.fract_transf_matrix[2][3]   -0.01610214 
_atom_sites.fract_transf_matrix[3][1]   -0.00852892 
_atom_sites.fract_transf_matrix[3][2]   0.00957772 
_atom_sites.fract_transf_matrix[3][3]   0.00930021 
_atom_sites.fract_transf_vector[1]      0.350527 
_atom_sites.fract_transf_vector[2]      -0.187224 
_atom_sites.fract_transf_vector[3]      0.042280 
_atom_sites.solution_primary            ? 
_atom_sites.solution_secondary          ? 
_atom_sites.solution_hydrogens          ? 
_atom_sites.special_details             ? 
# 
loop_
_atom_type.symbol 
C 
N 
O 
S 
# 
loop_
_atom_site.group_PDB 
_atom_site.id 
_atom_site.type_symbol 
_atom_site.label_atom_id 
_atom_site.label_alt_id 
_atom_site.label_comp_id 
_atom_site.label_asym_id 
_atom_site.label_entity_id 
_atom_site.label_seq_id 
_atom_site.pdbx_PDB_ins_code 
_atom_site.Cartn_x 
_atom_site.Cartn_y 
_atom_site.Cartn_z 
_atom_site.occupancy 
_atom_site.B_iso_or_equiv 
_atom_site.pdbx_formal_charge 
_atom_site.auth_seq_id 
_atom_site.auth_comp_id 
_atom_site.auth_asym_id 
_atom_site.auth_atom_id 
_atom_site.pdbx_PDB_model_num 
ATOM   1   N N   . GLN A 1 4   ? 0.567   7.483   -13.912 1.00 50.20 ? 4   GLN A N   1 
ATOM   2   C CA  . GLN A 1 4   ? -0.161  8.100   -12.813 1.00 41.70 ? 4   GLN A CA  1 
ATOM   3   C C   . GLN A 1 4   ? -0.582  7.035   -11.834 1.00 34.26 ? 4   GLN A C   1 
ATOM   4   O O   . GLN A 1 4   ? -0.181  5.870   -11.950 1.00 36.50 ? 4   GLN A O   1 
ATOM   5   C CB  . GLN A 1 4   ? -1.403  8.829   -13.311 1.00 40.78 ? 4   GLN A CB  1 
ATOM   6   C CG  . GLN A 1 4   ? -1.236  9.584   -14.594 1.00 49.31 ? 4   GLN A CG  1 
ATOM   7   C CD  . GLN A 1 4   ? -2.540  10.219  -15.005 1.00 49.64 ? 4   GLN A CD  1 
ATOM   8   O OE1 . GLN A 1 4   ? -3.606  9.607   -14.861 1.00 44.16 ? 4   GLN A OE1 1 
ATOM   9   N NE2 . GLN A 1 4   ? -2.475  11.438  -15.517 1.00 50.12 ? 4   GLN A NE2 1 
ATOM   10  N N   . LEU A 1 5   ? -1.409  7.411   -10.862 1.00 30.94 ? 5   LEU A N   1 
ATOM   11  C CA  . LEU A 1 5   ? -1.880  6.433   -9.894  1.00 29.18 ? 5   LEU A CA  1 
ATOM   12  C C   . LEU A 1 5   ? -3.157  5.783   -10.425 1.00 29.38 ? 5   LEU A C   1 
ATOM   13  O O   . LEU A 1 5   ? -3.905  6.394   -11.195 1.00 28.80 ? 5   LEU A O   1 
ATOM   14  C CB  . LEU A 1 5   ? -2.137  7.098   -8.543  1.00 29.05 ? 5   LEU A CB  1 
ATOM   15  C CG  . LEU A 1 5   ? -0.967  7.884   -7.957  1.00 30.35 ? 5   LEU A CG  1 
ATOM   16  C CD1 . LEU A 1 5   ? -1.328  8.462   -6.604  1.00 28.91 ? 5   LEU A CD1 1 
ATOM   17  C CD2 . LEU A 1 5   ? 0.263   7.001   -7.840  1.00 29.87 ? 5   LEU A CD2 1 
ATOM   18  N N   . SER A 1 6   ? -3.394  4.534   -10.005 1.00 28.09 ? 6   SER A N   1 
ATOM   19  C CA  . SER A 1 6   ? -4.483  3.699   -10.518 1.00 25.53 ? 6   SER A CA  1 
ATOM   20  C C   . SER A 1 6   ? -5.781  4.030   -9.782  1.00 25.36 ? 6   SER A C   1 
ATOM   21  O O   . SER A 1 6   ? -6.269  3.272   -8.943  1.00 25.18 ? 6   SER A O   1 
ATOM   22  C CB  . SER A 1 6   ? -4.142  2.221   -10.346 1.00 25.73 ? 6   SER A CB  1 
ATOM   23  O OG  . SER A 1 6   ? -3.028  1.823   -11.137 1.00 26.18 ? 6   SER A OG  1 
ATOM   24  N N   . GLU A 1 7   ? -6.357  5.176   -10.121 1.00 26.43 ? 7   GLU A N   1 
ATOM   25  C CA  . GLU A 1 7   ? -7.573  5.601   -9.430  1.00 27.46 ? 7   GLU A CA  1 
ATOM   26  C C   . GLU A 1 7   ? -8.670  4.556   -9.572  1.00 25.38 ? 7   GLU A C   1 
ATOM   27  O O   . GLU A 1 7   ? -8.964  4.078   -10.676 1.00 27.65 ? 7   GLU A O   1 
ATOM   28  C CB  . GLU A 1 7   ? -8.057  6.948   -9.967  1.00 26.61 ? 7   GLU A CB  1 
ATOM   29  C CG  . GLU A 1 7   ? -7.118  8.120   -9.687  1.00 29.08 ? 7   GLU A CG  1 
ATOM   30  C CD  . GLU A 1 7   ? -7.734  9.475   -9.928  1.00 29.20 ? 7   GLU A CD  1 
ATOM   31  O OE1 . GLU A 1 7   ? -8.794  9.575   -10.577 1.00 29.94 ? 7   GLU A OE1 1 
ATOM   32  O OE2 . GLU A 1 7   ? -7.128  10.487  -9.499  1.00 32.50 ? 7   GLU A OE2 1 
ATOM   33  N N   . GLY A 1 8   ? -9.300  4.219   -8.451  1.00 24.67 ? 8   GLY A N   1 
ATOM   34  C CA  . GLY A 1 8   ? -10.327 3.207   -8.417  1.00 26.53 ? 8   GLY A CA  1 
ATOM   35  C C   . GLY A 1 8   ? -9.838  1.816   -8.060  1.00 25.32 ? 8   GLY A C   1 
ATOM   36  O O   . GLY A 1 8   ? -10.668 0.927   -7.830  1.00 26.44 ? 8   GLY A O   1 
ATOM   37  N N   . ALA A 1 9   ? -8.522  1.601   -8.013  1.00 23.75 ? 9   ALA A N   1 
ATOM   38  C CA  . ALA A 1 9   ? -7.989  0.302   -7.615  1.00 24.22 ? 9   ALA A CA  1 
ATOM   39  C C   . ALA A 1 9   ? -8.405  -0.062  -6.195  1.00 26.33 ? 9   ALA A C   1 
ATOM   40  O O   . ALA A 1 9   ? -8.714  -1.224  -5.910  1.00 25.99 ? 9   ALA A O   1 
ATOM   41  C CB  . ALA A 1 9   ? -6.469  0.310   -7.726  1.00 25.76 ? 9   ALA A CB  1 
ATOM   42  N N   . ILE A 1 10  ? -8.383  0.910   -5.275  1.00 25.83 ? 10  ILE A N   1 
ATOM   43  C CA  . ILE A 1 10  ? -8.781  0.608   -3.906  1.00 24.99 ? 10  ILE A CA  1 
ATOM   44  C C   . ILE A 1 10  ? -10.246 0.191   -3.865  1.00 27.23 ? 10  ILE A C   1 
ATOM   45  O O   . ILE A 1 10  ? -10.611 -0.801  -3.221  1.00 28.59 ? 10  ILE A O   1 
ATOM   46  C CB  . ILE A 1 10  ? -8.490  1.800   -2.977  1.00 24.84 ? 10  ILE A CB  1 
ATOM   47  C CG1 . ILE A 1 10  ? -6.995  1.831   -2.660  1.00 24.45 ? 10  ILE A CG1 1 
ATOM   48  C CG2 . ILE A 1 10  ? -9.291  1.648   -1.674  1.00 27.27 ? 10  ILE A CG2 1 
ATOM   49  C CD1 . ILE A 1 10  ? -6.510  3.111   -1.982  1.00 25.60 ? 10  ILE A CD1 1 
ATOM   50  N N   . ALA A 1 11  ? -11.108 0.915   -4.583  1.00 23.75 ? 11  ALA A N   1 
ATOM   51  C CA  . ALA A 1 11  ? -12.514 0.540   -4.619  1.00 27.44 ? 11  ALA A CA  1 
ATOM   52  C C   . ALA A 1 11  ? -12.693 -0.857  -5.187  1.00 29.46 ? 11  ALA A C   1 
ATOM   53  O O   . ALA A 1 11  ? -13.493 -1.647  -4.670  1.00 30.65 ? 11  ALA A O   1 
ATOM   54  C CB  . ALA A 1 11  ? -13.311 1.562   -5.436  1.00 26.82 ? 11  ALA A CB  1 
ATOM   55  N N   . ALA A 1 12  ? -11.930 -1.195  -6.228  1.00 26.91 ? 12  ALA A N   1 
ATOM   56  C CA  . ALA A 1 12  ? -12.036 -2.526  -6.816  1.00 30.44 ? 12  ALA A CA  1 
ATOM   57  C C   . ALA A 1 12  ? -11.643 -3.596  -5.809  1.00 31.71 ? 12  ALA A C   1 
ATOM   58  O O   . ALA A 1 12  ? -12.294 -4.645  -5.703  1.00 34.65 ? 12  ALA A O   1 
ATOM   59  C CB  . ALA A 1 12  ? -11.148 -2.611  -8.055  1.00 31.22 ? 12  ALA A CB  1 
ATOM   60  N N   . ILE A 1 13  ? -10.585 -3.338  -5.052  1.00 29.66 ? 13  ILE A N   1 
ATOM   61  C CA  . ILE A 1 13  ? -10.106 -4.317  -4.085  1.00 31.10 ? 13  ILE A CA  1 
ATOM   62  C C   . ILE A 1 13  ? -11.118 -4.488  -2.959  1.00 33.30 ? 13  ILE A C   1 
ATOM   63  O O   . ILE A 1 13  ? -11.471 -5.613  -2.581  1.00 35.33 ? 13  ILE A O   1 
ATOM   64  C CB  . ILE A 1 13  ? -8.725  -3.880  -3.574  1.00 29.78 ? 13  ILE A CB  1 
ATOM   65  C CG1 . ILE A 1 13  ? -7.717  -3.957  -4.721  1.00 30.33 ? 13  ILE A CG1 1 
ATOM   66  C CG2 . ILE A 1 13  ? -8.292  -4.731  -2.393  1.00 29.77 ? 13  ILE A CG2 1 
ATOM   67  C CD1 . ILE A 1 13  ? -6.350  -3.333  -4.441  1.00 29.33 ? 13  ILE A CD1 1 
ATOM   68  N N   . MET A 1 14  ? -11.641 -3.376  -2.440  1.00 31.27 ? 14  MET A N   1 
ATOM   69  C CA  . MET A 1 14  ? -12.547 -3.441  -1.295  1.00 33.43 ? 14  MET A CA  1 
ATOM   70  C C   . MET A 1 14  ? -13.919 -3.967  -1.686  1.00 36.17 ? 14  MET A C   1 
ATOM   71  O O   . MET A 1 14  ? -14.578 -4.650  -0.890  1.00 38.29 ? 14  MET A O   1 
ATOM   72  C CB  . MET A 1 14  ? -12.690 -2.054  -0.680  1.00 34.18 ? 14  MET A CB  1 
ATOM   73  C CG  . MET A 1 14  ? -11.485 -1.556  0.114   1.00 32.38 ? 14  MET A CG  1 
ATOM   74  S SD  . MET A 1 14  ? -10.861 -2.669  1.409   1.00 36.17 ? 14  MET A SD  1 
ATOM   75  C CE  . MET A 1 14  ? -11.613 -1.922  2.848   1.00 37.66 ? 14  MET A CE  1 
ATOM   76  N N   . GLN A 1 15  ? -14.387 -3.631  -2.894  1.00 33.99 ? 15  GLN A N   1 
ATOM   77  C CA  . GLN A 1 15  ? -15.756 -3.933  -3.289  1.00 37.05 ? 15  GLN A CA  1 
ATOM   78  C C   . GLN A 1 15  ? -15.880 -5.254  -4.030  1.00 36.49 ? 15  GLN A C   1 
ATOM   79  O O   . GLN A 1 15  ? -16.860 -5.977  -3.839  1.00 40.52 ? 15  GLN A O   1 
ATOM   80  C CB  . GLN A 1 15  ? -16.325 -2.816  -4.167  1.00 35.67 ? 15  GLN A CB  1 
ATOM   81  C CG  . GLN A 1 15  ? -16.626 -1.562  -3.402  1.00 34.46 ? 15  GLN A CG  1 
ATOM   82  C CD  . GLN A 1 15  ? -17.074 -0.444  -4.307  1.00 34.29 ? 15  GLN A CD  1 
ATOM   83  O OE1 . GLN A 1 15  ? -17.722 -0.684  -5.327  1.00 36.75 ? 15  GLN A OE1 1 
ATOM   84  N NE2 . GLN A 1 15  ? -16.759 0.785   -3.931  1.00 32.67 ? 15  GLN A NE2 1 
ATOM   85  N N   . LYS A 1 16  ? -14.914 -5.589  -4.879  1.00 37.11 ? 16  LYS A N   1 
ATOM   86  C CA  . LYS A 1 16  ? -14.986 -6.831  -5.636  1.00 39.01 ? 16  LYS A CA  1 
ATOM   87  C C   . LYS A 1 16  ? -13.912 -7.842  -5.238  1.00 41.76 ? 16  LYS A C   1 
ATOM   88  O O   . LYS A 1 16  ? -13.911 -8.962  -5.764  1.00 45.56 ? 16  LYS A O   1 
ATOM   89  C CB  . LYS A 1 16  ? -14.907 -6.535  -7.140  1.00 39.93 ? 16  LYS A CB  1 
ATOM   90  N N   . GLY A 1 17  ? -13.031 -7.500  -4.299  1.00 38.95 ? 17  GLY A N   1 
ATOM   91  C CA  . GLY A 1 17  ? -11.946 -8.402  -3.951  1.00 40.29 ? 17  GLY A CA  1 
ATOM   92  C C   . GLY A 1 17  ? -11.057 -8.735  -5.126  1.00 42.67 ? 17  GLY A C   1 
ATOM   93  O O   . GLY A 1 17  ? -10.481 -9.827  -5.176  1.00 42.80 ? 17  GLY A O   1 
ATOM   94  N N   . ASP A 1 18  ? -10.947 -7.819  -6.089  1.00 39.01 ? 18  ASP A N   1 
ATOM   95  C CA  . ASP A 1 18  ? -10.199 -8.056  -7.318  1.00 41.36 ? 18  ASP A CA  1 
ATOM   96  C C   . ASP A 1 18  ? -8.711  -8.122  -7.005  1.00 39.26 ? 18  ASP A C   1 
ATOM   97  O O   . ASP A 1 18  ? -8.094  -7.102  -6.685  1.00 42.64 ? 18  ASP A O   1 
ATOM   98  C CB  . ASP A 1 18  ? -10.488 -6.943  -8.319  1.00 40.39 ? 18  ASP A CB  1 
ATOM   99  C CG  . ASP A 1 18  ? -9.919  -7.227  -9.698  1.00 45.48 ? 18  ASP A CG  1 
ATOM   100 O OD1 . ASP A 1 18  ? -9.288  -8.298  -9.895  1.00 47.99 ? 18  ASP A OD1 1 
ATOM   101 O OD2 . ASP A 1 18  ? -10.117 -6.374  -10.593 1.00 48.56 ? 18  ASP A OD2 1 
ATOM   102 N N   . THR A 1 19  ? -8.126  -9.316  -7.108  1.00 41.00 ? 19  THR A N   1 
ATOM   103 C CA  . THR A 1 19  ? -6.692  -9.479  -6.907  1.00 38.16 ? 19  THR A CA  1 
ATOM   104 C C   . THR A 1 19  ? -5.929  -9.621  -8.220  1.00 38.92 ? 19  THR A C   1 
ATOM   105 O O   . THR A 1 19  ? -4.714  -9.847  -8.189  1.00 37.35 ? 19  THR A O   1 
ATOM   106 C CB  . THR A 1 19  ? -6.404  -10.702 -6.026  1.00 37.06 ? 19  THR A CB  1 
ATOM   107 O OG1 . THR A 1 19  ? -7.084  -11.830 -6.569  1.00 41.40 ? 19  THR A OG1 1 
ATOM   108 C CG2 . THR A 1 19  ? -6.908  -10.469 -4.610  1.00 35.69 ? 19  THR A CG2 1 
ATOM   109 N N   . ASN A 1 20  ? -6.611  -9.508  -9.370  1.00 39.09 ? 20  ASN A N   1 
ATOM   110 C CA  . ASN A 1 20  ? -5.956  -9.644  -10.665 1.00 40.38 ? 20  ASN A CA  1 
ATOM   111 C C   . ASN A 1 20  ? -5.315  -8.353  -11.163 1.00 39.35 ? 20  ASN A C   1 
ATOM   112 O O   . ASN A 1 20  ? -4.598  -8.395  -12.167 1.00 41.37 ? 20  ASN A O   1 
ATOM   113 C CB  . ASN A 1 20  ? -6.959  -10.144 -11.715 1.00 42.36 ? 20  ASN A CB  1 
ATOM   114 N N   . ILE A 1 21  ? -5.551  -7.224  -10.512 1.00 36.53 ? 21  ILE A N   1 
ATOM   115 C CA  . ILE A 1 21  ? -5.018  -5.944  -10.970 1.00 34.55 ? 21  ILE A CA  1 
ATOM   116 C C   . ILE A 1 21  ? -3.607  -5.747  -10.420 1.00 32.14 ? 21  ILE A C   1 
ATOM   117 O O   . ILE A 1 21  ? -3.193  -6.374  -9.437  1.00 31.94 ? 21  ILE A O   1 
ATOM   118 C CB  . ILE A 1 21  ? -5.951  -4.779  -10.577 1.00 33.57 ? 21  ILE A CB  1 
ATOM   119 C CG1 . ILE A 1 21  ? -6.409  -4.903  -9.122  1.00 34.98 ? 21  ILE A CG1 1 
ATOM   120 C CG2 . ILE A 1 21  ? -7.178  -4.768  -11.465 1.00 36.13 ? 21  ILE A CG2 1 
ATOM   121 C CD1 . ILE A 1 21  ? -6.719  -3.559  -8.488  1.00 33.22 ? 21  ILE A CD1 1 
ATOM   122 N N   . LYS A 1 22  ? -2.836  -4.889  -11.091 1.00 28.86 ? 22  LYS A N   1 
ATOM   123 C CA  . LYS A 1 22  ? -1.468  -4.562  -10.692 1.00 29.21 ? 22  LYS A CA  1 
ATOM   124 C C   . LYS A 1 22  ? -1.383  -3.051  -10.511 1.00 28.13 ? 22  LYS A C   1 
ATOM   125 O O   . LYS A 1 22  ? -0.830  -2.341  -11.366 1.00 30.16 ? 22  LYS A O   1 
ATOM   126 C CB  . LYS A 1 22  ? -0.462  -5.059  -11.728 1.00 31.78 ? 22  LYS A CB  1 
ATOM   127 C CG  . LYS A 1 22  ? -0.411  -6.579  -11.821 1.00 34.40 ? 22  LYS A CG  1 
ATOM   128 C CD  . LYS A 1 22  ? 0.880   -7.090  -12.421 1.00 37.25 ? 22  LYS A CD  1 
ATOM   129 C CE  . LYS A 1 22  ? 0.668   -8.502  -12.939 1.00 42.65 ? 22  LYS A CE  1 
ATOM   130 N NZ  . LYS A 1 22  ? -0.428  -9.144  -12.154 1.00 43.13 ? 22  LYS A NZ  1 
ATOM   131 N N   . PRO A 1 23  ? -1.950  -2.529  -9.422  1.00 26.14 ? 23  PRO A N   1 
ATOM   132 C CA  . PRO A 1 23  ? -2.174  -1.088  -9.310  1.00 25.81 ? 23  PRO A CA  1 
ATOM   133 C C   . PRO A 1 23  ? -0.914  -0.324  -8.963  1.00 25.61 ? 23  PRO A C   1 
ATOM   134 O O   . PRO A 1 23  ? -0.013  -0.822  -8.279  1.00 25.50 ? 23  PRO A O   1 
ATOM   135 C CB  . PRO A 1 23  ? -3.187  -0.983  -8.161  1.00 25.40 ? 23  PRO A CB  1 
ATOM   136 C CG  . PRO A 1 23  ? -2.957  -2.184  -7.331  1.00 25.77 ? 23  PRO A CG  1 
ATOM   137 C CD  . PRO A 1 23  ? -2.542  -3.275  -8.295  1.00 27.03 ? 23  PRO A CD  1 
ATOM   138 N N   . ILE A 1 24  ? -0.880  0.914   -9.435  1.00 23.35 ? 24  ILE A N   1 
ATOM   139 C CA  . ILE A 1 24  ? 0.153   1.878   -9.077  1.00 25.03 ? 24  ILE A CA  1 
ATOM   140 C C   . ILE A 1 24  ? -0.408  2.739   -7.953  1.00 26.01 ? 24  ILE A C   1 
ATOM   141 O O   . ILE A 1 24  ? -1.449  3.382   -8.116  1.00 23.77 ? 24  ILE A O   1 
ATOM   142 C CB  . ILE A 1 24  ? 0.574   2.720   -10.289 1.00 27.60 ? 24  ILE A CB  1 
ATOM   143 C CG1 . ILE A 1 24  ? 1.163   1.797   -11.350 1.00 29.51 ? 24  ILE A CG1 1 
ATOM   144 C CG2 . ILE A 1 24  ? 1.600   3.754   -9.891  1.00 27.77 ? 24  ILE A CG2 1 
ATOM   145 C CD1 . ILE A 1 24  ? 1.560   2.487   -12.656 1.00 30.06 ? 24  ILE A CD1 1 
ATOM   146 N N   . LEU A 1 25  ? 0.259   2.722   -6.795  1.00 24.05 ? 25  LEU A N   1 
ATOM   147 C CA  . LEU A 1 25  ? -0.206  3.376   -5.578  1.00 24.34 ? 25  LEU A CA  1 
ATOM   148 C C   . LEU A 1 25  ? 0.916   4.210   -4.989  1.00 25.95 ? 25  LEU A C   1 
ATOM   149 O O   . LEU A 1 25  ? 2.093   3.920   -5.195  1.00 26.86 ? 25  LEU A O   1 
ATOM   150 C CB  . LEU A 1 25  ? -0.646  2.372   -4.514  1.00 22.53 ? 25  LEU A CB  1 
ATOM   151 C CG  . LEU A 1 25  ? -1.642  1.302   -4.940  1.00 23.46 ? 25  LEU A CG  1 
ATOM   152 C CD1 . LEU A 1 25  ? -1.817  0.297   -3.819  1.00 22.05 ? 25  LEU A CD1 1 
ATOM   153 C CD2 . LEU A 1 25  ? -2.963  1.976   -5.298  1.00 23.74 ? 25  LEU A CD2 1 
ATOM   154 N N   . GLN A 1 26  ? 0.547   5.236   -4.226  1.00 23.53 ? 26  GLN A N   1 
ATOM   155 C CA  . GLN A 1 26  ? 1.516   6.009   -3.458  1.00 27.46 ? 26  GLN A CA  1 
ATOM   156 C C   . GLN A 1 26  ? 1.437   5.631   -1.987  1.00 25.24 ? 26  GLN A C   1 
ATOM   157 O O   . GLN A 1 26  ? 0.356   5.498   -1.414  1.00 22.17 ? 26  GLN A O   1 
ATOM   158 C CB  . GLN A 1 26  ? 1.282   7.513   -3.603  1.00 27.84 ? 26  GLN A CB  1 
ATOM   159 C CG  . GLN A 1 26  ? 2.266   8.352   -2.807  1.00 29.42 ? 26  GLN A CG  1 
ATOM   160 C CD  . GLN A 1 26  ? 2.119   9.821   -3.076  1.00 32.91 ? 26  GLN A CD  1 
ATOM   161 O OE1 . GLN A 1 26  ? 1.007   10.339  -3.164  1.00 34.44 ? 26  GLN A OE1 1 
ATOM   162 N NE2 . GLN A 1 26  ? 3.245   10.505  -3.222  1.00 36.23 ? 26  GLN A NE2 1 
ATOM   163 N N   . VAL A 1 27  ? 2.593   5.461   -1.362  1.00 26.16 ? 27  VAL A N   1 
ATOM   164 C CA  . VAL A 1 27  ? 2.634   5.239   0.076   1.00 23.88 ? 27  VAL A CA  1 
ATOM   165 C C   . VAL A 1 27  ? 2.444   6.587   0.776   1.00 26.18 ? 27  VAL A C   1 
ATOM   166 O O   . VAL A 1 27  ? 3.249   7.506   0.612   1.00 28.10 ? 27  VAL A O   1 
ATOM   167 C CB  . VAL A 1 27  ? 3.963   4.586   0.487   1.00 25.36 ? 27  VAL A CB  1 
ATOM   168 C CG1 . VAL A 1 27  ? 4.024   4.417   2.010   1.00 26.55 ? 27  VAL A CG1 1 
ATOM   169 C CG2 . VAL A 1 27  ? 4.104   3.253   -0.205  1.00 25.32 ? 27  VAL A CG2 1 
ATOM   170 N N   . ILE A 1 28  ? 1.375   6.719   1.548   1.00 23.38 ? 28  ILE A N   1 
ATOM   171 C CA  . ILE A 1 28  ? 1.231   7.944   2.328   1.00 23.50 ? 28  ILE A CA  1 
ATOM   172 C C   . ILE A 1 28  ? 2.013   7.849   3.631   1.00 25.68 ? 28  ILE A C   1 
ATOM   173 O O   . ILE A 1 28  ? 2.655   8.817   4.064   1.00 25.87 ? 28  ILE A O   1 
ATOM   174 C CB  . ILE A 1 28  ? -0.258  8.241   2.594   1.00 25.31 ? 28  ILE A CB  1 
ATOM   175 C CG1 . ILE A 1 28  ? -1.026  8.376   1.267   1.00 27.65 ? 28  ILE A CG1 1 
ATOM   176 C CG2 . ILE A 1 28  ? -0.384  9.465   3.504   1.00 27.07 ? 28  ILE A CG2 1 
ATOM   177 C CD1 . ILE A 1 28  ? -0.486  9.445   0.333   1.00 30.52 ? 28  ILE A CD1 1 
ATOM   178 N N   . ASN A 1 29  ? 1.976   6.683   4.275   1.00 23.60 ? 29  ASN A N   1 
ATOM   179 C CA  . ASN A 1 29  ? 2.634   6.511   5.558   1.00 23.95 ? 29  ASN A CA  1 
ATOM   180 C C   . ASN A 1 29  ? 2.975   5.051   5.717   1.00 23.53 ? 29  ASN A C   1 
ATOM   181 O O   . ASN A 1 29  ? 2.230   4.185   5.254   1.00 21.62 ? 29  ASN A O   1 
ATOM   182 C CB  . ASN A 1 29  ? 1.737   6.948   6.720   1.00 24.64 ? 29  ASN A CB  1 
ATOM   183 C CG  . ASN A 1 29  ? 2.359   6.662   8.066   1.00 28.92 ? 29  ASN A CG  1 
ATOM   184 O OD1 . ASN A 1 29  ? 2.057   5.641   8.688   1.00 28.77 ? 29  ASN A OD1 1 
ATOM   185 N ND2 . ASN A 1 29  ? 3.247   7.540   8.515   1.00 27.49 ? 29  ASN A ND2 1 
ATOM   186 N N   . ILE A 1 30  ? 4.106   4.770   6.352   1.00 23.88 ? 30  ILE A N   1 
ATOM   187 C CA  . ILE A 1 30  ? 4.430   3.394   6.688   1.00 24.42 ? 30  ILE A CA  1 
ATOM   188 C C   . ILE A 1 30  ? 4.907   3.392   8.128   1.00 25.22 ? 30  ILE A C   1 
ATOM   189 O O   . ILE A 1 30  ? 5.619   4.302   8.565   1.00 25.91 ? 30  ILE A O   1 
ATOM   190 C CB  . ILE A 1 30  ? 5.456   2.781   5.707   1.00 25.77 ? 30  ILE A CB  1 
ATOM   191 C CG1 . ILE A 1 30  ? 5.749   1.317   6.088   1.00 25.98 ? 30  ILE A CG1 1 
ATOM   192 C CG2 . ILE A 1 30  ? 6.684   3.625   5.635   1.00 30.97 ? 30  ILE A CG2 1 
ATOM   193 C CD1 . ILE A 1 30  ? 6.273   0.479   4.912   1.00 26.87 ? 30  ILE A CD1 1 
ATOM   194 N N   . ARG A 1 31  ? 4.445   2.416   8.895   1.00 23.11 ? 31  ARG A N   1 
ATOM   195 C CA  . ARG A 1 31  ? 4.776   2.430   10.306  1.00 25.26 ? 31  ARG A CA  1 
ATOM   196 C C   . ARG A 1 31  ? 4.873   1.001   10.790  1.00 25.06 ? 31  ARG A C   1 
ATOM   197 O O   . ARG A 1 31  ? 4.219   0.107   10.236  1.00 23.84 ? 31  ARG A O   1 
ATOM   198 C CB  . ARG A 1 31  ? 3.727   3.183   11.115  1.00 27.77 ? 31  ARG A CB  1 
ATOM   199 C CG  . ARG A 1 31  ? 2.407   2.486   11.152  1.00 27.14 ? 31  ARG A CG  1 
ATOM   200 C CD  . ARG A 1 31  ? 1.372   3.389   11.772  1.00 29.75 ? 31  ARG A CD  1 
ATOM   201 N NE  . ARG A 1 31  ? 0.248   2.622   12.296  1.00 33.40 ? 31  ARG A NE  1 
ATOM   202 C CZ  . ARG A 1 31  ? -0.774  2.234   11.551  1.00 30.07 ? 31  ARG A CZ  1 
ATOM   203 N NH1 . ARG A 1 31  ? -0.838  2.533   10.269  1.00 32.63 ? 31  ARG A NH1 1 
ATOM   204 N NH2 . ARG A 1 31  ? -1.756  1.535   12.112  1.00 32.29 ? 31  ARG A NH2 1 
ATOM   205 N N   . PRO A 1 32  ? 5.655   0.758   11.817  1.00 24.16 ? 32  PRO A N   1 
ATOM   206 C CA  . PRO A 1 32  ? 5.838   -0.604  12.310  1.00 26.11 ? 32  PRO A CA  1 
ATOM   207 C C   . PRO A 1 32  ? 4.891   -0.919  13.453  1.00 27.69 ? 32  PRO A C   1 
ATOM   208 O O   . PRO A 1 32  ? 4.490   -0.062  14.246  1.00 27.47 ? 32  PRO A O   1 
ATOM   209 C CB  . PRO A 1 32  ? 7.292   -0.585  12.803  1.00 28.21 ? 32  PRO A CB  1 
ATOM   210 C CG  . PRO A 1 32  ? 7.455   0.825   13.324  1.00 29.61 ? 32  PRO A CG  1 
ATOM   211 C CD  . PRO A 1 32  ? 6.652   1.694   12.376  1.00 26.43 ? 32  PRO A CD  1 
ATOM   212 N N   . ILE A 1 33  ? 4.570   -2.204  13.544  1.00 26.25 ? 33  ILE A N   1 
ATOM   213 C CA  . ILE A 1 33  ? 4.024   -2.799  14.753  1.00 30.24 ? 33  ILE A CA  1 
ATOM   214 C C   . ILE A 1 33  ? 5.094   -3.749  15.267  1.00 33.09 ? 33  ILE A C   1 
ATOM   215 O O   . ILE A 1 33  ? 5.440   -4.727  14.589  1.00 30.44 ? 33  ILE A O   1 
ATOM   216 C CB  . ILE A 1 33  ? 2.701   -3.525  14.487  1.00 29.68 ? 33  ILE A CB  1 
ATOM   217 C CG1 . ILE A 1 33  ? 1.685   -2.583  13.839  1.00 31.43 ? 33  ILE A CG1 1 
ATOM   218 C CG2 . ILE A 1 33  ? 2.179   -4.147  15.795  1.00 30.15 ? 33  ILE A CG2 1 
ATOM   219 C CD1 . ILE A 1 33  ? 1.152   -1.522  14.752  1.00 31.08 ? 33  ILE A CD1 1 
ATOM   220 N N   . THR A 1 34  ? 5.667   -3.426  16.420  1.00 35.13 ? 34  THR A N   1 
ATOM   221 C CA  . THR A 1 34  ? 6.714   -4.222  17.036  1.00 38.55 ? 34  THR A CA  1 
ATOM   222 C C   . THR A 1 34  ? 6.121   -4.997  18.209  1.00 44.68 ? 34  THR A C   1 
ATOM   223 O O   . THR A 1 34  ? 5.232   -4.496  18.900  1.00 46.07 ? 34  THR A O   1 
ATOM   224 C CB  . THR A 1 34  ? 7.870   -3.323  17.494  1.00 38.63 ? 34  THR A CB  1 
ATOM   225 O OG1 . THR A 1 34  ? 7.416   -2.434  18.520  1.00 39.83 ? 34  THR A OG1 1 
ATOM   226 C CG2 . THR A 1 34  ? 8.374   -2.480  16.338  1.00 37.78 ? 34  THR A CG2 1 
ATOM   227 N N   . THR A 1 35  ? 6.578   -6.239  18.398  1.00 44.77 ? 35  THR A N   1 
ATOM   228 C CA  . THR A 1 35  ? 6.091   -7.104  19.486  1.00 50.39 ? 35  THR A CA  1 
ATOM   229 C C   . THR A 1 35  ? 7.177   -8.068  20.003  1.00 55.37 ? 35  THR A C   1 
ATOM   230 O O   . THR A 1 35  ? 7.472   -9.102  19.383  1.00 52.10 ? 35  THR A O   1 
ATOM   231 C CB  . THR A 1 35  ? 4.851   -7.941  19.058  1.00 49.93 ? 35  THR A CB  1 
ATOM   232 O OG1 . THR A 1 35  ? 5.118   -8.619  17.825  1.00 51.06 ? 35  THR A OG1 1 
ATOM   233 C CG2 . THR A 1 35  ? 3.593   -7.081  18.914  1.00 47.25 ? 35  THR A CG2 1 
ATOM   234 N N   . SER A 1 38  ? 10.977  -11.468 17.409  1.00 55.85 ? 38  SER A N   1 
ATOM   235 C CA  . SER A 1 38  ? 9.859   -11.473 16.470  1.00 48.92 ? 38  SER A CA  1 
ATOM   236 C C   . SER A 1 38  ? 10.010  -10.381 15.411  1.00 49.58 ? 38  SER A C   1 
ATOM   237 O O   . SER A 1 38  ? 10.245  -9.206  15.738  1.00 53.26 ? 38  SER A O   1 
ATOM   238 C CB  . SER A 1 38  ? 8.536   -11.307 17.216  1.00 47.62 ? 38  SER A CB  1 
ATOM   239 O OG  . SER A 1 38  ? 7.512   -10.870 16.337  1.00 47.02 ? 38  SER A OG  1 
ATOM   240 N N   . PRO A 1 39  ? 9.851   -10.751 14.142  1.00 49.72 ? 39  PRO A N   1 
ATOM   241 C CA  . PRO A 1 39  ? 10.000  -9.774  13.061  1.00 44.12 ? 39  PRO A CA  1 
ATOM   242 C C   . PRO A 1 39  ? 8.817   -8.825  13.022  1.00 39.02 ? 39  PRO A C   1 
ATOM   243 O O   . PRO A 1 39  ? 7.656   -9.265  13.061  1.00 39.07 ? 39  PRO A O   1 
ATOM   244 C CB  . PRO A 1 39  ? 10.060  -10.643 11.799  1.00 43.69 ? 39  PRO A CB  1 
ATOM   245 C CG  . PRO A 1 39  ? 9.384   -11.949 12.180  1.00 46.28 ? 39  PRO A CG  1 
ATOM   246 C CD  . PRO A 1 39  ? 9.252   -12.015 13.681  1.00 48.38 ? 39  PRO A CD  1 
ATOM   247 N N   . PRO A 1 40  ? 9.079   -7.522  12.935  1.00 38.26 ? 40  PRO A N   1 
ATOM   248 C CA  . PRO A 1 40  ? 7.995   -6.531  12.922  1.00 34.58 ? 40  PRO A CA  1 
ATOM   249 C C   . PRO A 1 40  ? 7.137   -6.646  11.683  1.00 31.48 ? 40  PRO A C   1 
ATOM   250 O O   . PRO A 1 40  ? 7.558   -7.149  10.639  1.00 28.61 ? 40  PRO A O   1 
ATOM   251 C CB  . PRO A 1 40  ? 8.731   -5.192  12.916  1.00 34.55 ? 40  PRO A CB  1 
ATOM   252 C CG  . PRO A 1 40  ? 10.076  -5.526  12.326  1.00 37.28 ? 40  PRO A CG  1 
ATOM   253 C CD  . PRO A 1 40  ? 10.404  -6.902  12.790  1.00 40.28 ? 40  PRO A CD  1 
ATOM   254 N N   . ARG A 1 41  ? 5.931   -6.096  11.804  1.00 27.77 ? 41  ARG A N   1 
ATOM   255 C CA  . ARG A 1 41  ? 4.971   -6.022  10.715  1.00 26.03 ? 41  ARG A CA  1 
ATOM   256 C C   . ARG A 1 41  ? 4.780   -4.556  10.364  1.00 24.06 ? 41  ARG A C   1 
ATOM   257 O O   . ARG A 1 41  ? 4.500   -3.742  11.253  1.00 25.77 ? 41  ARG A O   1 
ATOM   258 C CB  . ARG A 1 41  ? 3.629   -6.645  11.117  1.00 26.32 ? 41  ARG A CB  1 
ATOM   259 C CG  . ARG A 1 41  ? 2.534   -6.509  10.060  1.00 24.37 ? 41  ARG A CG  1 
ATOM   260 C CD  . ARG A 1 41  ? 2.722   -7.506  8.939   1.00 23.03 ? 41  ARG A CD  1 
ATOM   261 N NE  . ARG A 1 41  ? 2.646   -8.884  9.417   1.00 24.87 ? 41  ARG A NE  1 
ATOM   262 C CZ  . ARG A 1 41  ? 3.007   -9.940  8.704   1.00 26.06 ? 41  ARG A CZ  1 
ATOM   263 N NH1 . ARG A 1 41  ? 3.437   -9.825  7.452   1.00 23.87 ? 41  ARG A NH1 1 
ATOM   264 N NH2 . ARG A 1 41  ? 2.958   -11.148 9.266   1.00 28.53 ? 41  ARG A NH2 1 
ATOM   265 N N   . TYR A 1 42  ? 4.940   -4.220  9.093   1.00 21.75 ? 42  TYR A N   1 
ATOM   266 C CA  . TYR A 1 42  ? 4.728   -2.849  8.647   1.00 21.69 ? 42  TYR A CA  1 
ATOM   267 C C   . TYR A 1 42  ? 3.309   -2.683  8.135   1.00 22.34 ? 42  TYR A C   1 
ATOM   268 O O   . TYR A 1 42  ? 2.818   -3.503  7.335   1.00 23.29 ? 42  TYR A O   1 
ATOM   269 C CB  . TYR A 1 42  ? 5.734   -2.458  7.558   1.00 22.77 ? 42  TYR A CB  1 
ATOM   270 C CG  . TYR A 1 42  ? 7.114   -2.343  8.113   1.00 24.01 ? 42  TYR A CG  1 
ATOM   271 C CD1 . TYR A 1 42  ? 7.470   -1.244  8.869   1.00 24.76 ? 42  TYR A CD1 1 
ATOM   272 C CD2 . TYR A 1 42  ? 8.051   -3.334  7.896   1.00 24.06 ? 42  TYR A CD2 1 
ATOM   273 C CE1 . TYR A 1 42  ? 8.734   -1.126  9.413   1.00 25.94 ? 42  TYR A CE1 1 
ATOM   274 C CE2 . TYR A 1 42  ? 9.311   -3.241  8.418   1.00 28.82 ? 42  TYR A CE2 1 
ATOM   275 C CZ  . TYR A 1 42  ? 9.651   -2.132  9.169   1.00 28.02 ? 42  TYR A CZ  1 
ATOM   276 O OH  . TYR A 1 42  ? 10.922  -2.053  9.678   1.00 31.23 ? 42  TYR A OH  1 
ATOM   277 N N   . ARG A 1 43  ? 2.665   -1.612  8.586   1.00 21.80 ? 43  ARG A N   1 
ATOM   278 C CA  . ARG A 1 43  ? 1.335   -1.216  8.148   1.00 21.68 ? 43  ARG A CA  1 
ATOM   279 C C   . ARG A 1 43  ? 1.465   0.027   7.288   1.00 22.29 ? 43  ARG A C   1 
ATOM   280 O O   . ARG A 1 43  ? 2.266   0.918   7.603   1.00 21.15 ? 43  ARG A O   1 
ATOM   281 C CB  . ARG A 1 43  ? 0.459   -0.933  9.364   1.00 24.58 ? 43  ARG A CB  1 
ATOM   282 C CG  . ARG A 1 43  ? 0.461   -2.104  10.287  1.00 29.47 ? 43  ARG A CG  1 
ATOM   283 C CD  . ARG A 1 43  ? -0.609  -3.087  9.910   1.00 33.52 ? 43  ARG A CD  1 
ATOM   284 N NE  . ARG A 1 43  ? -1.921  -2.455  9.834   1.00 38.28 ? 43  ARG A NE  1 
ATOM   285 C CZ  . ARG A 1 43  ? -3.039  -3.009  10.283  1.00 38.03 ? 43  ARG A CZ  1 
ATOM   286 N NH1 . ARG A 1 43  ? -3.048  -4.234  10.788  1.00 39.97 ? 43  ARG A NH1 1 
ATOM   287 N NH2 . ARG A 1 43  ? -4.175  -2.325  10.205  1.00 39.83 ? 43  ARG A NH2 1 
ATOM   288 N N   . LEU A 1 44  ? 0.665   0.104   6.221   1.00 22.34 ? 44  LEU A N   1 
ATOM   289 C CA  . LEU A 1 44  ? 0.809   1.176   5.242   1.00 22.67 ? 44  LEU A CA  1 
ATOM   290 C C   . LEU A 1 44  ? -0.527  1.848   5.020   1.00 22.25 ? 44  LEU A C   1 
ATOM   291 O O   . LEU A 1 44  ? -1.555  1.182   4.899   1.00 23.58 ? 44  LEU A O   1 
ATOM   292 C CB  . LEU A 1 44  ? 1.312   0.666   3.895   1.00 22.88 ? 44  LEU A CB  1 
ATOM   293 C CG  . LEU A 1 44  ? 2.784   0.267   3.827   1.00 23.49 ? 44  LEU A CG  1 
ATOM   294 C CD1 . LEU A 1 44  ? 2.897   -1.141  4.324   1.00 26.84 ? 44  LEU A CD1 1 
ATOM   295 C CD2 . LEU A 1 44  ? 3.269   0.328   2.419   1.00 26.60 ? 44  LEU A CD2 1 
ATOM   296 N N   . LEU A 1 45  ? -0.495  3.171   4.955   1.00 21.59 ? 45  LEU A N   1 
ATOM   297 C CA  . LEU A 1 45  ? -1.606  3.976   4.490   1.00 23.20 ? 45  LEU A CA  1 
ATOM   298 C C   . LEU A 1 45  ? -1.283  4.289   3.037   1.00 22.69 ? 45  LEU A C   1 
ATOM   299 O O   . LEU A 1 45  ? -0.202  4.828   2.745   1.00 21.74 ? 45  LEU A O   1 
ATOM   300 C CB  . LEU A 1 45  ? -1.717  5.248   5.335   1.00 23.21 ? 45  LEU A CB  1 
ATOM   301 C CG  . LEU A 1 45  ? -3.082  5.853   5.595   1.00 29.23 ? 45  LEU A CG  1 
ATOM   302 C CD1 . LEU A 1 45  ? -2.902  6.954   6.627   1.00 29.30 ? 45  LEU A CD1 1 
ATOM   303 C CD2 . LEU A 1 45  ? -3.707  6.362   4.312   1.00 28.35 ? 45  LEU A CD2 1 
ATOM   304 N N   . MET A 1 46  ? -2.137  3.846   2.110   1.00 22.65 ? 46  MET A N   1 
ATOM   305 C CA  . MET A 1 46  ? -1.787  3.968   0.701   1.00 23.38 ? 46  MET A CA  1 
ATOM   306 C C   . MET A 1 46  ? -2.841  4.785   -0.024  1.00 24.44 ? 46  MET A C   1 
ATOM   307 O O   . MET A 1 46  ? -3.978  4.867   0.426   1.00 23.66 ? 46  MET A O   1 
ATOM   308 C CB  . MET A 1 46  ? -1.683  2.614   0.009   1.00 25.46 ? 46  MET A CB  1 
ATOM   309 C CG  . MET A 1 46  ? -0.921  1.681   0.869   1.00 26.19 ? 46  MET A CG  1 
ATOM   310 S SD  . MET A 1 46  ? 0.772   1.817   0.391   1.00 29.43 ? 46  MET A SD  1 
ATOM   311 C CE  . MET A 1 46  ? 0.843   1.612   -1.378  1.00 26.60 ? 46  MET A CE  1 
ATOM   312 N N   . SER A 1 47  ? -2.452  5.337   -1.181  1.00 21.86 ? 47  SER A N   1 
ATOM   313 C CA  . SER A 1 47  ? -3.328  6.159   -2.010  1.00 24.64 ? 47  SER A CA  1 
ATOM   314 C C   . SER A 1 47  ? -3.317  5.636   -3.441  1.00 25.37 ? 47  SER A C   1 
ATOM   315 O O   . SER A 1 47  ? -2.252  5.347   -4.000  1.00 23.87 ? 47  SER A O   1 
ATOM   316 C CB  . SER A 1 47  ? -2.879  7.622   -2.008  1.00 25.16 ? 47  SER A CB  1 
ATOM   317 O OG  . SER A 1 47  ? -3.544  8.373   -3.035  1.00 25.83 ? 47  SER A OG  1 
ATOM   318 N N   . ASP A 1 48  ? -4.498  5.573   -4.062  1.00 25.21 ? 48  ASP A N   1 
ATOM   319 C CA  . ASP A 1 48  ? -4.569  5.302   -5.492  1.00 24.62 ? 48  ASP A CA  1 
ATOM   320 C C   . ASP A 1 48  ? -4.885  6.568   -6.287  1.00 26.20 ? 48  ASP A C   1 
ATOM   321 O O   . ASP A 1 48  ? -5.264  6.488   -7.463  1.00 26.60 ? 48  ASP A O   1 
ATOM   322 C CB  . ASP A 1 48  ? -5.565  4.162   -5.773  1.00 23.97 ? 48  ASP A CB  1 
ATOM   323 C CG  . ASP A 1 48  ? -7.014  4.558   -5.600  1.00 25.05 ? 48  ASP A CG  1 
ATOM   324 O OD1 . ASP A 1 48  ? -7.299  5.695   -5.181  1.00 24.44 ? 48  ASP A OD1 1 
ATOM   325 O OD2 . ASP A 1 48  ? -7.883  3.680   -5.819  1.00 23.70 ? 48  ASP A OD2 1 
ATOM   326 N N   . GLY A 1 49  ? -4.712  7.737   -5.669  1.00 25.87 ? 49  GLY A N   1 
ATOM   327 C CA  . GLY A 1 49  ? -4.979  9.016   -6.286  1.00 27.66 ? 49  GLY A CA  1 
ATOM   328 C C   . GLY A 1 49  ? -6.397  9.493   -6.074  1.00 27.65 ? 49  GLY A C   1 
ATOM   329 O O   . GLY A 1 49  ? -6.645  10.705  -6.062  1.00 29.24 ? 49  GLY A O   1 
ATOM   330 N N   . LEU A 1 50  ? -7.328  8.557   -5.898  1.00 26.44 ? 50  LEU A N   1 
ATOM   331 C CA  . LEU A 1 50  ? -8.731  8.845   -5.631  1.00 27.59 ? 50  LEU A CA  1 
ATOM   332 C C   . LEU A 1 50  ? -9.092  8.643   -4.168  1.00 26.04 ? 50  LEU A C   1 
ATOM   333 O O   . LEU A 1 50  ? -9.746  9.506   -3.566  1.00 27.24 ? 50  LEU A O   1 
ATOM   334 C CB  . LEU A 1 50  ? -9.618  7.962   -6.513  1.00 27.44 ? 50  LEU A CB  1 
ATOM   335 C CG  . LEU A 1 50  ? -11.130 8.057   -6.287  1.00 27.23 ? 50  LEU A CG  1 
ATOM   336 C CD1 . LEU A 1 50  ? -11.668 9.289   -6.933  1.00 27.71 ? 50  LEU A CD1 1 
ATOM   337 C CD2 . LEU A 1 50  ? -11.805 6.825   -6.889  1.00 27.45 ? 50  LEU A CD2 1 
ATOM   338 N N   . ASN A 1 51  ? -8.651  7.529   -3.585  1.00 26.14 ? 51  ASN A N   1 
ATOM   339 C CA  . ASN A 1 51  ? -8.935  7.195   -2.201  1.00 26.36 ? 51  ASN A CA  1 
ATOM   340 C C   . ASN A 1 51  ? -7.632  6.917   -1.487  1.00 26.53 ? 51  ASN A C   1 
ATOM   341 O O   . ASN A 1 51  ? -6.633  6.544   -2.110  1.00 26.79 ? 51  ASN A O   1 
ATOM   342 C CB  . ASN A 1 51  ? -9.807  5.953   -2.070  1.00 26.40 ? 51  ASN A CB  1 
ATOM   343 C CG  . ASN A 1 51  ? -11.202 6.181   -2.551  1.00 29.97 ? 51  ASN A CG  1 
ATOM   344 O OD1 . ASN A 1 51  ? -11.669 5.502   -3.473  1.00 26.08 ? 51  ASN A OD1 1 
ATOM   345 N ND2 . ASN A 1 51  ? -11.892 7.123   -1.927  1.00 29.44 ? 51  ASN A ND2 1 
ATOM   346 N N   . THR A 1 52  ? -7.675  7.073   -0.168  1.00 27.26 ? 52  THR A N   1 
ATOM   347 C CA  . THR A 1 52  ? -6.696  6.432   0.704   1.00 26.17 ? 52  THR A CA  1 
ATOM   348 C C   . THR A 1 52  ? -7.349  5.283   1.461   1.00 27.53 ? 52  THR A C   1 
ATOM   349 O O   . THR A 1 52  ? -8.570  5.216   1.605   1.00 28.73 ? 52  THR A O   1 
ATOM   350 C CB  . THR A 1 52  ? -6.093  7.420   1.708   1.00 27.76 ? 52  THR A CB  1 
ATOM   351 O OG1 . THR A 1 52  ? -7.130  7.948   2.542   1.00 28.51 ? 52  THR A OG1 1 
ATOM   352 C CG2 . THR A 1 52  ? -5.361  8.538   0.997   1.00 28.44 ? 52  THR A CG2 1 
ATOM   353 N N   . LEU A 1 53  ? -6.507  4.382   1.955   1.00 26.50 ? 53  LEU A N   1 
ATOM   354 C CA  . LEU A 1 53  ? -6.953  3.240   2.738   1.00 26.69 ? 53  LEU A CA  1 
ATOM   355 C C   . LEU A 1 53  ? -5.825  2.919   3.700   1.00 24.80 ? 53  LEU A C   1 
ATOM   356 O O   . LEU A 1 53  ? -4.660  2.894   3.289   1.00 24.95 ? 53  LEU A O   1 
ATOM   357 C CB  . LEU A 1 53  ? -7.259  2.029   1.853   1.00 28.05 ? 53  LEU A CB  1 
ATOM   358 C CG  . LEU A 1 53  ? -7.874  0.796   2.520   1.00 29.84 ? 53  LEU A CG  1 
ATOM   359 C CD1 . LEU A 1 53  ? -9.350  1.006   2.749   1.00 31.40 ? 53  LEU A CD1 1 
ATOM   360 C CD2 . LEU A 1 53  ? -7.651  -0.477  1.681   1.00 30.03 ? 53  LEU A CD2 1 
ATOM   361 N N   . SER A 1 54  ? -6.177  2.689   4.962   1.00 25.06 ? 54  SER A N   1 
ATOM   362 C CA  . SER A 1 54  ? -5.182  2.430   5.994   1.00 26.85 ? 54  SER A CA  1 
ATOM   363 C C   . SER A 1 54  ? -4.919  0.953   6.246   1.00 28.83 ? 54  SER A C   1 
ATOM   364 O O   . SER A 1 54  ? -3.959  0.629   6.961   1.00 28.03 ? 54  SER A O   1 
ATOM   365 C CB  . SER A 1 54  ? -5.618  3.110   7.303   1.00 30.55 ? 54  SER A CB  1 
ATOM   366 O OG  . SER A 1 54  ? -6.467  2.280   8.096   1.00 34.60 ? 54  SER A OG  1 
ATOM   367 N N   . SER A 1 55  ? -5.723  0.045   5.694   1.00 26.61 ? 55  SER A N   1 
ATOM   368 C CA  . SER A 1 55  ? -5.607  -1.360  6.106   1.00 26.42 ? 55  SER A CA  1 
ATOM   369 C C   . SER A 1 55  ? -4.662  -2.155  5.222   1.00 27.07 ? 55  SER A C   1 
ATOM   370 O O   . SER A 1 55  ? -4.956  -3.310  4.891   1.00 29.02 ? 55  SER A O   1 
ATOM   371 C CB  . SER A 1 55  ? -6.974  -2.025  6.123   1.00 31.35 ? 55  SER A CB  1 
ATOM   372 O OG  . SER A 1 55  ? -7.736  -1.578  5.022   1.00 34.33 ? 55  SER A OG  1 
ATOM   373 N N   . PHE A 1 56  ? -3.530  -1.607  4.808   1.00 24.90 ? 56  PHE A N   1 
ATOM   374 C CA  . PHE A 1 56  ? -2.543  -2.383  4.086   1.00 22.55 ? 56  PHE A CA  1 
ATOM   375 C C   . PHE A 1 56  ? -1.490  -2.886  5.067   1.00 24.30 ? 56  PHE A C   1 
ATOM   376 O O   . PHE A 1 56  ? -1.095  -2.169  5.993   1.00 24.00 ? 56  PHE A O   1 
ATOM   377 C CB  . PHE A 1 56  ? -1.853  -1.564  3.004   1.00 21.62 ? 56  PHE A CB  1 
ATOM   378 C CG  . PHE A 1 56  ? -2.719  -1.217  1.825   1.00 23.61 ? 56  PHE A CG  1 
ATOM   379 C CD1 . PHE A 1 56  ? -3.533  -0.093  1.845   1.00 26.60 ? 56  PHE A CD1 1 
ATOM   380 C CD2 . PHE A 1 56  ? -2.673  -1.992  0.678   1.00 23.26 ? 56  PHE A CD2 1 
ATOM   381 C CE1 . PHE A 1 56  ? -4.311  0.240   0.731   1.00 26.69 ? 56  PHE A CE1 1 
ATOM   382 C CE2 . PHE A 1 56  ? -3.432  -1.669  -0.434  1.00 24.23 ? 56  PHE A CE2 1 
ATOM   383 C CZ  . PHE A 1 56  ? -4.244  -0.557  -0.414  1.00 23.68 ? 56  PHE A CZ  1 
ATOM   384 N N   . MET A 1 57  ? -1.066  -4.126  4.882   1.00 24.15 ? 57  MET A N   1 
ATOM   385 C CA  . MET A 1 57  ? 0.078   -4.651  5.609   1.00 24.32 ? 57  MET A CA  1 
ATOM   386 C C   . MET A 1 57  ? 1.088   -5.209  4.624   1.00 23.49 ? 57  MET A C   1 
ATOM   387 O O   . MET A 1 57  ? 0.754   -5.608  3.501   1.00 22.70 ? 57  MET A O   1 
ATOM   388 C CB  . MET A 1 57  ? -0.292  -5.735  6.613   1.00 26.51 ? 57  MET A CB  1 
ATOM   389 C CG  . MET A 1 57  ? -1.510  -5.532  7.486   1.00 32.36 ? 57  MET A CG  1 
ATOM   390 S SD  . MET A 1 57  ? -2.148  -7.149  8.018   1.00 42.44 ? 57  MET A SD  1 
ATOM   391 C CE  . MET A 1 57  ? -0.852  -7.720  9.099   1.00 36.30 ? 57  MET A CE  1 
ATOM   392 N N   . LEU A 1 58  ? 2.337   -5.270  5.060   1.00 20.93 ? 58  LEU A N   1 
ATOM   393 C CA  . LEU A 1 58  ? 3.416   -5.727  4.202   1.00 20.40 ? 58  LEU A CA  1 
ATOM   394 C C   . LEU A 1 58  ? 3.781   -7.165  4.547   1.00 20.61 ? 58  LEU A C   1 
ATOM   395 O O   . LEU A 1 58  ? 3.996   -7.482  5.721   1.00 20.55 ? 58  LEU A O   1 
ATOM   396 C CB  . LEU A 1 58  ? 4.629   -4.838  4.405   1.00 22.84 ? 58  LEU A CB  1 
ATOM   397 C CG  . LEU A 1 58  ? 5.647   -4.848  3.312   1.00 21.45 ? 58  LEU A CG  1 
ATOM   398 C CD1 . LEU A 1 58  ? 5.096   -4.184  2.061   1.00 23.99 ? 58  LEU A CD1 1 
ATOM   399 C CD2 . LEU A 1 58  ? 6.836   -4.035  3.875   1.00 25.06 ? 58  LEU A CD2 1 
ATOM   400 N N   . ALA A 1 59  ? 3.868   -8.029  3.543   1.00 20.49 ? 59  ALA A N   1 
ATOM   401 C CA  . ALA A 1 59  ? 4.485   -9.331  3.773   1.00 22.23 ? 59  ALA A CA  1 
ATOM   402 C C   . ALA A 1 59  ? 5.890   -9.157  4.341   1.00 23.47 ? 59  ALA A C   1 
ATOM   403 O O   . ALA A 1 59  ? 6.644   -8.285  3.898   1.00 21.82 ? 59  ALA A O   1 
ATOM   404 C CB  . ALA A 1 59  ? 4.542   -10.124 2.462   1.00 23.80 ? 59  ALA A CB  1 
ATOM   405 N N   . THR A 1 60  ? 6.258   -10.017 5.305   1.00 23.88 ? 60  THR A N   1 
ATOM   406 C CA  . THR A 1 60  ? 7.567   -9.900  5.953   1.00 24.76 ? 60  THR A CA  1 
ATOM   407 C C   . THR A 1 60  ? 8.718   -10.016 4.971   1.00 24.91 ? 60  THR A C   1 
ATOM   408 O O   . THR A 1 60  ? 9.793   -9.446  5.209   1.00 25.47 ? 60  THR A O   1 
ATOM   409 C CB  . THR A 1 60  ? 7.702   -10.932 7.081   1.00 27.16 ? 60  THR A CB  1 
ATOM   410 O OG1 . THR A 1 60  ? 6.493   -10.956 7.857   1.00 29.65 ? 60  THR A OG1 1 
ATOM   411 C CG2 . THR A 1 60  ? 8.917   -10.648 7.978   1.00 31.94 ? 60  THR A CG2 1 
ATOM   412 N N   . GLN A 1 61  ? 8.519   -10.726 3.860   1.00 26.26 ? 61  GLN A N   1 
ATOM   413 C CA  . GLN A 1 61  ? 9.549   -10.847 2.836   1.00 27.72 ? 61  GLN A CA  1 
ATOM   414 C C   . GLN A 1 61  ? 9.943   -9.500  2.236   1.00 25.86 ? 61  GLN A C   1 
ATOM   415 O O   . GLN A 1 61  ? 11.056  -9.377  1.717   1.00 29.42 ? 61  GLN A O   1 
ATOM   416 C CB  . GLN A 1 61  ? 9.045   -11.787 1.741   1.00 28.55 ? 61  GLN A CB  1 
ATOM   417 C CG  . GLN A 1 61  ? 8.585   -13.135 2.291   1.00 35.39 ? 61  GLN A CG  1 
ATOM   418 C CD  . GLN A 1 61  ? 7.069   -13.189 2.538   1.00 32.71 ? 61  GLN A CD  1 
ATOM   419 O OE1 . GLN A 1 61  ? 6.590   -12.815 3.610   1.00 30.59 ? 61  GLN A OE1 1 
ATOM   420 N NE2 . GLN A 1 61  ? 6.312   -13.658 1.526   1.00 36.48 ? 61  GLN A NE2 1 
ATOM   421 N N   . LEU A 1 62  ? 9.072   -8.488  2.318   1.00 22.90 ? 62  LEU A N   1 
ATOM   422 C CA  . LEU A 1 62  ? 9.346   -7.151  1.801   1.00 22.33 ? 62  LEU A CA  1 
ATOM   423 C C   . LEU A 1 62  ? 9.940   -6.216  2.851   1.00 22.98 ? 62  LEU A C   1 
ATOM   424 O O   . LEU A 1 62  ? 10.216  -5.055  2.530   1.00 23.20 ? 62  LEU A O   1 
ATOM   425 C CB  . LEU A 1 62  ? 8.057   -6.523  1.239   1.00 23.84 ? 62  LEU A CB  1 
ATOM   426 C CG  . LEU A 1 62  ? 7.498   -7.184  -0.038  1.00 24.20 ? 62  LEU A CG  1 
ATOM   427 C CD1 . LEU A 1 62  ? 6.091   -6.729  -0.329  1.00 21.81 ? 62  LEU A CD1 1 
ATOM   428 C CD2 . LEU A 1 62  ? 8.371   -6.929  -1.234  1.00 25.51 ? 62  LEU A CD2 1 
ATOM   429 N N   . ASN A 1 63  ? 10.132  -6.686  4.085   1.00 22.86 ? 63  ASN A N   1 
ATOM   430 C CA  . ASN A 1 63  ? 10.655  -5.809  5.132   1.00 23.44 ? 63  ASN A CA  1 
ATOM   431 C C   . ASN A 1 63  ? 11.979  -5.154  4.763   1.00 24.59 ? 63  ASN A C   1 
ATOM   432 O O   . ASN A 1 63  ? 12.172  -3.987  5.137   1.00 23.96 ? 63  ASN A O   1 
ATOM   433 C CB  . ASN A 1 63  ? 10.803  -6.576  6.453   1.00 24.87 ? 63  ASN A CB  1 
ATOM   434 C CG  . ASN A 1 63  ? 9.484   -6.710  7.193   1.00 25.07 ? 63  ASN A CG  1 
ATOM   435 O OD1 . ASN A 1 63  ? 8.434   -6.449  6.626   1.00 22.39 ? 63  ASN A OD1 1 
ATOM   436 N ND2 . ASN A 1 63  ? 9.540   -7.095  8.467   1.00 27.26 ? 63  ASN A ND2 1 
ATOM   437 N N   . PRO A 1 64  ? 12.921  -5.822  4.089   1.00 26.60 ? 64  PRO A N   1 
ATOM   438 C CA  . PRO A 1 64  ? 14.186  -5.144  3.773   1.00 26.43 ? 64  PRO A CA  1 
ATOM   439 C C   . PRO A 1 64  ? 14.007  -3.896  2.932   1.00 27.09 ? 64  PRO A C   1 
ATOM   440 O O   . PRO A 1 64  ? 14.826  -2.978  3.034   1.00 27.25 ? 64  PRO A O   1 
ATOM   441 C CB  . PRO A 1 64  ? 14.989  -6.228  3.048   1.00 27.27 ? 64  PRO A CB  1 
ATOM   442 C CG  . PRO A 1 64  ? 14.485  -7.496  3.654   1.00 26.87 ? 64  PRO A CG  1 
ATOM   443 C CD  . PRO A 1 64  ? 13.010  -7.273  3.853   1.00 26.59 ? 64  PRO A CD  1 
ATOM   444 N N   . LEU A 1 65  ? 12.970  -3.825  2.101   1.00 25.30 ? 65  LEU A N   1 
ATOM   445 C CA  . LEU A 1 65  ? 12.739  -2.598  1.341   1.00 26.90 ? 65  LEU A CA  1 
ATOM   446 C C   . LEU A 1 65  ? 12.443  -1.424  2.255   1.00 29.78 ? 65  LEU A C   1 
ATOM   447 O O   . LEU A 1 65  ? 12.817  -0.288  1.950   1.00 30.49 ? 65  LEU A O   1 
ATOM   448 C CB  . LEU A 1 65  ? 11.575  -2.764  0.365   1.00 26.89 ? 65  LEU A CB  1 
ATOM   449 C CG  . LEU A 1 65  ? 11.790  -3.591  -0.900  1.00 28.87 ? 65  LEU A CG  1 
ATOM   450 C CD1 . LEU A 1 65  ? 10.477  -3.687  -1.671  1.00 28.03 ? 65  LEU A CD1 1 
ATOM   451 C CD2 . LEU A 1 65  ? 12.923  -3.057  -1.767  1.00 28.79 ? 65  LEU A CD2 1 
ATOM   452 N N   . VAL A 1 66  ? 11.767  -1.674  3.374   1.00 25.19 ? 66  VAL A N   1 
ATOM   453 C CA  . VAL A 1 66  ? 11.514  -0.606  4.327   1.00 27.99 ? 66  VAL A CA  1 
ATOM   454 C C   . VAL A 1 66  ? 12.771  -0.319  5.121   1.00 29.99 ? 66  VAL A C   1 
ATOM   455 O O   . VAL A 1 66  ? 13.142  0.841   5.350   1.00 31.13 ? 66  VAL A O   1 
ATOM   456 C CB  . VAL A 1 66  ? 10.340  -1.000  5.241   1.00 25.60 ? 66  VAL A CB  1 
ATOM   457 C CG1 . VAL A 1 66  ? 9.987   0.138   6.175   1.00 28.56 ? 66  VAL A CG1 1 
ATOM   458 C CG2 . VAL A 1 66  ? 9.154   -1.424  4.408   1.00 27.25 ? 66  VAL A CG2 1 
ATOM   459 N N   . GLU A 1 67  ? 13.469  -1.376  5.516   1.00 29.99 ? 67  GLU A N   1 
ATOM   460 C CA  . GLU A 1 67  ? 14.581  -1.224  6.427   1.00 30.47 ? 67  GLU A CA  1 
ATOM   461 C C   . GLU A 1 67  ? 15.772  -0.584  5.732   1.00 33.75 ? 67  GLU A C   1 
ATOM   462 O O   . GLU A 1 67  ? 16.559  0.111   6.377   1.00 37.59 ? 67  GLU A O   1 
ATOM   463 C CB  . GLU A 1 67  ? 14.887  -2.595  7.025   1.00 31.61 ? 67  GLU A CB  1 
ATOM   464 C CG  . GLU A 1 67  ? 14.004  -2.782  8.259   1.00 36.15 ? 67  GLU A CG  1 
ATOM   465 C CD  . GLU A 1 67  ? 13.713  -4.229  8.609   1.00 39.75 ? 67  GLU A CD  1 
ATOM   466 O OE1 . GLU A 1 67  ? 12.692  -4.481  9.317   1.00 39.04 ? 67  GLU A OE1 1 
ATOM   467 O OE2 . GLU A 1 67  ? 14.510  -5.099  8.197   1.00 41.04 ? 67  GLU A OE2 1 
ATOM   468 N N   . GLU A 1 68  ? 15.883  -0.744  4.415   1.00 32.01 ? 68  GLU A N   1 
ATOM   469 C CA  . GLU A 1 68  ? 16.894  -0.046  3.633   1.00 36.13 ? 68  GLU A CA  1 
ATOM   470 C C   . GLU A 1 68  ? 16.332  1.197   2.959   1.00 36.79 ? 68  GLU A C   1 
ATOM   471 O O   . GLU A 1 68  ? 16.937  1.719   2.021   1.00 38.27 ? 68  GLU A O   1 
ATOM   472 C CB  . GLU A 1 68  ? 17.503  -0.981  2.595   1.00 34.36 ? 68  GLU A CB  1 
ATOM   473 C CG  . GLU A 1 68  ? 18.014  -2.298  3.161   1.00 34.49 ? 68  GLU A CG  1 
ATOM   474 C CD  . GLU A 1 68  ? 19.120  -2.131  4.155   1.00 38.49 ? 68  GLU A CD  1 
ATOM   475 O OE1 . GLU A 1 68  ? 19.852  -1.118  4.074   1.00 40.62 ? 68  GLU A OE1 1 
ATOM   476 O OE2 . GLU A 1 68  ? 19.309  -3.039  4.999   1.00 41.73 ? 68  GLU A OE2 1 
ATOM   477 N N   . GLU A 1 69  ? 15.164  1.653   3.396   1.00 34.39 ? 69  GLU A N   1 
ATOM   478 C CA  . GLU A 1 69  ? 14.628  2.969   3.071   1.00 37.65 ? 69  GLU A CA  1 
ATOM   479 C C   . GLU A 1 69  ? 14.287  3.158   1.592   1.00 39.41 ? 69  GLU A C   1 
ATOM   480 O O   . GLU A 1 69  ? 14.138  4.301   1.137   1.00 40.61 ? 69  GLU A O   1 
ATOM   481 C CB  . GLU A 1 69  ? 15.567  4.087   3.554   1.00 40.90 ? 69  GLU A CB  1 
ATOM   482 C CG  . GLU A 1 69  ? 15.651  4.220   5.090   1.00 42.87 ? 69  GLU A CG  1 
ATOM   483 C CD  . GLU A 1 69  ? 16.997  4.725   5.593   1.00 48.24 ? 69  GLU A CD  1 
ATOM   484 O OE1 . GLU A 1 69  ? 17.505  5.711   5.023   1.00 50.11 ? 69  GLU A OE1 1 
ATOM   485 O OE2 . GLU A 1 69  ? 17.538  4.168   6.576   1.00 50.73 ? 69  GLU A OE2 1 
ATOM   486 N N   . GLN A 1 70  ? 14.092  2.084   0.823   1.00 34.92 ? 70  GLN A N   1 
ATOM   487 C CA  . GLN A 1 70  ? 13.617  2.283   -0.542  1.00 36.98 ? 70  GLN A CA  1 
ATOM   488 C C   . GLN A 1 70  ? 12.094  2.338   -0.620  1.00 36.67 ? 70  GLN A C   1 
ATOM   489 O O   . GLN A 1 70  ? 11.535  3.030   -1.487  1.00 38.26 ? 70  GLN A O   1 
ATOM   490 C CB  . GLN A 1 70  ? 14.210  1.200   -1.463  1.00 37.27 ? 70  GLN A CB  1 
ATOM   491 C CG  . GLN A 1 70  ? 15.661  1.511   -1.919  1.00 41.15 ? 70  GLN A CG  1 
ATOM   492 C CD  . GLN A 1 70  ? 16.726  0.835   -1.051  1.00 42.22 ? 70  GLN A CD  1 
ATOM   493 O OE1 . GLN A 1 70  ? 16.400  -0.001  -0.204  1.00 41.06 ? 70  GLN A OE1 1 
ATOM   494 N NE2 . GLN A 1 70  ? 18.000  1.207   -1.242  1.00 39.88 ? 70  GLN A NE2 1 
ATOM   495 N N   . LEU A 1 71  ? 11.403  1.677   0.300   1.00 34.26 ? 71  LEU A N   1 
ATOM   496 C CA  . LEU A 1 71  ? 9.953   1.757   0.426   1.00 34.97 ? 71  LEU A CA  1 
ATOM   497 C C   . LEU A 1 71  ? 9.651   2.729   1.567   1.00 34.20 ? 71  LEU A C   1 
ATOM   498 O O   . LEU A 1 71  ? 9.795   2.382   2.742   1.00 34.48 ? 71  LEU A O   1 
ATOM   499 C CB  . LEU A 1 71  ? 9.383   0.367   0.687   1.00 32.40 ? 71  LEU A CB  1 
ATOM   500 C CG  . LEU A 1 71  ? 7.866   0.186   0.677   1.00 31.71 ? 71  LEU A CG  1 
ATOM   501 C CD1 . LEU A 1 71  ? 7.329   0.558   -0.667  1.00 30.89 ? 71  LEU A CD1 1 
ATOM   502 C CD2 . LEU A 1 71  ? 7.494   -1.246  0.989   1.00 30.81 ? 71  LEU A CD2 1 
ATOM   503 N N   . SER A 1 72  ? 9.261   3.955   1.231   1.00 35.47 ? 72  SER A N   1 
ATOM   504 C CA  . SER A 1 72  ? 9.085   4.979   2.253   1.00 33.41 ? 72  SER A CA  1 
ATOM   505 C C   . SER A 1 72  ? 7.948   5.910   1.859   1.00 32.96 ? 72  SER A C   1 
ATOM   506 O O   . SER A 1 72  ? 7.473   5.910   0.720   1.00 30.88 ? 72  SER A O   1 
ATOM   507 C CB  . SER A 1 72  ? 10.367  5.788   2.478   1.00 35.51 ? 72  SER A CB  1 
ATOM   508 O OG  . SER A 1 72  ? 10.675  6.575   1.340   1.00 37.70 ? 72  SER A OG  1 
ATOM   509 N N   . SER A 1 73  ? 7.528   6.724   2.822   1.00 33.16 ? 73  SER A N   1 
ATOM   510 C CA  . SER A 1 73  ? 6.399   7.614   2.603   1.00 33.09 ? 73  SER A CA  1 
ATOM   511 C C   . SER A 1 73  ? 6.652   8.518   1.405   1.00 34.10 ? 73  SER A C   1 
ATOM   512 O O   . SER A 1 73  ? 7.747   9.070   1.248   1.00 35.38 ? 73  SER A O   1 
ATOM   513 C CB  . SER A 1 73  ? 6.135   8.429   3.865   1.00 34.42 ? 73  SER A CB  1 
ATOM   514 O OG  . SER A 1 73  ? 5.944   7.566   4.977   1.00 34.42 ? 73  SER A OG  1 
ATOM   515 N N   . ASN A 1 74  ? 5.632   8.647   0.559   1.00 32.59 ? 74  ASN A N   1 
ATOM   516 C CA  . ASN A 1 74  ? 5.517   9.402   -0.685  1.00 31.90 ? 74  ASN A CA  1 
ATOM   517 C C   . ASN A 1 74  ? 6.081   8.674   -1.896  1.00 33.53 ? 74  ASN A C   1 
ATOM   518 O O   . ASN A 1 74  ? 5.884   9.144   -3.017  1.00 35.44 ? 74  ASN A O   1 
ATOM   519 C CB  . ASN A 1 74  ? 6.137   10.811  -0.605  1.00 36.79 ? 74  ASN A CB  1 
ATOM   520 C CG  . ASN A 1 74  ? 5.369   11.678  0.328   1.00 38.70 ? 74  ASN A CG  1 
ATOM   521 O OD1 . ASN A 1 74  ? 4.140   11.685  0.273   1.00 38.06 ? 74  ASN A OD1 1 
ATOM   522 N ND2 . ASN A 1 74  ? 6.060   12.393  1.205   1.00 41.21 ? 74  ASN A ND2 1 
ATOM   523 N N   . CYS A 1 75  ? 6.751   7.539   -1.729  1.00 32.12 ? 75  CYS A N   1 
ATOM   524 C CA  . CYS A 1 75  ? 7.188   6.787   -2.889  1.00 32.32 ? 75  CYS A CA  1 
ATOM   525 C C   . CYS A 1 75  ? 5.992   6.202   -3.633  1.00 29.93 ? 75  CYS A C   1 
ATOM   526 O O   . CYS A 1 75  ? 4.890   6.091   -3.098  1.00 29.77 ? 75  CYS A O   1 
ATOM   527 C CB  . CYS A 1 75  ? 8.176   5.709   -2.449  1.00 32.81 ? 75  CYS A CB  1 
ATOM   528 S SG  . CYS A 1 75  ? 7.417   4.155   -2.002  1.00 30.46 ? 75  CYS A SG  1 
ATOM   529 N N   . VAL A 1 76  ? 6.206   5.870   -4.899  1.00 30.44 ? 76  VAL A N   1 
ATOM   530 C CA  . VAL A 1 76  ? 5.161   5.315   -5.755  1.00 29.94 ? 76  VAL A CA  1 
ATOM   531 C C   . VAL A 1 76  ? 5.582   3.901   -6.114  1.00 30.59 ? 76  VAL A C   1 
ATOM   532 O O   . VAL A 1 76  ? 6.706   3.684   -6.585  1.00 30.45 ? 76  VAL A O   1 
ATOM   533 C CB  . VAL A 1 76  ? 4.939   6.180   -7.014  1.00 32.30 ? 76  VAL A CB  1 
ATOM   534 C CG1 . VAL A 1 76  ? 4.135   5.439   -8.070  1.00 30.52 ? 76  VAL A CG1 1 
ATOM   535 C CG2 . VAL A 1 76  ? 4.263   7.493   -6.641  1.00 32.42 ? 76  VAL A CG2 1 
ATOM   536 N N   . CYS A 1 77  ? 4.690   2.941   -5.891  1.00 27.72 ? 77  CYS A N   1 
ATOM   537 C CA  . CYS A 1 77  ? 5.004   1.547   -6.172  1.00 28.38 ? 77  CYS A CA  1 
ATOM   538 C C   . CYS A 1 77  ? 3.964   0.954   -7.101  1.00 27.51 ? 77  CYS A C   1 
ATOM   539 O O   . CYS A 1 77  ? 2.818   1.423   -7.185  1.00 28.17 ? 77  CYS A O   1 
ATOM   540 C CB  A CYS A 1 77  ? 4.990   0.666   -4.909  0.43 27.91 ? 77  CYS A CB  1 
ATOM   541 C CB  B CYS A 1 77  ? 5.118   0.735   -4.889  0.57 26.80 ? 77  CYS A CB  1 
ATOM   542 S SG  A CYS A 1 77  ? 5.982   1.130   -3.522  0.43 27.68 ? 77  CYS A SG  1 
ATOM   543 S SG  B CYS A 1 77  ? 3.702   0.888   -3.885  0.57 24.20 ? 77  CYS A SG  1 
ATOM   544 N N   . GLN A 1 78  ? 4.346   -0.137  -7.747  1.00 27.34 ? 78  GLN A N   1 
ATOM   545 C CA  . GLN A 1 78  ? 3.388   -0.990  -8.432  1.00 26.05 ? 78  GLN A CA  1 
ATOM   546 C C   . GLN A 1 78  ? 3.238   -2.266  -7.637  1.00 26.95 ? 78  GLN A C   1 
ATOM   547 O O   . GLN A 1 78  ? 4.242   -2.918  -7.335  1.00 25.88 ? 78  GLN A O   1 
ATOM   548 C CB  . GLN A 1 78  ? 3.832   -1.344  -9.848  1.00 28.25 ? 78  GLN A CB  1 
ATOM   549 C CG  . GLN A 1 78  ? 2.760   -2.135  -10.575 1.00 27.75 ? 78  GLN A CG  1 
ATOM   550 C CD  . GLN A 1 78  ? 2.879   -2.028  -12.075 1.00 31.22 ? 78  GLN A CD  1 
ATOM   551 O OE1 . GLN A 1 78  ? 3.951   -1.724  -12.598 1.00 35.18 ? 78  GLN A OE1 1 
ATOM   552 N NE2 . GLN A 1 78  ? 1.763   -2.235  -12.781 1.00 33.40 ? 78  GLN A NE2 1 
ATOM   553 N N   . ILE A 1 79  ? 2.001   -2.607  -7.291  1.00 22.97 ? 79  ILE A N   1 
ATOM   554 C CA  . ILE A 1 79  ? 1.727   -3.847  -6.576  1.00 24.22 ? 79  ILE A CA  1 
ATOM   555 C C   . ILE A 1 79  ? 1.602   -4.981  -7.587  1.00 26.31 ? 79  ILE A C   1 
ATOM   556 O O   . ILE A 1 79  ? 0.755   -4.935  -8.482  1.00 25.72 ? 79  ILE A O   1 
ATOM   557 C CB  . ILE A 1 79  ? 0.449   -3.738  -5.733  1.00 23.41 ? 79  ILE A CB  1 
ATOM   558 C CG1 . ILE A 1 79  ? 0.474   -2.504  -4.816  1.00 23.72 ? 79  ILE A CG1 1 
ATOM   559 C CG2 . ILE A 1 79  ? 0.214   -5.056  -4.991  1.00 23.21 ? 79  ILE A CG2 1 
ATOM   560 C CD1 . ILE A 1 79  ? 1.784   -2.302  -4.091  1.00 22.99 ? 79  ILE A CD1 1 
ATOM   561 N N   . HIS A 1 80  ? 2.423   -6.019  -7.429  1.00 23.50 ? 80  HIS A N   1 
ATOM   562 C CA  . HIS A 1 80  ? 2.386   -7.156  -8.341  1.00 24.40 ? 80  HIS A CA  1 
ATOM   563 C C   . HIS A 1 80  ? 1.649   -8.364  -7.796  1.00 25.81 ? 80  HIS A C   1 
ATOM   564 O O   . HIS A 1 80  ? 1.225   -9.218  -8.584  1.00 27.39 ? 80  HIS A O   1 
ATOM   565 C CB  . HIS A 1 80  ? 3.814   -7.568  -8.722  1.00 25.10 ? 80  HIS A CB  1 
ATOM   566 C CG  . HIS A 1 80  ? 4.456   -6.627  -9.684  1.00 27.45 ? 80  HIS A CG  1 
ATOM   567 N ND1 . HIS A 1 80  ? 4.206   -6.676  -11.036 1.00 29.31 ? 80  HIS A ND1 1 
ATOM   568 C CD2 . HIS A 1 80  ? 5.310   -5.593  -9.491  1.00 28.96 ? 80  HIS A CD2 1 
ATOM   569 C CE1 . HIS A 1 80  ? 4.891   -5.717  -11.639 1.00 31.53 ? 80  HIS A CE1 1 
ATOM   570 N NE2 . HIS A 1 80  ? 5.569   -5.047  -10.726 1.00 32.06 ? 80  HIS A NE2 1 
ATOM   571 N N   . ARG A 1 81  ? 1.503   -8.484  -6.476  1.00 23.90 ? 81  ARG A N   1 
ATOM   572 C CA  . ARG A 1 81  ? 0.705   -9.577  -5.935  1.00 24.52 ? 81  ARG A CA  1 
ATOM   573 C C   . ARG A 1 81  ? 0.181   -9.140  -4.587  1.00 24.51 ? 81  ARG A C   1 
ATOM   574 O O   . ARG A 1 81  ? 0.944   -8.583  -3.800  1.00 20.96 ? 81  ARG A O   1 
ATOM   575 C CB  . ARG A 1 81  ? 1.517   -10.869 -5.787  1.00 25.30 ? 81  ARG A CB  1 
ATOM   576 C CG  . ARG A 1 81  ? 0.646   -12.081 -5.450  1.00 28.93 ? 81  ARG A CG  1 
ATOM   577 C CD  . ARG A 1 81  ? 1.387   -13.407 -5.653  1.00 30.65 ? 81  ARG A CD  1 
ATOM   578 N NE  . ARG A 1 81  ? 2.401   -13.654 -4.634  1.00 30.53 ? 81  ARG A NE  1 
ATOM   579 C CZ  . ARG A 1 81  ? 2.156   -14.212 -3.452  1.00 32.88 ? 81  ARG A CZ  1 
ATOM   580 N NH1 . ARG A 1 81  ? 0.926   -14.533 -3.083  1.00 32.91 ? 81  ARG A NH1 1 
ATOM   581 N NH2 . ARG A 1 81  ? 3.174   -14.445 -2.620  1.00 31.16 ? 81  ARG A NH2 1 
ATOM   582 N N   . PHE A 1 82  ? -1.111  -9.349  -4.337  1.00 23.32 ? 82  PHE A N   1 
ATOM   583 C CA  . PHE A 1 82  ? -1.664  -9.027  -3.026  1.00 22.86 ? 82  PHE A CA  1 
ATOM   584 C C   . PHE A 1 82  ? -2.811  -9.978  -2.713  1.00 24.03 ? 82  PHE A C   1 
ATOM   585 O O   . PHE A 1 82  ? -3.352  -10.662 -3.595  1.00 23.79 ? 82  PHE A O   1 
ATOM   586 C CB  . PHE A 1 82  ? -2.124  -7.562  -2.946  1.00 22.17 ? 82  PHE A CB  1 
ATOM   587 C CG  . PHE A 1 82  ? -3.235  -7.217  -3.889  1.00 24.62 ? 82  PHE A CG  1 
ATOM   588 C CD1 . PHE A 1 82  ? -2.954  -6.807  -5.178  1.00 26.69 ? 82  PHE A CD1 1 
ATOM   589 C CD2 . PHE A 1 82  ? -4.554  -7.281  -3.485  1.00 27.02 ? 82  PHE A CD2 1 
ATOM   590 C CE1 . PHE A 1 82  ? -3.967  -6.485  -6.055  1.00 28.31 ? 82  PHE A CE1 1 
ATOM   591 C CE2 . PHE A 1 82  ? -5.585  -6.963  -4.359  1.00 30.65 ? 82  PHE A CE2 1 
ATOM   592 C CZ  . PHE A 1 82  ? -5.292  -6.562  -5.640  1.00 31.94 ? 82  PHE A CZ  1 
ATOM   593 N N   . ILE A 1 83  ? -3.155  -10.030 -1.419  1.00 23.37 ? 83  ILE A N   1 
ATOM   594 C CA  . ILE A 1 83  ? -4.241  -10.837 -0.879  1.00 26.36 ? 83  ILE A CA  1 
ATOM   595 C C   . ILE A 1 83  ? -5.191  -9.904  -0.140  1.00 25.35 ? 83  ILE A C   1 
ATOM   596 O O   . ILE A 1 83  ? -4.760  -8.904  0.442   1.00 23.66 ? 83  ILE A O   1 
ATOM   597 C CB  . ILE A 1 83  ? -3.679  -11.918 0.081   1.00 25.69 ? 83  ILE A CB  1 
ATOM   598 C CG1 . ILE A 1 83  ? -2.985  -13.020 -0.707  1.00 31.09 ? 83  ILE A CG1 1 
ATOM   599 C CG2 . ILE A 1 83  ? -4.759  -12.512 1.000   1.00 30.75 ? 83  ILE A CG2 1 
ATOM   600 C CD1 . ILE A 1 83  ? -1.799  -13.631 0.053   1.00 30.37 ? 83  ILE A CD1 1 
ATOM   601 N N   . VAL A 1 84  ? -6.490  -10.212 -0.162  1.00 24.34 ? 84  VAL A N   1 
ATOM   602 C CA  . VAL A 1 84  ? -7.448  -9.530  0.701   1.00 26.37 ? 84  VAL A CA  1 
ATOM   603 C C   . VAL A 1 84  ? -8.018  -10.538 1.682   1.00 27.40 ? 84  VAL A C   1 
ATOM   604 O O   . VAL A 1 84  ? -8.594  -11.563 1.281   1.00 26.90 ? 84  VAL A O   1 
ATOM   605 C CB  . VAL A 1 84  ? -8.585  -8.859  -0.085  1.00 27.50 ? 84  VAL A CB  1 
ATOM   606 C CG1 . VAL A 1 84  ? -9.486  -8.079  0.859   1.00 30.11 ? 84  VAL A CG1 1 
ATOM   607 C CG2 . VAL A 1 84  ? -8.024  -7.958  -1.149  1.00 26.99 ? 84  VAL A CG2 1 
ATOM   608 N N   . ASN A 1 85  ? -7.905  -10.227 2.968   1.00 28.53 ? 85  ASN A N   1 
ATOM   609 C CA  . ASN A 1 85  ? -8.532  -10.996 4.033   1.00 30.84 ? 85  ASN A CA  1 
ATOM   610 C C   . ASN A 1 85  ? -9.643  -10.195 4.693   1.00 33.08 ? 85  ASN A C   1 
ATOM   611 O O   . ASN A 1 85  ? -9.590  -8.964  4.750   1.00 30.74 ? 85  ASN A O   1 
ATOM   612 C CB  . ASN A 1 85  ? -7.513  -11.359 5.099   1.00 29.67 ? 85  ASN A CB  1 
ATOM   613 C CG  . ASN A 1 85  ? -6.687  -12.549 4.713   1.00 31.67 ? 85  ASN A CG  1 
ATOM   614 O OD1 . ASN A 1 85  ? -7.079  -13.349 3.854   1.00 31.11 ? 85  ASN A OD1 1 
ATOM   615 N ND2 . ASN A 1 85  ? -5.528  -12.670 5.330   1.00 27.30 ? 85  ASN A ND2 1 
ATOM   616 N N   . THR A 1 86  ? -10.639 -10.905 5.217   1.00 33.34 ? 86  THR A N   1 
ATOM   617 C CA  . THR A 1 86  ? -11.669 -10.318 6.067   1.00 39.84 ? 86  THR A CA  1 
ATOM   618 C C   . THR A 1 86  ? -11.438 -10.745 7.511   1.00 41.62 ? 86  THR A C   1 
ATOM   619 O O   . THR A 1 86  ? -11.490 -11.938 7.822   1.00 44.05 ? 86  THR A O   1 
ATOM   620 C CB  . THR A 1 86  ? -13.062 -10.726 5.605   1.00 40.13 ? 86  THR A CB  1 
ATOM   621 O OG1 . THR A 1 86  ? -13.212 -10.427 4.211   1.00 41.91 ? 86  THR A OG1 1 
ATOM   622 C CG2 . THR A 1 86  ? -14.117 -9.993  6.411   1.00 44.05 ? 86  THR A CG2 1 
ATOM   623 N N   . LEU A 1 87  ? -11.190 -9.772  8.384   1.00 41.49 ? 87  LEU A N   1 
ATOM   624 C CA  . LEU A 1 87  ? -10.905 -10.051 9.784   1.00 45.71 ? 87  LEU A CA  1 
ATOM   625 C C   . LEU A 1 87  ? -12.161 -10.537 10.509  1.00 49.38 ? 87  LEU A C   1 
ATOM   626 O O   . LEU A 1 87  ? -13.281 -10.472 9.991   1.00 48.25 ? 87  LEU A O   1 
ATOM   627 C CB  . LEU A 1 87  ? -10.347 -8.806  10.475  1.00 45.07 ? 87  LEU A CB  1 
ATOM   628 C CG  . LEU A 1 87  ? -9.074  -8.182  9.902   1.00 43.08 ? 87  LEU A CG  1 
ATOM   629 C CD1 . LEU A 1 87  ? -8.455  -7.236  10.914  1.00 41.75 ? 87  LEU A CD1 1 
ATOM   630 C CD2 . LEU A 1 87  ? -8.070  -9.255  9.523   1.00 40.94 ? 87  LEU A CD2 1 
ATOM   631 N N   . LYS A 1 88  ? -11.949 -11.035 11.735  1.00 49.21 ? 88  LYS A N   1 
ATOM   632 C CA  . LYS A 1 88  ? -13.051 -11.549 12.545  1.00 49.72 ? 88  LYS A CA  1 
ATOM   633 C C   . LYS A 1 88  ? -14.100 -10.477 12.788  1.00 50.14 ? 88  LYS A C   1 
ATOM   634 O O   . LYS A 1 88  ? -15.303 -10.729 12.650  1.00 50.71 ? 88  LYS A O   1 
ATOM   635 C CB  . LYS A 1 88  ? -12.517 -12.090 13.872  1.00 50.14 ? 88  LYS A CB  1 
ATOM   636 N N   . ASP A 1 89  ? -13.661 -9.272  13.147  1.00 50.60 ? 89  ASP A N   1 
ATOM   637 C CA  . ASP A 1 89  ? -14.581 -8.171  13.415  1.00 52.43 ? 89  ASP A CA  1 
ATOM   638 C C   . ASP A 1 89  ? -15.267 -7.695  12.138  1.00 51.69 ? 89  ASP A C   1 
ATOM   639 N N   . GLY A 1 90  ? -14.675 -8.043  11.000  1.00 51.03 ? 90  GLY A N   1 
ATOM   640 C C   . GLY A 1 90  ? -14.808 -6.352  8.560   1.00 46.52 ? 90  GLY A C   1 
ATOM   641 O O   . GLY A 1 90  ? -14.776 -6.612  7.356   1.00 46.00 ? 90  GLY A O   1 
ATOM   642 N N   . ARG A 1 91  ? -13.732 -5.973  9.246   1.00 46.65 ? 91  ARG A N   1 
ATOM   643 C CA  . ARG A 1 91  ? -12.702 -5.152  8.625   1.00 42.66 ? 91  ARG A CA  1 
ATOM   644 C C   . ARG A 1 91  ? -11.914 -5.964  7.602   1.00 40.89 ? 91  ARG A C   1 
ATOM   645 O O   . ARG A 1 91  ? -11.397 -7.040  7.917   1.00 41.76 ? 91  ARG A O   1 
ATOM   646 C CB  . ARG A 1 91  ? -11.761 -4.584  9.690   1.00 44.65 ? 91  ARG A CB  1 
ATOM   647 C CG  . ARG A 1 91  ? -11.216 -3.198  9.359   1.00 46.25 ? 91  ARG A CG  1 
ATOM   648 C CD  . ARG A 1 91  ? -10.196 -2.718  10.389  1.00 44.62 ? 91  ARG A CD  1 
ATOM   649 N NE  . ARG A 1 91  ? -9.405  -1.602  9.880   1.00 44.46 ? 91  ARG A NE  1 
ATOM   650 C CZ  . ARG A 1 91  ? -9.747  -0.326  10.016  1.00 44.29 ? 91  ARG A CZ  1 
ATOM   651 N NH1 . ARG A 1 91  ? -10.903 0.024   10.560  1.00 42.02 ? 91  ARG A NH1 1 
ATOM   652 N NH2 . ARG A 1 91  ? -8.917  0.620   9.577   1.00 44.97 ? 91  ARG A NH2 1 
ATOM   653 N N   . ARG A 1 92  ? -11.830 -5.458  6.372   1.00 39.70 ? 92  ARG A N   1 
ATOM   654 C CA  . ARG A 1 92  ? -10.971 -6.064  5.364   1.00 36.82 ? 92  ARG A CA  1 
ATOM   655 C C   . ARG A 1 92  ? -9.567  -5.482  5.435   1.00 34.30 ? 92  ARG A C   1 
ATOM   656 O O   . ARG A 1 92  ? -9.376  -4.308  5.756   1.00 33.57 ? 92  ARG A O   1 
ATOM   657 C CB  . ARG A 1 92  ? -11.548 -5.895  3.954   1.00 37.62 ? 92  ARG A CB  1 
ATOM   658 C CG  . ARG A 1 92  ? -12.785 -6.763  3.682   1.00 42.07 ? 92  ARG A CG  1 
ATOM   659 C CD  . ARG A 1 92  ? -13.804 -6.141  2.737   1.00 43.82 ? 92  ARG A CD  1 
ATOM   660 N NE  . ARG A 1 92  ? -13.352 -6.335  1.361   1.00 45.23 ? 92  ARG A NE  1 
ATOM   661 C CZ  . ARG A 1 92  ? -13.628 -7.396  0.612   1.00 44.02 ? 92  ARG A CZ  1 
ATOM   662 N NH1 . ARG A 1 92  ? -14.341 -8.405  1.080   1.00 47.45 ? 92  ARG A NH1 1 
ATOM   663 N NH2 . ARG A 1 92  ? -13.145 -7.458  -0.629  1.00 42.19 ? 92  ARG A NH2 1 
ATOM   664 N N   . VAL A 1 93  ? -8.573  -6.328  5.150   1.00 29.56 ? 93  VAL A N   1 
ATOM   665 C CA  . VAL A 1 93  ? -7.165  -5.957  5.193   1.00 28.51 ? 93  VAL A CA  1 
ATOM   666 C C   . VAL A 1 93  ? -6.541  -6.442  3.893   1.00 26.12 ? 93  VAL A C   1 
ATOM   667 O O   . VAL A 1 93  ? -6.915  -7.503  3.384   1.00 25.87 ? 93  VAL A O   1 
ATOM   668 C CB  . VAL A 1 93  ? -6.442  -6.565  6.415   1.00 30.83 ? 93  VAL A CB  1 
ATOM   669 C CG1 . VAL A 1 93  ? -4.964  -6.215  6.401   1.00 31.84 ? 93  VAL A CG1 1 
ATOM   670 C CG2 . VAL A 1 93  ? -7.110  -6.114  7.709   1.00 33.53 ? 93  VAL A CG2 1 
ATOM   671 N N   . VAL A 1 94  ? -5.611  -5.658  3.349   1.00 22.87 ? 94  VAL A N   1 
ATOM   672 C CA  . VAL A 1 94  ? -4.916  -5.987  2.110   1.00 21.93 ? 94  VAL A CA  1 
ATOM   673 C C   . VAL A 1 94  ? -3.463  -6.240  2.445   1.00 22.44 ? 94  VAL A C   1 
ATOM   674 O O   . VAL A 1 94  ? -2.771  -5.349  2.944   1.00 22.38 ? 94  VAL A O   1 
ATOM   675 C CB  . VAL A 1 94  ? -5.029  -4.860  1.075   1.00 22.00 ? 94  VAL A CB  1 
ATOM   676 C CG1 . VAL A 1 94  ? -4.378  -5.292  -0.241  1.00 22.75 ? 94  VAL A CG1 1 
ATOM   677 C CG2 . VAL A 1 94  ? -6.494  -4.468  0.878   1.00 24.95 ? 94  VAL A CG2 1 
ATOM   678 N N   . ILE A 1 95  ? -2.982  -7.434  2.141   1.00 20.82 ? 95  ILE A N   1 
ATOM   679 C CA  . ILE A 1 95  ? -1.597  -7.775  2.400   1.00 21.87 ? 95  ILE A CA  1 
ATOM   680 C C   . ILE A 1 95  ? -0.844  -7.714  1.084   1.00 21.12 ? 95  ILE A C   1 
ATOM   681 O O   . ILE A 1 95  ? -1.201  -8.401  0.114   1.00 20.76 ? 95  ILE A O   1 
ATOM   682 C CB  . ILE A 1 95  ? -1.481  -9.160  3.046   1.00 21.85 ? 95  ILE A CB  1 
ATOM   683 C CG1 . ILE A 1 95  ? -2.335  -9.226  4.323   1.00 23.45 ? 95  ILE A CG1 1 
ATOM   684 C CG2 . ILE A 1 95  ? -0.011  -9.435  3.331   1.00 22.14 ? 95  ILE A CG2 1 
ATOM   685 C CD1 . ILE A 1 95  ? -3.724  -9.817  4.135   1.00 26.25 ? 95  ILE A CD1 1 
ATOM   686 N N   . LEU A 1 96  ? 0.178   -6.870  1.048   1.00 20.28 ? 96  LEU A N   1 
ATOM   687 C CA  . LEU A 1 96  ? 1.004   -6.679  -0.134  1.00 19.61 ? 96  LEU A CA  1 
ATOM   688 C C   . LEU A 1 96  ? 2.092   -7.740  -0.147  1.00 20.71 ? 96  LEU A C   1 
ATOM   689 O O   . LEU A 1 96  ? 2.924   -7.796  0.767   1.00 20.19 ? 96  LEU A O   1 
ATOM   690 C CB  . LEU A 1 96  ? 1.611   -5.279  -0.128  1.00 19.29 ? 96  LEU A CB  1 
ATOM   691 C CG  . LEU A 1 96  ? 0.635   -4.120  0.046   1.00 20.53 ? 96  LEU A CG  1 
ATOM   692 C CD1 . LEU A 1 96  ? 1.383   -2.821  0.072   1.00 25.21 ? 96  LEU A CD1 1 
ATOM   693 C CD2 . LEU A 1 96  ? -0.381  -4.129  -1.078  1.00 22.94 ? 96  LEU A CD2 1 
ATOM   694 N N   . MET A 1 97  ? 2.089   -8.580  -1.182  1.00 20.68 ? 97  MET A N   1 
ATOM   695 C CA  . MET A 1 97  ? 2.986   -9.726  -1.245  1.00 22.44 ? 97  MET A CA  1 
ATOM   696 C C   . MET A 1 97  ? 4.193   -9.485  -2.139  1.00 23.08 ? 97  MET A C   1 
ATOM   697 O O   . MET A 1 97  ? 5.300   -9.931  -1.817  1.00 22.07 ? 97  MET A O   1 
ATOM   698 C CB  . MET A 1 97  ? 2.211   -10.948 -1.735  1.00 23.34 ? 97  MET A CB  1 
ATOM   699 C CG  . MET A 1 97  ? 1.030   -11.248 -0.850  1.00 23.88 ? 97  MET A CG  1 
ATOM   700 S SD  . MET A 1 97  ? 1.467   -11.663 0.852   1.00 31.12 ? 97  MET A SD  1 
ATOM   701 C CE  . MET A 1 97  ? 2.731   -12.858 0.611   1.00 30.18 ? 97  MET A CE  1 
ATOM   702 N N   . GLU A 1 98  ? 4.006   -8.783  -3.252  1.00 21.66 ? 98  GLU A N   1 
ATOM   703 C CA  . GLU A 1 98  ? 5.066   -8.477  -4.204  1.00 22.67 ? 98  GLU A CA  1 
ATOM   704 C C   . GLU A 1 98  ? 4.825   -7.070  -4.705  1.00 22.00 ? 98  GLU A C   1 
ATOM   705 O O   . GLU A 1 98  ? 3.682   -6.690  -4.949  1.00 21.62 ? 98  GLU A O   1 
ATOM   706 C CB  . GLU A 1 98  ? 5.069   -9.432  -5.404  1.00 22.79 ? 98  GLU A CB  1 
ATOM   707 C CG  . GLU A 1 98  ? 5.234   -10.919 -5.074  1.00 25.64 ? 98  GLU A CG  1 
ATOM   708 C CD  . GLU A 1 98  ? 5.041   -11.807 -6.296  1.00 29.61 ? 98  GLU A CD  1 
ATOM   709 O OE1 . GLU A 1 98  ? 4.949   -11.254 -7.412  1.00 29.01 ? 98  GLU A OE1 1 
ATOM   710 O OE2 . GLU A 1 98  ? 4.997   -13.058 -6.165  1.00 30.59 ? 98  GLU A OE2 1 
ATOM   711 N N   . LEU A 1 99  ? 5.888   -6.293  -4.841  1.00 22.95 ? 99  LEU A N   1 
ATOM   712 C CA  . LEU A 1 99  ? 5.749   -4.951  -5.379  1.00 23.86 ? 99  LEU A CA  1 
ATOM   713 C C   . LEU A 1 99  ? 7.100   -4.502  -5.913  1.00 25.50 ? 99  LEU A C   1 
ATOM   714 O O   . LEU A 1 99  ? 8.143   -5.093  -5.623  1.00 26.37 ? 99  LEU A O   1 
ATOM   715 C CB  . LEU A 1 99  ? 5.216   -3.972  -4.322  1.00 25.33 ? 99  LEU A CB  1 
ATOM   716 C CG  . LEU A 1 99  ? 5.999   -3.729  -3.024  1.00 23.16 ? 99  LEU A CG  1 
ATOM   717 C CD1 . LEU A 1 99  ? 7.146   -2.731  -3.241  1.00 25.24 ? 99  LEU A CD1 1 
ATOM   718 C CD2 . LEU A 1 99  ? 5.089   -3.245  -1.926  1.00 24.42 ? 99  LEU A CD2 1 
ATOM   719 N N   . GLU A 1 100 ? 7.073   -3.431  -6.681  1.00 26.03 ? 100 GLU A N   1 
ATOM   720 C CA  . GLU A 1 100 ? 8.310   -2.766  -7.031  1.00 29.44 ? 100 GLU A CA  1 
ATOM   721 C C   . GLU A 1 100 ? 8.101   -1.284  -6.799  1.00 29.26 ? 100 GLU A C   1 
ATOM   722 O O   . GLU A 1 100 ? 6.985   -0.776  -6.921  1.00 29.37 ? 100 GLU A O   1 
ATOM   723 C CB  . GLU A 1 100 ? 8.730   -3.071  -8.464  1.00 33.14 ? 100 GLU A CB  1 
ATOM   724 C CG  . GLU A 1 100 ? 7.818   -2.520  -9.512  1.00 34.41 ? 100 GLU A CG  1 
ATOM   725 C CD  . GLU A 1 100 ? 8.288   -2.863  -10.920 1.00 35.77 ? 100 GLU A CD  1 
ATOM   726 O OE1 . GLU A 1 100 ? 9.287   -2.288  -11.399 1.00 40.05 ? 100 GLU A OE1 1 
ATOM   727 O OE2 . GLU A 1 100 ? 7.628   -3.704  -11.553 1.00 38.08 ? 100 GLU A OE2 1 
ATOM   728 N N   . VAL A 1 101 ? 9.170   -0.615  -6.393  1.00 30.66 ? 101 VAL A N   1 
ATOM   729 C CA  . VAL A 1 101 ? 9.145   0.823   -6.176  1.00 30.61 ? 101 VAL A CA  1 
ATOM   730 C C   . VAL A 1 101 ? 9.456   1.491   -7.511  1.00 33.40 ? 101 VAL A C   1 
ATOM   731 O O   . VAL A 1 101 ? 10.546  1.317   -8.062  1.00 34.91 ? 101 VAL A O   1 
ATOM   732 C CB  . VAL A 1 101 ? 10.153  1.235   -5.093  1.00 32.54 ? 101 VAL A CB  1 
ATOM   733 C CG1 . VAL A 1 101 ? 10.245  2.744   -5.013  1.00 35.75 ? 101 VAL A CG1 1 
ATOM   734 C CG2 . VAL A 1 101 ? 9.757   0.639   -3.743  1.00 31.39 ? 101 VAL A CG2 1 
ATOM   735 N N   . LEU A 1 102 ? 8.485   2.228   -8.048  1.00 30.62 ? 102 LEU A N   1 
ATOM   736 C CA  . LEU A 1 102 ? 8.654   2.854   -9.355  1.00 33.85 ? 102 LEU A CA  1 
ATOM   737 C C   . LEU A 1 102 ? 9.369   4.191   -9.244  1.00 36.66 ? 102 LEU A C   1 
ATOM   738 O O   . LEU A 1 102 ? 10.190  4.529   -10.103 1.00 36.92 ? 102 LEU A O   1 
ATOM   739 C CB  . LEU A 1 102 ? 7.291   3.044   -10.019 1.00 35.06 ? 102 LEU A CB  1 
ATOM   740 C CG  . LEU A 1 102 ? 6.529   1.780   -10.400 1.00 32.99 ? 102 LEU A CG  1 
ATOM   741 C CD1 . LEU A 1 102 ? 5.246   2.177   -11.088 1.00 32.93 ? 102 LEU A CD1 1 
ATOM   742 C CD2 . LEU A 1 102 ? 7.388   0.944   -11.332 1.00 34.63 ? 102 LEU A CD2 1 
ATOM   743 N N   . LYS A 1 103 ? 9.060   4.964   -8.202  1.00 35.31 ? 103 LYS A N   1 
ATOM   744 C CA  . LYS A 1 103 ? 9.644   6.284   -8.015  1.00 37.27 ? 103 LYS A CA  1 
ATOM   745 C C   . LYS A 1 103 ? 9.916   6.477   -6.535  1.00 37.03 ? 103 LYS A C   1 
ATOM   746 O O   . LYS A 1 103 ? 9.012   6.297   -5.717  1.00 37.09 ? 103 LYS A O   1 
ATOM   747 C CB  . LYS A 1 103 ? 8.708   7.386   -8.534  1.00 38.87 ? 103 LYS A CB  1 
ATOM   748 N N   . SER A 1 104 ? 11.155  6.825   -6.191  1.00 39.22 ? 104 SER A N   1 
ATOM   749 C CA  . SER A 1 104 ? 11.506  6.976   -4.786  1.00 38.78 ? 104 SER A CA  1 
ATOM   750 C C   . SER A 1 104 ? 10.721  8.124   -4.166  1.00 39.02 ? 104 SER A C   1 
ATOM   751 O O   . SER A 1 104 ? 10.181  8.989   -4.860  1.00 40.20 ? 104 SER A O   1 
ATOM   752 C CB  . SER A 1 104 ? 12.991  7.266   -4.618  1.00 41.66 ? 104 SER A CB  1 
ATOM   753 O OG  . SER A 1 104 ? 13.274  8.564   -5.107  1.00 43.12 ? 104 SER A OG  1 
ATOM   754 N N   . ALA A 1 105 ? 10.659  8.114   -2.829  1.00 38.36 ? 105 ALA A N   1 
ATOM   755 C CA  . ALA A 1 105 ? 10.033  9.217   -2.108  1.00 39.23 ? 105 ALA A CA  1 
ATOM   756 C C   . ALA A 1 105 ? 10.643  10.547  -2.522  1.00 43.07 ? 105 ALA A C   1 
ATOM   757 O O   . ALA A 1 105 ? 9.942   11.558  -2.662  1.00 45.80 ? 105 ALA A O   1 
ATOM   758 C CB  . ALA A 1 105 ? 10.192  9.008   -0.602  1.00 36.46 ? 105 ALA A CB  1 
ATOM   759 N N   . GLU A 1 106 ? 11.955  10.550  -2.746  1.00 43.65 ? 106 GLU A N   1 
ATOM   760 C CA  . GLU A 1 106 ? 12.660  11.775  -3.088  1.00 43.88 ? 106 GLU A CA  1 
ATOM   761 C C   . GLU A 1 106 ? 12.315  12.222  -4.503  1.00 45.83 ? 106 GLU A C   1 
ATOM   762 O O   . GLU A 1 106 ? 12.192  13.424  -4.768  1.00 48.46 ? 106 GLU A O   1 
ATOM   763 C CB  . GLU A 1 106 ? 14.161  11.539  -2.918  1.00 44.67 ? 106 GLU A CB  1 
ATOM   764 C CG  . GLU A 1 106 ? 14.612  11.385  -1.451  1.00 43.95 ? 106 GLU A CG  1 
ATOM   765 C CD  . GLU A 1 106 ? 14.192  10.060  -0.812  1.00 45.85 ? 106 GLU A CD  1 
ATOM   766 O OE1 . GLU A 1 106 ? 14.059  9.049   -1.533  1.00 44.46 ? 106 GLU A OE1 1 
ATOM   767 O OE2 . GLU A 1 106 ? 14.010  10.020  0.426   1.00 45.59 ? 106 GLU A OE2 1 
ATOM   768 N N   . ALA A 1 107 ? 12.146  11.269  -5.427  1.00 44.09 ? 107 ALA A N   1 
ATOM   769 C CA  . ALA A 1 107 ? 11.725  11.612  -6.784  1.00 46.18 ? 107 ALA A CA  1 
ATOM   770 C C   . ALA A 1 107 ? 10.337  12.248  -6.789  1.00 46.98 ? 107 ALA A C   1 
ATOM   771 O O   . ALA A 1 107 ? 10.118  13.292  -7.417  1.00 51.45 ? 107 ALA A O   1 
ATOM   772 C CB  . ALA A 1 107 ? 11.741  10.363  -7.669  1.00 46.22 ? 107 ALA A CB  1 
ATOM   773 N N   . VAL A 1 108 ? 9.389   11.629  -6.090  1.00 45.45 ? 108 VAL A N   1 
ATOM   774 C CA  . VAL A 1 108 ? 8.020   12.131  -6.069  1.00 45.85 ? 108 VAL A CA  1 
ATOM   775 C C   . VAL A 1 108 ? 7.919   13.405  -5.237  1.00 46.96 ? 108 VAL A C   1 
ATOM   776 O O   . VAL A 1 108 ? 7.410   14.427  -5.711  1.00 49.22 ? 108 VAL A O   1 
ATOM   777 C CB  . VAL A 1 108 ? 7.077   11.047  -5.534  1.00 40.49 ? 108 VAL A CB  1 
ATOM   778 N N   . GLY A 1 109 ? 8.402   13.365  -4.000  1.00 46.20 ? 109 GLY A N   1 
ATOM   779 C CA  . GLY A 1 109 ? 8.497   14.545  -3.147  1.00 48.52 ? 109 GLY A CA  1 
ATOM   780 C C   . GLY A 1 109 ? 7.281   14.912  -2.313  1.00 48.62 ? 109 GLY A C   1 
ATOM   781 N N   . VAL A 1 110 ? 6.090   14.872  -2.911  1.00 47.06 ? 110 VAL A N   1 
ATOM   782 C CA  . VAL A 1 110 ? 4.869   15.326  -2.261  1.00 45.81 ? 110 VAL A CA  1 
ATOM   783 C C   . VAL A 1 110 ? 3.784   14.278  -2.455  1.00 44.25 ? 110 VAL A C   1 
ATOM   784 O O   . VAL A 1 110 ? 3.859   13.432  -3.348  1.00 43.40 ? 110 VAL A O   1 
ATOM   785 C CB  . VAL A 1 110 ? 4.388   16.690  -2.805  1.00 46.78 ? 110 VAL A CB  1 
ATOM   786 N N   . LYS A 1 111 ? 2.776   14.338  -1.585  1.00 42.85 ? 111 LYS A N   1 
ATOM   787 C CA  . LYS A 1 111 ? 1.544   13.585  -1.785  1.00 42.10 ? 111 LYS A CA  1 
ATOM   788 C C   . LYS A 1 111 ? 0.867   14.003  -3.088  1.00 40.50 ? 111 LYS A C   1 
ATOM   789 O O   . LYS A 1 111 ? 0.726   15.195  -3.381  1.00 42.58 ? 111 LYS A O   1 
ATOM   790 C CB  . LYS A 1 111 ? 0.609   13.814  -0.598  1.00 40.87 ? 111 LYS A CB  1 
ATOM   791 C CG  . LYS A 1 111 ? -0.796  13.307  -0.810  1.00 41.64 ? 111 LYS A CG  1 
ATOM   792 C CD  . LYS A 1 111 ? -1.455  12.934  0.498   1.00 42.52 ? 111 LYS A CD  1 
ATOM   793 C CE  . LYS A 1 111 ? -2.933  13.260  0.437   1.00 44.09 ? 111 LYS A CE  1 
ATOM   794 N NZ  . LYS A 1 111 ? -3.565  13.455  1.774   1.00 46.32 ? 111 LYS A NZ  1 
ATOM   795 N N   . ILE A 1 112 ? 0.459   13.022  -3.881  1.00 39.59 ? 112 ILE A N   1 
ATOM   796 C CA  . ILE A 1 112 ? -0.137  13.271  -5.190  1.00 40.24 ? 112 ILE A CA  1 
ATOM   797 C C   . ILE A 1 112 ? -1.641  13.450  -5.027  1.00 40.79 ? 112 ILE A C   1 
ATOM   798 O O   . ILE A 1 112 ? -2.317  12.598  -4.444  1.00 37.77 ? 112 ILE A O   1 
ATOM   799 C CB  . ILE A 1 112 ? 0.189   12.118  -6.159  1.00 40.11 ? 112 ILE A CB  1 
ATOM   800 C CG1 . ILE A 1 112 ? 1.693   12.081  -6.440  1.00 39.07 ? 112 ILE A CG1 1 
ATOM   801 C CG2 . ILE A 1 112 ? -0.615  12.225  -7.439  1.00 41.28 ? 112 ILE A CG2 1 
ATOM   802 C CD1 . ILE A 1 112 ? 2.243   10.690  -6.658  1.00 38.00 ? 112 ILE A CD1 1 
ATOM   803 N N   . GLY A 1 113 ? -2.171  14.568  -5.535  1.00 42.15 ? 113 GLY A N   1 
ATOM   804 C CA  . GLY A 1 113 ? -3.610  14.759  -5.509  1.00 41.65 ? 113 GLY A CA  1 
ATOM   805 C C   . GLY A 1 113 ? -4.168  15.003  -4.113  1.00 40.99 ? 113 GLY A C   1 
ATOM   806 O O   . GLY A 1 113 ? -3.461  15.374  -3.173  1.00 42.30 ? 113 GLY A O   1 
ATOM   807 N N   . ASN A 1 114 ? -5.480  14.802  -3.996  1.00 38.91 ? 114 ASN A N   1 
ATOM   808 C CA  . ASN A 1 114 ? -6.199  14.960  -2.731  1.00 39.07 ? 114 ASN A CA  1 
ATOM   809 C C   . ASN A 1 114 ? -7.147  13.787  -2.546  1.00 37.73 ? 114 ASN A C   1 
ATOM   810 O O   . ASN A 1 114 ? -8.373  13.938  -2.576  1.00 36.93 ? 114 ASN A O   1 
ATOM   811 C CB  . ASN A 1 114 ? -6.960  16.287  -2.699  1.00 43.53 ? 114 ASN A CB  1 
ATOM   812 C CG  . ASN A 1 114 ? -7.017  16.887  -1.309  1.00 49.88 ? 114 ASN A CG  1 
ATOM   813 O OD1 . ASN A 1 114 ? -8.066  16.888  -0.656  1.00 52.44 ? 114 ASN A OD1 1 
ATOM   814 N ND2 . ASN A 1 114 ? -5.881  17.403  -0.846  1.00 51.81 ? 114 ASN A ND2 1 
ATOM   815 N N   . PRO A 1 115 ? -6.607  12.588  -2.345  1.00 34.58 ? 115 PRO A N   1 
ATOM   816 C CA  . PRO A 1 115 ? -7.470  11.415  -2.207  1.00 31.88 ? 115 PRO A CA  1 
ATOM   817 C C   . PRO A 1 115 ? -8.369  11.531  -0.982  1.00 31.98 ? 115 PRO A C   1 
ATOM   818 O O   . PRO A 1 115 ? -8.045  12.208  -0.003  1.00 36.13 ? 115 PRO A O   1 
ATOM   819 C CB  . PRO A 1 115 ? -6.473  10.256  -2.074  1.00 29.76 ? 115 PRO A CB  1 
ATOM   820 C CG  . PRO A 1 115 ? -5.208  10.909  -1.596  1.00 31.32 ? 115 PRO A CG  1 
ATOM   821 C CD  . PRO A 1 115 ? -5.180  12.250  -2.242  1.00 35.75 ? 115 PRO A CD  1 
ATOM   822 N N   . VAL A 1 116 ? -9.512  10.860  -1.056  1.00 31.78 ? 116 VAL A N   1 
ATOM   823 C CA  . VAL A 1 116 ? -10.527 10.867  -0.011  1.00 33.25 ? 116 VAL A CA  1 
ATOM   824 C C   . VAL A 1 116 ? -10.458 9.553   0.760   1.00 33.13 ? 116 VAL A C   1 
ATOM   825 O O   . VAL A 1 116 ? -10.317 8.493   0.140   1.00 30.80 ? 116 VAL A O   1 
ATOM   826 C CB  . VAL A 1 116 ? -11.920 11.065  -0.633  1.00 35.58 ? 116 VAL A CB  1 
ATOM   827 C CG1 . VAL A 1 116 ? -13.040 10.859  0.400   1.00 38.20 ? 116 VAL A CG1 1 
ATOM   828 C CG2 . VAL A 1 116 ? -12.013 12.419  -1.321  1.00 37.50 ? 116 VAL A CG2 1 
ATOM   829 N N   . PRO A 1 117 ? -10.571 9.556   2.088   1.00 32.56 ? 117 PRO A N   1 
ATOM   830 C CA  . PRO A 1 117 ? -10.487 8.291   2.829   1.00 33.23 ? 117 PRO A CA  1 
ATOM   831 C C   . PRO A 1 117 ? -11.599 7.346   2.392   1.00 35.67 ? 117 PRO A C   1 
ATOM   832 O O   . PRO A 1 117 ? -12.761 7.743   2.266   1.00 36.40 ? 117 PRO A O   1 
ATOM   833 C CB  . PRO A 1 117 ? -10.663 8.716   4.290   1.00 37.66 ? 117 PRO A CB  1 
ATOM   834 C CG  . PRO A 1 117 ? -10.289 10.168  4.345   1.00 39.29 ? 117 PRO A CG  1 
ATOM   835 C CD  . PRO A 1 117 ? -10.399 10.742  2.949   1.00 37.46 ? 117 PRO A CD  1 
ATOM   836 N N   . TYR A 1 118 ? -11.232 6.098   2.129   1.00 33.42 ? 118 TYR A N   1 
ATOM   837 C CA  . TYR A 1 118 ? -12.213 5.092   1.753   1.00 35.79 ? 118 TYR A CA  1 
ATOM   838 C C   . TYR A 1 118 ? -13.031 4.661   2.966   1.00 40.78 ? 118 TYR A C   1 
ATOM   839 O O   . TYR A 1 118 ? -12.579 4.745   4.108   1.00 39.68 ? 118 TYR A O   1 
ATOM   840 C CB  . TYR A 1 118 ? -11.518 3.879   1.124   1.00 33.70 ? 118 TYR A CB  1 
ATOM   841 C CG  . TYR A 1 118 ? -12.488 2.932   0.467   1.00 34.88 ? 118 TYR A CG  1 
ATOM   842 C CD1 . TYR A 1 118 ? -12.957 3.177   -0.822  1.00 32.86 ? 118 TYR A CD1 1 
ATOM   843 C CD2 . TYR A 1 118 ? -12.976 1.825   1.145   1.00 36.57 ? 118 TYR A CD2 1 
ATOM   844 C CE1 . TYR A 1 118 ? -13.871 2.334   -1.418  1.00 32.74 ? 118 TYR A CE1 1 
ATOM   845 C CE2 . TYR A 1 118 ? -13.893 0.977   0.559   1.00 36.73 ? 118 TYR A CE2 1 
ATOM   846 C CZ  . TYR A 1 118 ? -14.330 1.234   -0.729  1.00 33.97 ? 118 TYR A CZ  1 
ATOM   847 O OH  . TYR A 1 118 ? -15.242 0.398   -1.330  1.00 34.61 ? 118 TYR A OH  1 
ATOM   848 N N   . ASN A 1 119 ? -14.250 4.204   2.711   1.00 41.40 ? 119 ASN A N   1 
ATOM   849 C CA  . ASN A 1 119 ? -15.122 3.733   3.782   1.00 40.66 ? 119 ASN A CA  1 
ATOM   850 C C   . ASN A 1 119 ? -15.787 2.407   3.431   1.00 43.61 ? 119 ASN A C   1 
ATOM   851 O O   . ASN A 1 119 ? -16.784 2.384   2.703   1.00 52.43 ? 119 ASN A O   1 
ATOM   852 C CB  . ASN A 1 119 ? -16.186 4.773   4.092   1.00 42.85 ? 119 ASN A CB  1 
ATOM   853 C CG  . ASN A 1 119 ? -15.585 6.088   4.565   1.00 51.82 ? 119 ASN A CG  1 
ATOM   854 O OD1 . ASN A 1 119 ? -15.576 7.088   3.828   1.00 49.13 ? 119 ASN A OD1 1 
ATOM   855 N ND2 . ASN A 1 119 ? -15.061 6.091   5.796   1.00 52.55 ? 119 ASN A ND2 1 
HETATM 856 O O   . HOH B 2 .   ? -1.806  10.391  -3.229  1.00 31.88 ? 201 HOH A O   1 
HETATM 857 O O   . HOH B 2 .   ? 5.723   -3.276  21.175  1.00 43.29 ? 202 HOH A O   1 
HETATM 858 O O   . HOH B 2 .   ? -1.445  -14.717 -4.211  1.00 40.30 ? 203 HOH A O   1 
HETATM 859 O O   . HOH B 2 .   ? 13.862  6.810   -0.087  1.00 44.87 ? 204 HOH A O   1 
HETATM 860 O O   . HOH B 2 .   ? 0.650   3.359   8.204   1.00 27.71 ? 205 HOH A O   1 
HETATM 861 O O   . HOH B 2 .   ? -2.408  -10.080 -6.819  1.00 29.85 ? 206 HOH A O   1 
HETATM 862 O O   . HOH B 2 .   ? -18.879 0.452   -7.522  1.00 36.22 ? 207 HOH A O   1 
HETATM 863 O O   . HOH B 2 .   ? 12.319  -7.184  9.534   1.00 36.38 ? 208 HOH A O   1 
HETATM 864 O O   . HOH B 2 .   ? -10.585 3.675   -5.207  1.00 23.42 ? 209 HOH A O   1 
HETATM 865 O O   . HOH B 2 .   ? -9.530  -13.801 7.318   1.00 40.76 ? 210 HOH A O   1 
HETATM 866 O O   . HOH B 2 .   ? -16.438 -1.541  0.217   1.00 40.08 ? 211 HOH A O   1 
HETATM 867 O O   . HOH B 2 .   ? 8.002   -10.117 -2.316  1.00 29.43 ? 212 HOH A O   1 
HETATM 868 O O   . HOH B 2 .   ? 11.648  3.091   4.781   1.00 35.06 ? 213 HOH A O   1 
HETATM 869 O O   . HOH B 2 .   ? 5.815   -6.347  7.491   1.00 21.56 ? 214 HOH A O   1 
HETATM 870 O O   . HOH B 2 .   ? -5.989  14.045  0.566   1.00 43.57 ? 215 HOH A O   1 
HETATM 871 O O   . HOH B 2 .   ? 2.791   11.376  2.967   1.00 35.55 ? 216 HOH A O   1 
HETATM 872 O O   . HOH B 2 .   ? -5.375  -11.350 7.797   1.00 34.13 ? 217 HOH A O   1 
HETATM 873 O O   . HOH B 2 .   ? 11.511  5.852   -1.354  1.00 36.13 ? 218 HOH A O   1 
HETATM 874 O O   . HOH B 2 .   ? 5.885   -14.013 -3.611  1.00 33.32 ? 219 HOH A O   1 
HETATM 875 O O   . HOH B 2 .   ? -10.292 -13.784 4.944   1.00 39.41 ? 220 HOH A O   1 
HETATM 876 O O   . HOH B 2 .   ? 1.461   -16.237 -0.774  1.00 35.56 ? 221 HOH A O   1 
HETATM 877 O O   . HOH B 2 .   ? 1.907   1.845   14.590  1.00 28.37 ? 222 HOH A O   1 
HETATM 878 O O   . HOH B 2 .   ? 17.577  -5.381  5.387   1.00 39.23 ? 223 HOH A O   1 
HETATM 879 O O   . HOH B 2 .   ? 3.796   9.729   6.622   1.00 35.10 ? 224 HOH A O   1 
HETATM 880 O O   . HOH B 2 .   ? 8.698   6.293   5.498   1.00 37.00 ? 225 HOH A O   1 
HETATM 881 O O   . HOH B 2 .   ? -12.950 -2.691  6.160   1.00 40.88 ? 226 HOH A O   1 
HETATM 882 O O   . HOH B 2 .   ? -4.530  0.550   11.493  1.00 32.85 ? 227 HOH A O   1 
HETATM 883 O O   . HOH B 2 .   ? -10.620 3.092   10.165  1.00 42.58 ? 228 HOH A O   1 
HETATM 884 O O   . HOH B 2 .   ? 13.966  -8.131  7.458   1.00 38.67 ? 229 HOH A O   1 
HETATM 885 O O   . HOH B 2 .   ? 8.568   3.142   9.106   1.00 36.54 ? 230 HOH A O   1 
HETATM 886 O O   . HOH B 2 .   ? -4.491  -7.525  10.741  1.00 40.32 ? 231 HOH A O   1 
HETATM 887 O O   . HOH B 2 .   ? -7.678  -12.658 9.008   1.00 38.13 ? 232 HOH A O   1 
HETATM 888 O O   . HOH B 2 .   ? -3.773  -9.417  8.967   1.00 36.73 ? 233 HOH A O   1 
# 
loop_
_atom_site_anisotrop.id 
_atom_site_anisotrop.type_symbol 
_atom_site_anisotrop.pdbx_label_atom_id 
_atom_site_anisotrop.pdbx_label_alt_id 
_atom_site_anisotrop.pdbx_label_comp_id 
_atom_site_anisotrop.pdbx_label_asym_id 
_atom_site_anisotrop.pdbx_label_seq_id 
_atom_site_anisotrop.pdbx_PDB_ins_code 
_atom_site_anisotrop.U[1][1] 
_atom_site_anisotrop.U[2][2] 
_atom_site_anisotrop.U[3][3] 
_atom_site_anisotrop.U[1][2] 
_atom_site_anisotrop.U[1][3] 
_atom_site_anisotrop.U[2][3] 
_atom_site_anisotrop.pdbx_auth_seq_id 
_atom_site_anisotrop.pdbx_auth_comp_id 
_atom_site_anisotrop.pdbx_auth_asym_id 
_atom_site_anisotrop.pdbx_auth_atom_id 
1   N N   . GLN A 4   ? 0.7015 0.6487 0.5570 -0.0135 0.0088  0.1722  4   GLN A N   
2   C CA  . GLN A 4   ? 0.5891 0.5185 0.4768 -0.0150 -0.0034 0.1651  4   GLN A CA  
3   C C   . GLN A 4   ? 0.4850 0.4269 0.3897 -0.0123 -0.0092 0.1377  4   GLN A C   
4   O O   . GLN A 4   ? 0.5104 0.4708 0.4056 -0.0111 -0.0039 0.1253  4   GLN A O   
5   C CB  . GLN A 4   ? 0.5874 0.4979 0.4642 -0.0045 -0.0203 0.1753  4   GLN A CB  
6   C CG  . GLN A 4   ? 0.7097 0.6091 0.5549 -0.0020 -0.0175 0.2040  4   GLN A CG  
7   C CD  . GLN A 4   ? 0.7230 0.6043 0.5588 0.0113  -0.0377 0.2117  4   GLN A CD  
8   O OE1 . GLN A 4   ? 0.6501 0.5400 0.4879 0.0218  -0.0535 0.1936  4   GLN A OE1 
9   N NE2 . GLN A 4   ? 0.7397 0.5964 0.5681 0.0109  -0.0380 0.2393  4   GLN A NE2 
10  N N   . LEU A 5   ? 0.4382 0.3696 0.3676 -0.0102 -0.0198 0.1287  5   LEU A N   
11  C CA  . LEU A 5   ? 0.4065 0.3503 0.3520 -0.0078 -0.0235 0.1064  5   LEU A CA  
12  C C   . LEU A 5   ? 0.4105 0.3604 0.3455 0.0025  -0.0374 0.0996  5   LEU A C   
13  O O   . LEU A 5   ? 0.4099 0.3512 0.3332 0.0098  -0.0481 0.1101  5   LEU A O   
14  C CB  . LEU A 5   ? 0.3979 0.3319 0.3740 -0.0092 -0.0260 0.0990  5   LEU A CB  
15  C CG  . LEU A 5   ? 0.4123 0.3373 0.4035 -0.0196 -0.0171 0.1032  5   LEU A CG  
16  C CD1 . LEU A 5   ? 0.3887 0.3041 0.4053 -0.0175 -0.0224 0.0910  5   LEU A CD1 
17  C CD2 . LEU A 5   ? 0.4007 0.3441 0.3903 -0.0270 -0.0048 0.0978  5   LEU A CD2 
18  N N   . SER A 6   ? 0.3874 0.3516 0.3283 0.0030  -0.0384 0.0825  6   SER A N   
19  C CA  . SER A 6   ? 0.3539 0.3265 0.2897 0.0098  -0.0521 0.0733  6   SER A CA  
20  C C   . SER A 6   ? 0.3419 0.3154 0.3062 0.0139  -0.0622 0.0686  6   SER A C   
21  O O   . SER A 6   ? 0.3289 0.3127 0.3150 0.0121  -0.0622 0.0563  6   SER A O   
22  C CB  . SER A 6   ? 0.3528 0.3371 0.2876 0.0071  -0.0486 0.0580  6   SER A CB  
23  O OG  . SER A 6   ? 0.3665 0.3536 0.2744 0.0068  -0.0399 0.0597  6   SER A OG  
24  N N   . GLU A 7   ? 0.3588 0.3220 0.3234 0.0203  -0.0705 0.0796  7   GLU A N   
25  C CA  . GLU A 7   ? 0.3609 0.3274 0.3549 0.0267  -0.0792 0.0748  7   GLU A CA  
26  C C   . GLU A 7   ? 0.3237 0.3097 0.3308 0.0294  -0.0904 0.0628  7   GLU A C   
27  O O   . GLU A 7   ? 0.3571 0.3473 0.3461 0.0326  -0.1024 0.0622  7   GLU A O   
28  C CB  . GLU A 7   ? 0.3568 0.3073 0.3472 0.0360  -0.0893 0.0888  7   GLU A CB  
29  C CG  . GLU A 7   ? 0.3967 0.3240 0.3842 0.0320  -0.0800 0.1010  7   GLU A CG  
30  C CD  . GLU A 7   ? 0.4034 0.3104 0.3958 0.0421  -0.0908 0.1131  7   GLU A CD  
31  O OE1 . GLU A 7   ? 0.4119 0.3231 0.4026 0.0537  -0.1065 0.1158  7   GLU A OE1 
32  O OE2 . GLU A 7   ? 0.4501 0.3352 0.4493 0.0387  -0.0855 0.1203  7   GLU A OE2 
33  N N   . GLY A 8   ? 0.2998 0.2986 0.3391 0.0283  -0.0868 0.0530  8   GLY A N   
34  C CA  . GLY A 8   ? 0.3092 0.3283 0.3705 0.0274  -0.0951 0.0427  8   GLY A CA  
35  C C   . GLY A 8   ? 0.2918 0.3166 0.3538 0.0170  -0.0870 0.0338  8   GLY A C   
36  O O   . GLY A 8   ? 0.2925 0.3327 0.3795 0.0134  -0.0918 0.0261  8   GLY A O   
37  N N   . ALA A 9   ? 0.2835 0.2969 0.3220 0.0119  -0.0755 0.0353  9   ALA A N   
38  C CA  . ALA A 9   ? 0.2884 0.3044 0.3276 0.0042  -0.0682 0.0272  9   ALA A CA  
39  C C   . ALA A 9   ? 0.3021 0.3274 0.3708 0.0005  -0.0586 0.0245  9   ALA A C   
40  O O   . ALA A 9   ? 0.2910 0.3227 0.3740 -0.0054 -0.0584 0.0190  9   ALA A O   
41  C CB  . ALA A 9   ? 0.3203 0.3253 0.3330 0.0018  -0.0569 0.0298  9   ALA A CB  
42  N N   . ILE A 10  ? 0.2933 0.3183 0.3701 0.0042  -0.0499 0.0285  10  ILE A N   
43  C CA  . ILE A 10  ? 0.2715 0.3076 0.3706 0.0031  -0.0391 0.0264  10  ILE A CA  
44  C C   . ILE A 10  ? 0.2826 0.3383 0.4138 0.0031  -0.0449 0.0249  10  ILE A C   
45  O O   . ILE A 10  ? 0.2901 0.3566 0.4396 -0.0032 -0.0385 0.0241  10  ILE A O   
46  C CB  . ILE A 10  ? 0.2712 0.3028 0.3696 0.0098  -0.0309 0.0276  10  ILE A CB  
47  C CG1 . ILE A 10  ? 0.2782 0.2961 0.3547 0.0063  -0.0232 0.0275  10  ILE A CG1 
48  C CG2 . ILE A 10  ? 0.2888 0.3374 0.4100 0.0133  -0.0210 0.0254  10  ILE A CG2 
49  C CD1 . ILE A 10  ? 0.2970 0.3051 0.3705 0.0115  -0.0198 0.0266  10  ILE A CD1 
50  N N   . ALA A 11  ? 0.2334 0.2948 0.3740 0.0098  -0.0577 0.0255  11  ALA A N   
51  C CA  . ALA A 11  ? 0.2604 0.3451 0.4373 0.0096  -0.0651 0.0232  11  ALA A CA  
52  C C   . ALA A 11  ? 0.2822 0.3703 0.4668 -0.0014 -0.0735 0.0185  11  ALA A C   
53  O O   . ALA A 11  ? 0.2800 0.3858 0.4988 -0.0086 -0.0706 0.0177  11  ALA A O   
54  C CB  . ALA A 11  ? 0.2490 0.3380 0.4321 0.0207  -0.0812 0.0242  11  ALA A CB  
55  N N   . ALA A 12  ? 0.2661 0.3368 0.4195 -0.0030 -0.0829 0.0152  12  ALA A N   
56  C CA  . ALA A 12  ? 0.3097 0.3793 0.4675 -0.0117 -0.0932 0.0071  12  ALA A CA  
57  C C   . ALA A 12  ? 0.3232 0.3897 0.4918 -0.0217 -0.0785 0.0078  12  ALA A C   
58  O O   . ALA A 12  ? 0.3487 0.4218 0.5461 -0.0312 -0.0830 0.0044  12  ALA A O   
59  C CB  . ALA A 12  ? 0.3398 0.3912 0.4551 -0.0080 -0.1030 0.0026  12  ALA A CB  
60  N N   . ILE A 13  ? 0.3080 0.3636 0.4554 -0.0199 -0.0619 0.0128  13  ILE A N   
61  C CA  . ILE A 13  ? 0.3265 0.3769 0.4782 -0.0269 -0.0488 0.0151  13  ILE A CA  
62  C C   . ILE A 13  ? 0.3356 0.4054 0.5239 -0.0310 -0.0382 0.0222  13  ILE A C   
63  O O   . ILE A 13  ? 0.3537 0.4251 0.5636 -0.0409 -0.0356 0.0247  13  ILE A O   
64  C CB  . ILE A 13  ? 0.3245 0.3620 0.4451 -0.0220 -0.0364 0.0178  13  ILE A CB  
65  C CG1 . ILE A 13  ? 0.3469 0.3696 0.4361 -0.0196 -0.0441 0.0119  13  ILE A CG1 
66  C CG2 . ILE A 13  ? 0.3243 0.3584 0.4484 -0.0260 -0.0229 0.0222  13  ILE A CG2 
67  C CD1 . ILE A 13  ? 0.3454 0.3599 0.4091 -0.0153 -0.0338 0.0146  13  ILE A CD1 
68  N N   . MET A 14  ? 0.3020 0.3869 0.4991 -0.0231 -0.0320 0.0259  14  MET A N   
69  C CA  . MET A 14  ? 0.3112 0.4190 0.5399 -0.0242 -0.0179 0.0328  14  MET A CA  
70  C C   . MET A 14  ? 0.3234 0.4533 0.5974 -0.0319 -0.0267 0.0327  14  MET A C   
71  O O   . MET A 14  ? 0.3342 0.4810 0.6395 -0.0399 -0.0150 0.0404  14  MET A O   
72  C CB  . MET A 14  ? 0.3191 0.4364 0.5431 -0.0105 -0.0098 0.0334  14  MET A CB  
73  C CG  . MET A 14  ? 0.3133 0.4143 0.5028 -0.0039 0.0014  0.0335  14  MET A CG  
74  S SD  . MET A 14  ? 0.3653 0.4635 0.5454 -0.0094 0.0194  0.0410  14  MET A SD  
75  C CE  . MET A 14  ? 0.3724 0.4954 0.5631 0.0025  0.0378  0.0444  14  MET A CE  
76  N N   . GLN A 15  ? 0.2934 0.4255 0.5727 -0.0296 -0.0475 0.0249  15  GLN A N   
77  C CA  . GLN A 15  ? 0.3078 0.4656 0.6344 -0.0350 -0.0593 0.0227  15  GLN A CA  
78  C C   . GLN A 15  ? 0.2990 0.4481 0.6393 -0.0493 -0.0749 0.0163  15  GLN A C   
79  O O   . GLN A 15  ? 0.3275 0.4963 0.7158 -0.0611 -0.0767 0.0181  15  GLN A O   
80  C CB  . GLN A 15  ? 0.2869 0.4540 0.6146 -0.0223 -0.0766 0.0171  15  GLN A CB  
81  C CG  . GLN A 15  ? 0.2654 0.4466 0.5974 -0.0081 -0.0640 0.0217  15  GLN A CG  
82  C CD  . GLN A 15  ? 0.2636 0.4468 0.5924 0.0060  -0.0825 0.0178  15  GLN A CD  
83  O OE1 . GLN A 15  ? 0.2868 0.4783 0.6311 0.0047  -0.1044 0.0125  15  GLN A OE1 
84  N NE2 . GLN A 15  ? 0.2521 0.4272 0.5622 0.0202  -0.0755 0.0201  15  GLN A NE2 
85  N N   . LYS A 16  ? 0.3293 0.4500 0.6306 -0.0487 -0.0862 0.0082  16  LYS A N   
86  C CA  . LYS A 16  ? 0.3544 0.4629 0.6646 -0.0596 -0.1034 -0.0019 16  LYS A CA  
87  C C   . LYS A 16  ? 0.4056 0.4867 0.6946 -0.0659 -0.0936 -0.0007 16  LYS A C   
88  O O   . LYS A 16  ? 0.4559 0.5222 0.7531 -0.0747 -0.1071 -0.0100 16  LYS A O   
89  C CB  . LYS A 16  ? 0.3776 0.4779 0.6616 -0.0512 -0.1292 -0.0158 16  LYS A CB  
90  N N   . GLY A 17  ? 0.3808 0.4542 0.6450 -0.0609 -0.0721 0.0093  17  GLY A N   
91  C CA  . GLY A 17  ? 0.4136 0.4615 0.6559 -0.0639 -0.0646 0.0104  17  GLY A CA  
92  C C   . GLY A 17  ? 0.4628 0.4881 0.6702 -0.0587 -0.0797 -0.0043 17  GLY A C   
93  O O   . GLY A 17  ? 0.4736 0.4777 0.6750 -0.0627 -0.0820 -0.0091 17  GLY A O   
94  N N   . ASP A 18  ? 0.4233 0.4523 0.6067 -0.0489 -0.0899 -0.0111 18  ASP A N   
95  C CA  . ASP A 18  ? 0.4703 0.4830 0.6180 -0.0421 -0.1034 -0.0246 18  ASP A CA  
96  C C   . ASP A 18  ? 0.4605 0.4575 0.5737 -0.0364 -0.0887 -0.0224 18  ASP A C   
97  O O   . ASP A 18  ? 0.5081 0.5097 0.6024 -0.0301 -0.0763 -0.0141 18  ASP A O   
98  C CB  . ASP A 18  ? 0.4609 0.4837 0.5901 -0.0323 -0.1148 -0.0270 18  ASP A CB  
99  C CG  . ASP A 18  ? 0.5423 0.5524 0.6335 -0.0243 -0.1297 -0.0408 18  ASP A CG  
100 O OD1 . ASP A 18  ? 0.5830 0.5767 0.6636 -0.0255 -0.1318 -0.0514 18  ASP A OD1 
101 O OD2 . ASP A 18  ? 0.5860 0.6025 0.6565 -0.0154 -0.1397 -0.0409 18  ASP A OD2 
102 N N   . THR A 19  ? 0.4905 0.4690 0.5982 -0.0382 -0.0914 -0.0307 19  THR A N   
103 C CA  . THR A 19  ? 0.4686 0.4347 0.5467 -0.0311 -0.0797 -0.0308 19  THR A CA  
104 C C   . THR A 19  ? 0.4926 0.4509 0.5353 -0.0207 -0.0890 -0.0456 19  THR A C   
105 O O   . THR A 19  ? 0.4823 0.4334 0.5032 -0.0138 -0.0800 -0.0478 19  THR A O   
106 C CB  . THR A 19  ? 0.4550 0.4047 0.5484 -0.0365 -0.0744 -0.0286 19  THR A CB  
107 O OG1 . THR A 19  ? 0.5078 0.4442 0.6210 -0.0433 -0.0914 -0.0402 19  THR A OG1 
108 C CG2 . THR A 19  ? 0.4261 0.3856 0.5443 -0.0438 -0.0595 -0.0105 19  THR A CG2 
109 N N   . ASN A 20  ? 0.4956 0.4575 0.5321 -0.0183 -0.1066 -0.0561 20  ASN A N   
110 C CA  . ASN A 20  ? 0.5265 0.4833 0.5243 -0.0063 -0.1150 -0.0704 20  ASN A CA  
111 C C   . ASN A 20  ? 0.5205 0.4896 0.4851 0.0025  -0.1048 -0.0607 20  ASN A C   
112 O O   . ASN A 20  ? 0.5585 0.5266 0.4870 0.0134  -0.1059 -0.0689 20  ASN A O   
113 C CB  . ASN A 20  ? 0.5514 0.5057 0.5524 -0.0060 -0.1411 -0.0874 20  ASN A CB  
114 N N   . ILE A 21  ? 0.4774 0.4575 0.4532 -0.0013 -0.0948 -0.0436 21  ILE A N   
115 C CA  . ILE A 21  ? 0.4585 0.4464 0.4078 0.0049  -0.0864 -0.0323 21  ILE A CA  
116 C C   . ILE A 21  ? 0.4315 0.4192 0.3705 0.0060  -0.0662 -0.0258 21  ILE A C   
117 O O   . ILE A 21  ? 0.4249 0.4083 0.3802 0.0021  -0.0583 -0.0268 21  ILE A O   
118 C CB  . ILE A 21  ? 0.4369 0.4337 0.4048 0.0017  -0.0879 -0.0191 21  ILE A CB  
119 C CG1 . ILE A 21  ? 0.4413 0.4408 0.4471 -0.0071 -0.0799 -0.0139 21  ILE A CG1 
120 C CG2 . ILE A 21  ? 0.4668 0.4681 0.4378 0.0045  -0.1098 -0.0253 21  ILE A CG2 
121 C CD1 . ILE A 21  ? 0.4130 0.4200 0.4293 -0.0068 -0.0724 -0.0004 21  ILE A CD1 
122 N N   . LYS A 22  ? 0.3971 0.3905 0.3090 0.0115  -0.0581 -0.0181 22  LYS A N   
123 C CA  . LYS A 22  ? 0.4020 0.3998 0.3081 0.0117  -0.0396 -0.0113 22  LYS A CA  
124 C C   . LYS A 22  ? 0.3862 0.3885 0.2941 0.0081  -0.0319 0.0064  22  LYS A C   
125 O O   . LYS A 22  ? 0.4181 0.4247 0.3032 0.0113  -0.0261 0.0153  22  LYS A O   
126 C CB  . LYS A 22  ? 0.4432 0.4456 0.3187 0.0212  -0.0346 -0.0191 22  LYS A CB  
127 C CG  . LYS A 22  ? 0.4792 0.4732 0.3547 0.0264  -0.0425 -0.0391 22  LYS A CG  
128 C CD  . LYS A 22  ? 0.5205 0.5215 0.3733 0.0373  -0.0322 -0.0475 22  LYS A CD  
129 C CE  . LYS A 22  ? 0.5961 0.5843 0.4402 0.0460  -0.0460 -0.0707 22  LYS A CE  
130 N NZ  . LYS A 22  ? 0.5974 0.5687 0.4727 0.0363  -0.0607 -0.0751 22  LYS A NZ  
131 N N   . PRO A 23  ? 0.3531 0.3531 0.2872 0.0020  -0.0317 0.0122  23  PRO A N   
132 C CA  . PRO A 23  ? 0.3480 0.3470 0.2858 0.0001  -0.0297 0.0262  23  PRO A CA  
133 C C   . PRO A 23  ? 0.3449 0.3458 0.2825 -0.0036 -0.0152 0.0350  23  PRO A C   
134 O O   . PRO A 23  ? 0.3394 0.3445 0.2848 -0.0056 -0.0067 0.0300  23  PRO A O   
135 C CB  . PRO A 23  ? 0.3332 0.3313 0.3004 -0.0031 -0.0338 0.0249  23  PRO A CB  
136 C CG  . PRO A 23  ? 0.3336 0.3327 0.3127 -0.0057 -0.0302 0.0156  23  PRO A CG  
137 C CD  . PRO A 23  ? 0.3562 0.3539 0.3169 -0.0023 -0.0342 0.0060  23  PRO A CD  
138 N N   . ILE A 24  ? 0.3197 0.3167 0.2507 -0.0045 -0.0139 0.0487  24  ILE A N   
139 C CA  . ILE A 24  ? 0.3387 0.3349 0.2774 -0.0106 -0.0024 0.0590  24  ILE A CA  
140 C C   . ILE A 24  ? 0.3462 0.3329 0.3090 -0.0135 -0.0064 0.0600  24  ILE A C   
141 O O   . ILE A 24  ? 0.3201 0.2982 0.2849 -0.0101 -0.0155 0.0645  24  ILE A O   
142 C CB  . ILE A 24  ? 0.3788 0.3735 0.2964 -0.0109 0.0025  0.0758  24  ILE A CB  
143 C CG1 . ILE A 24  ? 0.4077 0.4154 0.2980 -0.0053 0.0083  0.0721  24  ILE A CG1 
144 C CG2 . ILE A 24  ? 0.3764 0.3692 0.3098 -0.0203 0.0135  0.0875  24  ILE A CG2 
145 C CD1 . ILE A 24  ? 0.4235 0.4333 0.2854 -0.0034 0.0154  0.0902  24  ILE A CD1 
146 N N   . LEU A 25  ? 0.3148 0.3038 0.2953 -0.0175 -0.0007 0.0541  25  LEU A N   
147 C CA  . LEU A 25  ? 0.3142 0.2961 0.3145 -0.0175 -0.0042 0.0503  25  LEU A CA  
148 C C   . LEU A 25  ? 0.3313 0.3104 0.3442 -0.0239 0.0011  0.0521  25  LEU A C   
149 O O   . LEU A 25  ? 0.3398 0.3286 0.3522 -0.0287 0.0086  0.0530  25  LEU A O   
150 C CB  . LEU A 25  ? 0.2862 0.2750 0.2948 -0.0141 -0.0049 0.0382  25  LEU A CB  
151 C CG  . LEU A 25  ? 0.2981 0.2913 0.3021 -0.0106 -0.0101 0.0344  25  LEU A CG  
152 C CD1 . LEU A 25  ? 0.2752 0.2736 0.2889 -0.0098 -0.0076 0.0264  25  LEU A CD1 
153 C CD2 . LEU A 25  ? 0.3012 0.2906 0.3102 -0.0069 -0.0190 0.0384  25  LEU A CD2 
154 N N   . GLN A 26  ? 0.3001 0.2671 0.3269 -0.0235 -0.0039 0.0507  26  GLN A N   
155 C CA  . GLN A 26  ? 0.3460 0.3085 0.3888 -0.0294 -0.0028 0.0476  26  GLN A CA  
156 C C   . GLN A 26  ? 0.3139 0.2812 0.3637 -0.0240 -0.0052 0.0318  26  GLN A C   
157 O O   . GLN A 26  ? 0.2760 0.2419 0.3244 -0.0156 -0.0085 0.0260  26  GLN A O   
158 C CB  . GLN A 26  ? 0.3547 0.2956 0.4077 -0.0319 -0.0086 0.0553  26  GLN A CB  
159 C CG  . GLN A 26  ? 0.3701 0.3038 0.4440 -0.0394 -0.0105 0.0498  26  GLN A CG  
160 C CD  . GLN A 26  ? 0.4191 0.3265 0.5049 -0.0434 -0.0167 0.0588  26  GLN A CD  
161 O OE1 . GLN A 26  ? 0.4449 0.3368 0.5268 -0.0346 -0.0236 0.0603  26  GLN A OE1 
162 N NE2 . GLN A 26  ? 0.4569 0.3590 0.5606 -0.0568 -0.0148 0.0655  26  GLN A NE2 
163 N N   . VAL A 27  ? 0.3201 0.2957 0.3781 -0.0280 -0.0034 0.0253  27  VAL A N   
164 C CA  . VAL A 27  ? 0.2892 0.2682 0.3499 -0.0215 -0.0071 0.0109  27  VAL A CA  
165 C C   . VAL A 27  ? 0.3199 0.2826 0.3921 -0.0202 -0.0154 0.0038  27  VAL A C   
166 O O   . VAL A 27  ? 0.3419 0.2962 0.4295 -0.0290 -0.0190 0.0050  27  VAL A O   
167 C CB  . VAL A 27  ? 0.3013 0.2955 0.3666 -0.0243 -0.0053 0.0054  27  VAL A CB  
168 C CG1 . VAL A 27  ? 0.3163 0.3132 0.3795 -0.0158 -0.0111 -0.0089 27  VAL A CG1 
169 C CG2 . VAL A 27  ? 0.3006 0.3073 0.3542 -0.0231 0.0019  0.0103  27  VAL A CG2 
170 N N   . ILE A 28  ? 0.2878 0.2461 0.3545 -0.0089 -0.0182 -0.0040 28  ILE A N   
171 C CA  . ILE A 28  ? 0.2916 0.2341 0.3672 -0.0043 -0.0270 -0.0152 28  ILE A CA  
172 C C   . ILE A 28  ? 0.3173 0.2661 0.3922 -0.0003 -0.0319 -0.0318 28  ILE A C   
173 O O   . ILE A 28  ? 0.3195 0.2562 0.4074 -0.0032 -0.0419 -0.0422 28  ILE A O   
174 C CB  . ILE A 28  ? 0.3175 0.2552 0.3889 0.0088  -0.0273 -0.0180 28  ILE A CB  
175 C CG1 . ILE A 28  ? 0.3485 0.2808 0.4215 0.0060  -0.0260 -0.0021 28  ILE A CG1 
176 C CG2 . ILE A 28  ? 0.3431 0.2639 0.4215 0.0173  -0.0369 -0.0338 28  ILE A CG2 
177 C CD1 . ILE A 28  ? 0.3885 0.3000 0.4713 -0.0037 -0.0312 0.0084  28  ILE A CD1 
178 N N   . ASN A 29  ? 0.2902 0.2565 0.3499 0.0065  -0.0266 -0.0346 29  ASN A N   
179 C CA  . ASN A 29  ? 0.2946 0.2680 0.3473 0.0134  -0.0324 -0.0494 29  ASN A CA  
180 C C   . ASN A 29  ? 0.2876 0.2788 0.3275 0.0151  -0.0254 -0.0436 29  ASN A C   
181 O O   . ASN A 29  ? 0.2643 0.2605 0.2966 0.0158  -0.0159 -0.0324 29  ASN A O   
182 C CB  . ASN A 29  ? 0.3089 0.2787 0.3485 0.0298  -0.0347 -0.0628 29  ASN A CB  
183 C CG  . ASN A 29  ? 0.3653 0.3440 0.3895 0.0399  -0.0407 -0.0776 29  ASN A CG  
184 O OD1 . ASN A 29  ? 0.3657 0.3581 0.3695 0.0488  -0.0329 -0.0739 29  ASN A OD1 
185 N ND2 . ASN A 29  ? 0.3467 0.3168 0.3811 0.0383  -0.0555 -0.0935 29  ASN A ND2 
186 N N   . ILE A 30  ? 0.2891 0.2889 0.3290 0.0158  -0.0318 -0.0516 30  ILE A N   
187 C CA  . ILE A 30  ? 0.2961 0.3097 0.3220 0.0209  -0.0272 -0.0469 30  ILE A CA  
188 C C   . ILE A 30  ? 0.3092 0.3280 0.3212 0.0331  -0.0366 -0.0609 30  ILE A C   
189 O O   . ILE A 30  ? 0.3151 0.3317 0.3375 0.0323  -0.0496 -0.0754 30  ILE A O   
190 C CB  . ILE A 30  ? 0.3055 0.3282 0.3453 0.0106  -0.0249 -0.0392 30  ILE A CB  
191 C CG1 . ILE A 30  ? 0.3095 0.3424 0.3350 0.0184  -0.0217 -0.0352 30  ILE A CG1 
192 C CG2 . ILE A 30  ? 0.3624 0.3890 0.4255 0.0022  -0.0343 -0.0472 30  ILE A CG2 
193 C CD1 . ILE A 30  ? 0.3158 0.3552 0.3498 0.0117  -0.0153 -0.0261 30  ILE A CD1 
194 N N   . ARG A 31  ? 0.2885 0.3132 0.2763 0.0448  -0.0308 -0.0564 31  ARG A N   
195 C CA  . ARG A 31  ? 0.3210 0.3507 0.2878 0.0594  -0.0394 -0.0685 31  ARG A CA  
196 C C   . ARG A 31  ? 0.3229 0.3604 0.2688 0.0676  -0.0337 -0.0569 31  ARG A C   
197 O O   . ARG A 31  ? 0.3082 0.3442 0.2533 0.0637  -0.0208 -0.0406 31  ARG A O   
198 C CB  . ARG A 31  ? 0.3601 0.3848 0.3104 0.0712  -0.0375 -0.0773 31  ARG A CB  
199 C CG  . ARG A 31  ? 0.3556 0.3835 0.2920 0.0759  -0.0198 -0.0622 31  ARG A CG  
200 C CD  . ARG A 31  ? 0.3922 0.4185 0.3195 0.0874  -0.0166 -0.0721 31  ARG A CD  
201 N NE  . ARG A 31  ? 0.4407 0.4781 0.3502 0.0964  0.0009  -0.0591 31  ARG A NE  
202 C CZ  . ARG A 31  ? 0.3926 0.4330 0.3171 0.0889  0.0140  -0.0442 31  ARG A CZ  
203 N NH1 . ARG A 31  ? 0.4189 0.4509 0.3700 0.0748  0.0111  -0.0408 31  ARG A NH1 
204 N NH2 . ARG A 31  ? 0.4202 0.4734 0.3332 0.0957  0.0302  -0.0318 31  ARG A NH2 
205 N N   . PRO A 32  ? 0.3148 0.3591 0.2441 0.0792  -0.0444 -0.0647 32  PRO A N   
206 C CA  . PRO A 32  ? 0.3448 0.3936 0.2536 0.0884  -0.0407 -0.0517 32  PRO A CA  
207 C C   . PRO A 32  ? 0.3768 0.4257 0.2495 0.1036  -0.0319 -0.0455 32  PRO A C   
208 O O   . PRO A 32  ? 0.3790 0.4293 0.2355 0.1134  -0.0346 -0.0581 32  PRO A O   
209 C CB  . PRO A 32  ? 0.3672 0.4255 0.2789 0.0941  -0.0598 -0.0644 32  PRO A CB  
210 C CG  . PRO A 32  ? 0.3839 0.4422 0.2989 0.0960  -0.0733 -0.0868 32  PRO A CG  
211 C CD  . PRO A 32  ? 0.3400 0.3880 0.2763 0.0821  -0.0639 -0.0861 32  PRO A CD  
212 N N   . ILE A 33  ? 0.3634 0.4105 0.2234 0.1061  -0.0210 -0.0252 33  ILE A N   
213 C CA  . ILE A 33  ? 0.4257 0.4749 0.2486 0.1218  -0.0131 -0.0141 33  ILE A CA  
214 C C   . ILE A 33  ? 0.4670 0.5159 0.2743 0.1316  -0.0239 -0.0084 33  ILE A C   
215 O O   . ILE A 33  ? 0.4308 0.4729 0.2530 0.1248  -0.0224 0.0039  33  ILE A O   
216 C CB  . ILE A 33  ? 0.4192 0.4649 0.2436 0.1156  0.0088  0.0081  33  ILE A CB  
217 C CG1 . ILE A 33  ? 0.4336 0.4816 0.2793 0.1064  0.0170  0.0017  33  ILE A CG1 
218 C CG2 . ILE A 33  ? 0.4367 0.4867 0.2224 0.1314  0.0198  0.0234  33  ILE A CG2 
219 C CD1 . ILE A 33  ? 0.4325 0.4891 0.2592 0.1197  0.0185  -0.0119 33  ILE A CD1 
220 N N   . THR A 34  ? 0.5001 0.5561 0.2785 0.1490  -0.0370 -0.0197 34  THR A N   
221 C CA  . THR A 34  ? 0.5488 0.6064 0.3096 0.1620  -0.0508 -0.0161 34  THR A CA  
222 C C   . THR A 34  ? 0.6430 0.6981 0.3565 0.1793  -0.0406 0.0038  34  THR A C   
223 O O   . THR A 34  ? 0.6674 0.7276 0.3555 0.1870  -0.0298 0.0032  34  THR A O   
224 C CB  . THR A 34  ? 0.5452 0.6142 0.3082 0.1697  -0.0767 -0.0436 34  THR A CB  
225 O OG1 . THR A 34  ? 0.5694 0.6428 0.3010 0.1832  -0.0800 -0.0581 34  THR A OG1 
226 C CG2 . THR A 34  ? 0.5173 0.5890 0.3293 0.1503  -0.0833 -0.0596 34  THR A CG2 
227 N N   . THR A 35  ? 0.6505 0.6977 0.3528 0.1857  -0.0423 0.0230  35  THR A N   
228 C CA  . THR A 35  ? 0.7363 0.7777 0.4003 0.1987  -0.0308 0.0466  35  THR A CA  
229 C C   . THR A 35  ? 0.8044 0.8391 0.4602 0.2094  -0.0452 0.0536  35  THR A C   
230 O O   . THR A 35  ? 0.7629 0.7839 0.4329 0.2053  -0.0453 0.0693  35  THR A O   
231 C CB  . THR A 35  ? 0.7328 0.7623 0.4020 0.1870  -0.0045 0.0761  35  THR A CB  
232 O OG1 . THR A 35  ? 0.7389 0.7552 0.4460 0.1717  -0.0058 0.0816  35  THR A OG1 
233 C CG2 . THR A 35  ? 0.6939 0.7336 0.3676 0.1796  0.0136  0.0723  35  THR A CG2 
234 N N   . SER A 38  ? 0.7899 0.7960 0.5360 0.2147  -0.0918 0.0638  38  SER A N   
235 C CA  . SER A 38  ? 0.7009 0.6950 0.4629 0.1958  -0.0714 0.0723  38  SER A CA  
236 C C   . SER A 38  ? 0.6904 0.7026 0.4908 0.1782  -0.0712 0.0475  38  SER A C   
237 O O   . SER A 38  ? 0.7306 0.7625 0.5305 0.1782  -0.0789 0.0286  38  SER A O   
238 C CB  . SER A 38  ? 0.6973 0.6848 0.4270 0.1938  -0.0532 0.0893  38  SER A CB  
239 O OG  . SER A 38  ? 0.6818 0.6686 0.4361 0.1723  -0.0358 0.0873  38  SER A OG  
240 N N   . PRO A 39  ? 0.6842 0.6882 0.5168 0.1636  -0.0627 0.0476  39  PRO A N   
241 C CA  . PRO A 39  ? 0.5966 0.6164 0.4632 0.1474  -0.0611 0.0281  39  PRO A CA  
242 C C   . PRO A 39  ? 0.5333 0.5539 0.3953 0.1343  -0.0479 0.0272  39  PRO A C   
243 O O   . PRO A 39  ? 0.5426 0.5480 0.3938 0.1289  -0.0332 0.0437  39  PRO A O   
244 C CB  . PRO A 39  ? 0.5867 0.5944 0.4789 0.1396  -0.0550 0.0315  39  PRO A CB  
245 C CG  . PRO A 39  ? 0.6357 0.6142 0.5085 0.1451  -0.0485 0.0550  39  PRO A CG  
246 C CD  . PRO A 39  ? 0.6756 0.6521 0.5106 0.1597  -0.0519 0.0678  39  PRO A CD  
247 N N   . PRO A 40  ? 0.5139 0.5521 0.3876 0.1287  -0.0535 0.0083  40  PRO A N   
248 C CA  . PRO A 40  ? 0.4683 0.5067 0.3389 0.1189  -0.0431 0.0053  40  PRO A CA  
249 C C   . PRO A 40  ? 0.4249 0.4542 0.3169 0.1018  -0.0286 0.0117  40  PRO A C   
250 O O   . PRO A 40  ? 0.3822 0.4087 0.2959 0.0951  -0.0284 0.0115  40  PRO A O   
251 C CB  . PRO A 40  ? 0.4570 0.5123 0.3435 0.1161  -0.0562 -0.0178 40  PRO A CB  
252 C CG  . PRO A 40  ? 0.4790 0.5452 0.3923 0.1157  -0.0673 -0.0248 40  PRO A CG  
253 C CD  . PRO A 40  ? 0.5252 0.5838 0.4212 0.1304  -0.0702 -0.0113 40  PRO A CD  
254 N N   . ARG A 41  ? 0.3810 0.4079 0.2665 0.0962  -0.0172 0.0152  41  ARG A N   
255 C CA  . ARG A 41  ? 0.3544 0.3752 0.2594 0.0808  -0.0055 0.0196  41  ARG A CA  
256 C C   . ARG A 41  ? 0.3224 0.3518 0.2399 0.0738  -0.0072 0.0048  41  ARG A C   
257 O O   . ARG A 41  ? 0.3472 0.3818 0.2501 0.0809  -0.0087 -0.0022 41  ARG A O   
258 C CB  . ARG A 41  ? 0.3647 0.3774 0.2581 0.0800  0.0093  0.0378  41  ARG A CB  
259 C CG  . ARG A 41  ? 0.3334 0.3430 0.2494 0.0649  0.0188  0.0408  41  ARG A CG  
260 C CD  . ARG A 41  ? 0.3148 0.3120 0.2483 0.0564  0.0175  0.0451  41  ARG A CD  
261 N NE  . ARG A 41  ? 0.3458 0.3286 0.2705 0.0607  0.0203  0.0615  41  ARG A NE  
262 C CZ  . ARG A 41  ? 0.3625 0.3300 0.2976 0.0582  0.0163  0.0643  41  ARG A CZ  
263 N NH1 . ARG A 41  ? 0.3289 0.2969 0.2813 0.0523  0.0109  0.0514  41  ARG A NH1 
264 N NH2 . ARG A 41  ? 0.4024 0.3528 0.3290 0.0631  0.0177  0.0804  41  ARG A NH2 
265 N N   . TYR A 42  ? 0.2850 0.3143 0.2272 0.0613  -0.0073 0.0001  42  TYR A N   
266 C CA  . TYR A 42  ? 0.2785 0.3114 0.2342 0.0536  -0.0088 -0.0105 42  TYR A CA  
267 C C   . TYR A 42  ? 0.2874 0.3146 0.2470 0.0468  0.0022  -0.0031 42  TYR A C   
268 O O   . TYR A 42  ? 0.2988 0.3204 0.2655 0.0404  0.0083  0.0067  42  TYR A O   
269 C CB  . TYR A 42  ? 0.2826 0.3207 0.2619 0.0441  -0.0142 -0.0174 42  TYR A CB  
270 C CG  . TYR A 42  ? 0.2932 0.3425 0.2766 0.0498  -0.0263 -0.0275 42  TYR A CG  
271 C CD1 . TYR A 42  ? 0.3007 0.3549 0.2853 0.0523  -0.0367 -0.0409 42  TYR A CD1 
272 C CD2 . TYR A 42  ? 0.2901 0.3455 0.2785 0.0539  -0.0291 -0.0252 42  TYR A CD2 
273 C CE1 . TYR A 42  ? 0.3088 0.3757 0.3012 0.0573  -0.0508 -0.0519 42  TYR A CE1 
274 C CE2 . TYR A 42  ? 0.3430 0.4128 0.3393 0.0602  -0.0416 -0.0350 42  TYR A CE2 
275 C CZ  . TYR A 42  ? 0.3296 0.4061 0.3289 0.0611  -0.0529 -0.0482 42  TYR A CZ  
276 O OH  . TYR A 42  ? 0.3606 0.4537 0.3721 0.0667  -0.0679 -0.0592 42  TYR A OH  
277 N N   . ARG A 43  ? 0.2808 0.3097 0.2378 0.0493  0.0028  -0.0095 43  ARG A N   
278 C CA  . ARG A 43  ? 0.2773 0.3044 0.2421 0.0449  0.0112  -0.0051 43  ARG A CA  
279 C C   . ARG A 43  ? 0.2806 0.3037 0.2626 0.0374  0.0052  -0.0138 43  ARG A C   
280 O O   . ARG A 43  ? 0.2657 0.2880 0.2498 0.0389  -0.0041 -0.0259 43  ARG A O   
281 C CB  . ARG A 43  ? 0.3175 0.3504 0.2660 0.0567  0.0178  -0.0057 43  ARG A CB  
282 C CG  . ARG A 43  ? 0.3851 0.4213 0.3133 0.0644  0.0242  0.0059  43  ARG A CG  
283 C CD  . ARG A 43  ? 0.4334 0.4693 0.3709 0.0574  0.0371  0.0235  43  ARG A CD  
284 N NE  . ARG A 43  ? 0.4870 0.5314 0.4360 0.0566  0.0461  0.0240  43  ARG A NE  
285 C CZ  . ARG A 43  ? 0.4800 0.5340 0.4310 0.0575  0.0606  0.0376  43  ARG A CZ  
286 N NH1 . ARG A 43  ? 0.5082 0.5602 0.4501 0.0572  0.0681  0.0542  43  ARG A NH1 
287 N NH2 . ARG A 43  ? 0.4941 0.5600 0.4592 0.0584  0.0678  0.0357  43  ARG A NH2 
288 N N   . LEU A 44  ? 0.2779 0.2978 0.2730 0.0294  0.0093  -0.0075 44  LEU A N   
289 C CA  . LEU A 44  ? 0.2793 0.2930 0.2888 0.0218  0.0041  -0.0110 44  LEU A CA  
290 C C   . LEU A 44  ? 0.2727 0.2840 0.2888 0.0235  0.0068  -0.0094 44  LEU A C   
291 O O   . LEU A 44  ? 0.2871 0.3039 0.3051 0.0240  0.0135  -0.0018 44  LEU A O   
292 C CB  . LEU A 44  ? 0.2800 0.2924 0.2969 0.0118  0.0042  -0.0044 44  LEU A CB  
293 C CG  . LEU A 44  ? 0.2860 0.3030 0.3036 0.0097  0.0011  -0.0073 44  LEU A CG  
294 C CD1 . LEU A 44  ? 0.3307 0.3511 0.3379 0.0154  0.0039  -0.0038 44  LEU A CD1 
295 C CD2 . LEU A 44  ? 0.3223 0.3398 0.3485 0.0008  0.0022  -0.0029 44  LEU A CD2 
296 N N   . LEU A 45  ? 0.2647 0.2678 0.2878 0.0243  0.0006  -0.0168 45  LEU A N   
297 C CA  . LEU A 45  ? 0.2835 0.2817 0.3164 0.0262  0.0002  -0.0155 45  LEU A CA  
298 C C   . LEU A 45  ? 0.2772 0.2662 0.3189 0.0152  -0.0039 -0.0074 45  LEU A C   
299 O O   . LEU A 45  ? 0.2664 0.2479 0.3117 0.0085  -0.0086 -0.0089 45  LEU A O   
300 C CB  . LEU A 45  ? 0.2861 0.2763 0.3196 0.0359  -0.0053 -0.0290 45  LEU A CB  
301 C CG  . LEU A 45  ? 0.3598 0.3519 0.3988 0.0471  -0.0028 -0.0321 45  LEU A CG  
302 C CD1 . LEU A 45  ? 0.3654 0.3482 0.3996 0.0591  -0.0094 -0.0502 45  LEU A CD1 
303 C CD2 . LEU A 45  ? 0.3464 0.3299 0.4006 0.0420  -0.0066 -0.0234 45  LEU A CD2 
304 N N   . MET A 46  ? 0.2745 0.2666 0.3195 0.0126  -0.0019 0.0017  46  MET A N   
305 C CA  . MET A 46  ? 0.2856 0.2712 0.3314 0.0040  -0.0050 0.0102  46  MET A CA  
306 C C   . MET A 46  ? 0.2992 0.2778 0.3518 0.0068  -0.0100 0.0152  46  MET A C   
307 O O   . MET A 46  ? 0.2847 0.2694 0.3449 0.0148  -0.0099 0.0124  46  MET A O   
308 C CB  . MET A 46  ? 0.3114 0.3053 0.3506 -0.0007 -0.0017 0.0154  46  MET A CB  
309 C CG  . MET A 46  ? 0.3203 0.3208 0.3540 0.0001  0.0026  0.0111  46  MET A CG  
310 S SD  . MET A 46  ? 0.3622 0.3623 0.3940 -0.0064 0.0022  0.0106  46  MET A SD  
311 C CE  . MET A 46  ? 0.3283 0.3275 0.3546 -0.0123 0.0030  0.0193  46  MET A CE  
312 N N   . SER A 47  ? 0.2707 0.2389 0.3209 0.0010  -0.0139 0.0238  47  SER A N   
313 C CA  . SER A 47  ? 0.3080 0.2667 0.3616 0.0045  -0.0207 0.0312  47  SER A CA  
314 C C   . SER A 47  ? 0.3206 0.2816 0.3616 -0.0001 -0.0222 0.0418  47  SER A C   
315 O O   . SER A 47  ? 0.3050 0.2664 0.3355 -0.0075 -0.0177 0.0465  47  SER A O   
316 C CB  . SER A 47  ? 0.3196 0.2570 0.3793 0.0036  -0.0255 0.0336  47  SER A CB  
317 O OG  . SER A 47  ? 0.3325 0.2574 0.3915 0.0065  -0.0326 0.0453  47  SER A OG  
318 N N   . ASP A 48  ? 0.3171 0.2814 0.3593 0.0056  -0.0292 0.0450  48  ASP A N   
319 C CA  . ASP A 48  ? 0.3150 0.2790 0.3413 0.0041  -0.0342 0.0542  48  ASP A CA  
320 C C   . ASP A 48  ? 0.3420 0.2896 0.3640 0.0083  -0.0421 0.0666  48  ASP A C   
321 O O   . ASP A 48  ? 0.3522 0.2997 0.3590 0.0111  -0.0493 0.0748  48  ASP A O   
322 C CB  . ASP A 48  ? 0.3007 0.2803 0.3298 0.0068  -0.0395 0.0485  48  ASP A CB  
323 C CG  . ASP A 48  ? 0.3060 0.2915 0.3543 0.0152  -0.0484 0.0469  48  ASP A CG  
324 O OD1 . ASP A 48  ? 0.2980 0.2746 0.3560 0.0214  -0.0501 0.0487  48  ASP A OD1 
325 O OD2 . ASP A 48  ? 0.2809 0.2810 0.3385 0.0158  -0.0540 0.0422  48  ASP A OD2 
326 N N   . GLY A 49  ? 0.3391 0.2708 0.3729 0.0096  -0.0423 0.0678  49  GLY A N   
327 C CA  . GLY A 49  ? 0.3693 0.2795 0.4021 0.0138  -0.0503 0.0805  49  GLY A CA  
328 C C   . GLY A 49  ? 0.3644 0.2742 0.4121 0.0278  -0.0614 0.0764  49  GLY A C   
329 O O   . GLY A 49  ? 0.3892 0.2775 0.4444 0.0342  -0.0683 0.0818  49  GLY A O   
330 N N   . LEU A 50  ? 0.3387 0.2720 0.3939 0.0327  -0.0634 0.0671  50  LEU A N   
331 C CA  . LEU A 50  ? 0.3434 0.2857 0.4192 0.0460  -0.0721 0.0616  50  LEU A CA  
332 C C   . LEU A 50  ? 0.3119 0.2685 0.4089 0.0500  -0.0636 0.0462  50  LEU A C   
333 O O   . LEU A 50  ? 0.3228 0.2758 0.4364 0.0623  -0.0665 0.0406  50  LEU A O   
334 C CB  . LEU A 50  ? 0.3352 0.2974 0.4101 0.0481  -0.0812 0.0627  50  LEU A CB  
335 C CG  . LEU A 50  ? 0.3168 0.2977 0.4202 0.0606  -0.0905 0.0564  50  LEU A CG  
336 C CD1 . LEU A 50  ? 0.3283 0.2925 0.4320 0.0737  -0.1048 0.0657  50  LEU A CD1 
337 C CD2 . LEU A 50  ? 0.3095 0.3151 0.4181 0.0569  -0.0974 0.0528  50  LEU A CD2 
338 N N   . ASN A 51  ? 0.3088 0.2809 0.4034 0.0415  -0.0527 0.0397  51  ASN A N   
339 C CA  . ASN A 51  ? 0.3018 0.2895 0.4104 0.0451  -0.0426 0.0279  51  ASN A CA  
340 C C   . ASN A 51  ? 0.3110 0.2914 0.4056 0.0369  -0.0330 0.0239  51  ASN A C   
341 O O   . ASN A 51  ? 0.3219 0.2949 0.4011 0.0264  -0.0323 0.0297  51  ASN A O   
342 C CB  . ASN A 51  ? 0.2881 0.3040 0.4108 0.0432  -0.0390 0.0257  51  ASN A CB  
343 C CG  . ASN A 51  ? 0.3211 0.3516 0.4661 0.0522  -0.0487 0.0267  51  ASN A CG  
344 O OD1 . ASN A 51  ? 0.2675 0.3078 0.4159 0.0478  -0.0574 0.0304  51  ASN A OD1 
345 N ND2 . ASN A 51  ? 0.3079 0.3414 0.4695 0.0662  -0.0487 0.0216  51  ASN A ND2 
346 N N   . THR A 52  ? 0.3165 0.3025 0.4167 0.0433  -0.0258 0.0132  52  THR A N   
347 C CA  . THR A 52  ? 0.3055 0.2945 0.3942 0.0377  -0.0169 0.0081  52  THR A CA  
348 C C   . THR A 52  ? 0.3128 0.3264 0.4068 0.0393  -0.0067 0.0064  52  THR A C   
349 O O   . THR A 52  ? 0.3168 0.3471 0.4277 0.0463  -0.0046 0.0063  52  THR A O   
350 C CB  . THR A 52  ? 0.3313 0.3065 0.4168 0.0441  -0.0174 -0.0032 52  THR A CB  
351 O OG1 . THR A 52  ? 0.3348 0.3181 0.4305 0.0597  -0.0156 -0.0126 52  THR A OG1 
352 C CG2 . THR A 52  ? 0.3492 0.2974 0.4342 0.0392  -0.0271 0.0004  52  THR A CG2 
353 N N   . LEU A 53  ? 0.3029 0.3193 0.3844 0.0330  0.0000  0.0061  53  LEU A N   
354 C CA  . LEU A 53  ? 0.2984 0.3335 0.3821 0.0331  0.0106  0.0079  53  LEU A CA  
355 C C   . LEU A 53  ? 0.2821 0.3130 0.3470 0.0333  0.0155  0.0037  53  LEU A C   
356 O O   . LEU A 53  ? 0.2915 0.3101 0.3462 0.0266  0.0105  0.0034  53  LEU A O   
357 C CB  . LEU A 53  ? 0.3111 0.3526 0.4019 0.0225  0.0095  0.0164  53  LEU A CB  
358 C CG  . LEU A 53  ? 0.3251 0.3833 0.4253 0.0198  0.0198  0.0215  53  LEU A CG  
359 C CD1 . LEU A 53  ? 0.3292 0.4086 0.4553 0.0251  0.0238  0.0230  53  LEU A CD1 
360 C CD2 . LEU A 53  ? 0.3288 0.3825 0.4298 0.0078  0.0156  0.0267  53  LEU A CD2 
361 N N   . SER A 54  ? 0.2827 0.3264 0.3430 0.0419  0.0254  0.0012  54  SER A N   
362 C CA  . SER A 54  ? 0.3133 0.3543 0.3525 0.0454  0.0283  -0.0034 54  SER A CA  
363 C C   . SER A 54  ? 0.3389 0.3856 0.3709 0.0396  0.0353  0.0070  54  SER A C   
364 O O   . SER A 54  ? 0.3361 0.3793 0.3496 0.0424  0.0351  0.0047  54  SER A O   
365 C CB  . SER A 54  ? 0.3602 0.4098 0.3907 0.0617  0.0341  -0.0133 54  SER A CB  
366 O OG  . SER A 54  ? 0.4049 0.4753 0.4343 0.0666  0.0495  -0.0048 54  SER A OG  
367 N N   . SER A 55  ? 0.3033 0.3574 0.3506 0.0319  0.0398  0.0178  55  SER A N   
368 C CA  . SER A 55  ? 0.3014 0.3582 0.3441 0.0273  0.0471  0.0286  55  SER A CA  
369 C C   . SER A 55  ? 0.3159 0.3578 0.3551 0.0178  0.0389  0.0301  55  SER A C   
370 O O   . SER A 55  ? 0.3382 0.3784 0.3861 0.0102  0.0406  0.0385  55  SER A O   
371 C CB  . SER A 55  ? 0.3511 0.4235 0.4166 0.0230  0.0566  0.0394  55  SER A CB  
372 O OG  . SER A 55  ? 0.3800 0.4558 0.4685 0.0183  0.0490  0.0367  55  SER A OG  
373 N N   . PHE A 56  ? 0.2951 0.3267 0.3242 0.0178  0.0302  0.0220  56  PHE A N   
374 C CA  . PHE A 56  ? 0.2700 0.2921 0.2946 0.0117  0.0249  0.0226  56  PHE A CA  
375 C C   . PHE A 56  ? 0.2984 0.3185 0.3063 0.0176  0.0260  0.0221  56  PHE A C   
376 O O   . PHE A 56  ? 0.2970 0.3205 0.2944 0.0256  0.0256  0.0161  56  PHE A O   
377 C CB  . PHE A 56  ? 0.2599 0.2761 0.2853 0.0079  0.0169  0.0164  56  PHE A CB  
378 C CG  . PHE A 56  ? 0.2816 0.2973 0.3183 0.0031  0.0130  0.0182  56  PHE A CG  
379 C CD1 . PHE A 56  ? 0.3159 0.3341 0.3607 0.0063  0.0117  0.0169  56  PHE A CD1 
380 C CD2 . PHE A 56  ? 0.2782 0.2900 0.3155 -0.0027 0.0089  0.0199  56  PHE A CD2 
381 C CE1 . PHE A 56  ? 0.3141 0.3317 0.3682 0.0037  0.0058  0.0193  56  PHE A CE1 
382 C CE2 . PHE A 56  ? 0.2885 0.3001 0.3321 -0.0055 0.0028  0.0208  56  PHE A CE2 
383 C CZ  . PHE A 56  ? 0.2776 0.2926 0.3296 -0.0025 0.0009  0.0215  56  PHE A CZ  
384 N N   . MET A 57  ? 0.2993 0.3130 0.3051 0.0152  0.0258  0.0274  57  MET A N   
385 C CA  . MET A 57  ? 0.3073 0.3182 0.2985 0.0219  0.0238  0.0268  57  MET A CA  
386 C C   . MET A 57  ? 0.2979 0.3026 0.2921 0.0189  0.0175  0.0228  57  MET A C   
387 O O   . MET A 57  ? 0.2865 0.2863 0.2898 0.0123  0.0162  0.0229  57  MET A O   
388 C CB  . MET A 57  ? 0.3390 0.3469 0.3214 0.0264  0.0306  0.0393  57  MET A CB  
389 C CG  . MET A 57  ? 0.4104 0.4273 0.3920 0.0286  0.0416  0.0477  57  MET A CG  
390 S SD  . MET A 57  ? 0.5400 0.5492 0.5232 0.0255  0.0513  0.0689  57  MET A SD  
391 C CE  . MET A 57  ? 0.4749 0.4762 0.4283 0.0390  0.0478  0.0727  57  MET A CE  
392 N N   . LEU A 58  ? 0.2671 0.2743 0.2538 0.0254  0.0130  0.0180  58  LEU A N   
393 C CA  . LEU A 58  ? 0.2589 0.2657 0.2505 0.0251  0.0086  0.0129  58  LEU A CA  
394 C C   . LEU A 58  ? 0.2668 0.2639 0.2525 0.0318  0.0073  0.0180  58  LEU A C   
395 O O   . LEU A 58  ? 0.2701 0.2662 0.2445 0.0401  0.0065  0.0229  58  LEU A O   
396 C CB  . LEU A 58  ? 0.2848 0.3040 0.2792 0.0275  0.0035  0.0038  58  LEU A CB  
397 C CG  . LEU A 58  ? 0.2609 0.2877 0.2662 0.0248  0.0023  -0.0018 58  LEU A CG  
398 C CD1 . LEU A 58  ? 0.2915 0.3176 0.3025 0.0150  0.0062  -0.0010 58  LEU A CD1 
399 C CD2 . LEU A 58  ? 0.2989 0.3405 0.3126 0.0268  -0.0034 -0.0095 58  LEU A CD2 
400 N N   . ALA A 59  ? 0.2663 0.2547 0.2576 0.0298  0.0061  0.0165  59  ALA A N   
401 C CA  . ALA A 59  ? 0.2932 0.2702 0.2811 0.0384  0.0025  0.0185  59  ALA A CA  
402 C C   . ALA A 59  ? 0.3057 0.2952 0.2909 0.0491  -0.0025 0.0130  59  ALA A C   
403 O O   . ALA A 59  ? 0.2764 0.2834 0.2694 0.0475  -0.0034 0.0037  59  ALA A O   
404 C CB  . ALA A 59  ? 0.3142 0.2815 0.3087 0.0368  0.0002  0.0118  59  ALA A CB  
405 N N   . THR A 60  ? 0.3168 0.2975 0.2928 0.0598  -0.0063 0.0196  60  THR A N   
406 C CA  . THR A 60  ? 0.3241 0.3184 0.2983 0.0719  -0.0139 0.0140  60  THR A CA  
407 C C   . THR A 60  ? 0.3163 0.3236 0.3065 0.0753  -0.0169 0.0016  60  THR A C   
408 O O   . THR A 60  ? 0.3131 0.3421 0.3125 0.0799  -0.0220 -0.0064 60  THR A O   
409 C CB  . THR A 60  ? 0.3646 0.3442 0.3231 0.0849  -0.0186 0.0256  60  THR A CB  
410 O OG1 . THR A 60  ? 0.4048 0.3730 0.3486 0.0806  -0.0114 0.0402  60  THR A OG1 
411 C CG2 . THR A 60  ? 0.4212 0.4177 0.3748 0.0986  -0.0292 0.0200  60  THR A CG2 
412 N N   . GLN A 61  ? 0.3352 0.3318 0.3307 0.0735  -0.0139 -0.0011 61  GLN A N   
413 C CA  . GLN A 61  ? 0.3444 0.3560 0.3528 0.0783  -0.0137 -0.0134 61  GLN A CA  
414 C C   . GLN A 61  ? 0.3081 0.3463 0.3280 0.0687  -0.0084 -0.0196 61  GLN A C   
415 O O   . GLN A 61  ? 0.3409 0.4016 0.3752 0.0732  -0.0071 -0.0276 61  GLN A O   
416 C CB  . GLN A 61  ? 0.3620 0.3545 0.3682 0.0783  -0.0118 -0.0169 61  GLN A CB  
417 C CG  . GLN A 61  ? 0.4616 0.4222 0.4610 0.0850  -0.0176 -0.0094 61  GLN A CG  
418 C CD  . GLN A 61  ? 0.4363 0.3765 0.4302 0.0718  -0.0150 0.0024  61  GLN A CD  
419 O OE1 . GLN A 61  ? 0.4115 0.3518 0.3989 0.0683  -0.0129 0.0146  61  GLN A OE1 
420 N NE2 . GLN A 61  ? 0.4880 0.4130 0.4851 0.0650  -0.0152 -0.0024 61  GLN A NE2 
421 N N   . LEU A 62  ? 0.2722 0.3093 0.2886 0.0560  -0.0050 -0.0150 62  LEU A N   
422 C CA  . LEU A 62  ? 0.2549 0.3111 0.2824 0.0458  -0.0007 -0.0180 62  LEU A CA  
423 C C   . LEU A 62  ? 0.2556 0.3260 0.2917 0.0451  -0.0067 -0.0201 62  LEU A C   
424 O O   . LEU A 62  ? 0.2497 0.3331 0.2990 0.0354  -0.0047 -0.0224 62  LEU A O   
425 C CB  . LEU A 62  ? 0.2804 0.3250 0.3005 0.0339  0.0041  -0.0128 62  LEU A CB  
426 C CG  . LEU A 62  ? 0.2904 0.3252 0.3038 0.0328  0.0078  -0.0137 62  LEU A CG  
427 C CD1 . LEU A 62  ? 0.2664 0.2888 0.2733 0.0233  0.0087  -0.0082 62  LEU A CD1 
428 C CD2 . LEU A 62  ? 0.2993 0.3520 0.3179 0.0329  0.0138  -0.0189 62  LEU A CD2 
429 N N   . ASN A 63  ? 0.2581 0.3244 0.2861 0.0554  -0.0150 -0.0196 63  ASN A N   
430 C CA  . ASN A 63  ? 0.2597 0.3387 0.2924 0.0566  -0.0237 -0.0247 63  ASN A CA  
431 C C   . ASN A 63  ? 0.2553 0.3620 0.3169 0.0532  -0.0268 -0.0339 63  ASN A C   
432 O O   . ASN A 63  ? 0.2408 0.3560 0.3136 0.0456  -0.0318 -0.0391 63  ASN A O   
433 C CB  . ASN A 63  ? 0.2856 0.3581 0.3011 0.0718  -0.0332 -0.0223 63  ASN A CB  
434 C CG  . ASN A 63  ? 0.3039 0.3555 0.2933 0.0723  -0.0295 -0.0122 63  ASN A CG  
435 O OD1 . ASN A 63  ? 0.2738 0.3154 0.2614 0.0621  -0.0203 -0.0075 63  ASN A OD1 
436 N ND2 . ASN A 63  ? 0.3396 0.3871 0.3089 0.0849  -0.0364 -0.0082 63  ASN A ND2 
437 N N   . PRO A 64  ? 0.2704 0.3928 0.3474 0.0588  -0.0244 -0.0370 64  PRO A N   
438 C CA  . PRO A 64  ? 0.2464 0.4008 0.3569 0.0542  -0.0255 -0.0444 64  PRO A CA  
439 C C   . PRO A 64  ? 0.2480 0.4084 0.3729 0.0355  -0.0162 -0.0417 64  PRO A C   
440 O O   . PRO A 64  ? 0.2333 0.4149 0.3872 0.0269  -0.0197 -0.0461 64  PRO A O   
441 C CB  . PRO A 64  ? 0.2490 0.4176 0.3694 0.0657  -0.0204 -0.0469 64  PRO A CB  
442 C CG  . PRO A 64  ? 0.2613 0.4042 0.3553 0.0809  -0.0266 -0.0437 64  PRO A CG  
443 C CD  . PRO A 64  ? 0.2767 0.3895 0.3441 0.0724  -0.0235 -0.0352 64  PRO A CD  
444 N N   . LEU A 65  ? 0.2374 0.3792 0.3447 0.0287  -0.0057 -0.0340 65  LEU A N   
445 C CA  . LEU A 65  ? 0.2537 0.3973 0.3712 0.0123  0.0018  -0.0289 65  LEU A CA  
446 C C   . LEU A 65  ? 0.2912 0.4263 0.4140 0.0045  -0.0080 -0.0315 65  LEU A C   
447 O O   . LEU A 65  ? 0.2902 0.4330 0.4355 -0.0087 -0.0069 -0.0303 65  LEU A O   
448 C CB  . LEU A 65  ? 0.2678 0.3917 0.3621 0.0092  0.0113  -0.0207 65  LEU A CB  
449 C CG  . LEU A 65  ? 0.2926 0.4239 0.3806 0.0140  0.0223  -0.0193 65  LEU A CG  
450 C CD1 . LEU A 65  ? 0.2977 0.4063 0.3608 0.0112  0.0261  -0.0136 65  LEU A CD1 
451 C CD2 . LEU A 65  ? 0.2737 0.4348 0.3852 0.0080  0.0330  -0.0173 65  LEU A CD2 
452 N N   . VAL A 66  ? 0.2456 0.3641 0.3476 0.0130  -0.0172 -0.0348 66  VAL A N   
453 C CA  . VAL A 66  ? 0.2829 0.3939 0.3864 0.0095  -0.0277 -0.0411 66  VAL A CA  
454 C C   . VAL A 66  ? 0.2938 0.4254 0.4204 0.0117  -0.0414 -0.0529 66  VAL A C   
455 O O   . VAL A 66  ? 0.2996 0.4349 0.4480 0.0018  -0.0490 -0.0598 66  VAL A O   
456 C CB  . VAL A 66  ? 0.2706 0.3608 0.3415 0.0197  -0.0302 -0.0400 66  VAL A CB  
457 C CG1 . VAL A 66  ? 0.3114 0.3939 0.3799 0.0188  -0.0397 -0.0487 66  VAL A CG1 
458 C CG2 . VAL A 66  ? 0.3018 0.3764 0.3571 0.0170  -0.0180 -0.0289 66  VAL A CG2 
459 N N   . GLU A 67  ? 0.2899 0.4346 0.4150 0.0248  -0.0461 -0.0558 67  GLU A N   
460 C CA  . GLU A 67  ? 0.2830 0.4479 0.4268 0.0305  -0.0629 -0.0682 67  GLU A CA  
461 C C   . GLU A 67  ? 0.2991 0.4930 0.4903 0.0174  -0.0618 -0.0717 67  GLU A C   
462 O O   . GLU A 67  ? 0.3339 0.5430 0.5513 0.0137  -0.0771 -0.0835 67  GLU A O   
463 C CB  . GLU A 67  ? 0.3023 0.4702 0.4284 0.0504  -0.0685 -0.0679 67  GLU A CB  
464 C CG  . GLU A 67  ? 0.3804 0.5260 0.4669 0.0623  -0.0764 -0.0676 67  GLU A CG  
465 C CD  . GLU A 67  ? 0.4395 0.5732 0.4975 0.0788  -0.0744 -0.0579 67  GLU A CD  
466 O OE1 . GLU A 67  ? 0.4490 0.5616 0.4728 0.0851  -0.0725 -0.0509 67  GLU A OE1 
467 O OE2 . GLU A 67  ? 0.4474 0.5931 0.5188 0.0860  -0.0744 -0.0569 67  GLU A OE2 
468 N N   . GLU A 68  ? 0.2703 0.4726 0.4732 0.0093  -0.0438 -0.0615 68  GLU A N   
469 C CA  . GLU A 68  ? 0.2982 0.5288 0.5457 -0.0056 -0.0374 -0.0602 68  GLU A CA  
470 C C   . GLU A 68  ? 0.3094 0.5249 0.5634 -0.0253 -0.0289 -0.0513 68  GLU A C   
471 O O   . GLU A 68  ? 0.3119 0.5461 0.5961 -0.0394 -0.0168 -0.0432 68  GLU A O   
472 C CB  . GLU A 68  ? 0.2651 0.5193 0.5212 0.0002  -0.0214 -0.0544 68  GLU A CB  
473 C CG  . GLU A 68  ? 0.2657 0.5303 0.5147 0.0221  -0.0296 -0.0620 68  GLU A CG  
474 C CD  . GLU A 68  ? 0.2969 0.5879 0.5776 0.0266  -0.0487 -0.0748 68  GLU A CD  
475 O OE1 . GLU A 68  ? 0.3022 0.6163 0.6250 0.0109  -0.0514 -0.0781 68  GLU A OE1 
476 O OE2 . GLU A 68  ? 0.3434 0.6330 0.6094 0.0461  -0.0620 -0.0810 68  GLU A OE2 
477 N N   . GLU A 69  ? 0.2995 0.4820 0.5250 -0.0255 -0.0337 -0.0513 69  GLU A N   
478 C CA  . GLU A 69  ? 0.3446 0.5084 0.5776 -0.0415 -0.0322 -0.0462 69  GLU A CA  
479 C C   . GLU A 69  ? 0.3686 0.5291 0.5995 -0.0518 -0.0120 -0.0279 69  GLU A C   
480 O O   . GLU A 69  ? 0.3825 0.5322 0.6281 -0.0670 -0.0093 -0.0202 69  GLU A O   
481 C CB  . GLU A 69  ? 0.3674 0.5425 0.6442 -0.0549 -0.0457 -0.0556 69  GLU A CB  
482 C CG  . GLU A 69  ? 0.3957 0.5656 0.6673 -0.0445 -0.0699 -0.0763 69  GLU A CG  
483 C CD  . GLU A 69  ? 0.4388 0.6354 0.7586 -0.0524 -0.0862 -0.0898 69  GLU A CD  
484 O OE1 . GLU A 69  ? 0.4469 0.6489 0.8081 -0.0732 -0.0837 -0.0852 69  GLU A OE1 
485 O OE2 . GLU A 69  ? 0.4663 0.6776 0.7838 -0.0384 -0.1027 -0.1043 69  GLU A OE2 
486 N N   . GLN A 70  ? 0.3168 0.4834 0.5266 -0.0428 0.0012  -0.0210 70  GLN A N   
487 C CA  . GLN A 70  ? 0.3485 0.5092 0.5472 -0.0499 0.0180  -0.0051 70  GLN A CA  
488 C C   . GLN A 70  ? 0.3678 0.4951 0.5307 -0.0461 0.0168  -0.0010 70  GLN A C   
489 O O   . GLN A 70  ? 0.3940 0.5087 0.5509 -0.0544 0.0241  0.0114  70  GLN A O   
490 C CB  . GLN A 70  ? 0.3452 0.5304 0.5404 -0.0419 0.0323  -0.0019 70  GLN A CB  
491 C CG  . GLN A 70  ? 0.3676 0.5912 0.6046 -0.0507 0.0416  0.0013  70  GLN A CG  
492 C CD  . GLN A 70  ? 0.3640 0.6146 0.6255 -0.0409 0.0318  -0.0135 70  GLN A CD  
493 O OE1 . GLN A 70  ? 0.3601 0.5990 0.6012 -0.0257 0.0196  -0.0242 70  GLN A OE1 
494 N NE2 . GLN A 70  ? 0.3068 0.5945 0.6140 -0.0497 0.0368  -0.0127 70  GLN A NE2 
495 N N   . LEU A 71  ? 0.3488 0.4627 0.4901 -0.0337 0.0076  -0.0100 71  LEU A N   
496 C CA  . LEU A 71  ? 0.3758 0.4629 0.4901 -0.0301 0.0056  -0.0075 71  LEU A CA  
497 C C   . LEU A 71  ? 0.3686 0.4421 0.4888 -0.0315 -0.0071 -0.0160 71  LEU A C   
498 O O   . LEU A 71  ? 0.3730 0.4485 0.4885 -0.0223 -0.0168 -0.0271 71  LEU A O   
499 C CB  . LEU A 71  ? 0.3529 0.4358 0.4425 -0.0165 0.0059  -0.0102 71  LEU A CB  
500 C CG  . LEU A 71  ? 0.3591 0.4204 0.4254 -0.0131 0.0062  -0.0063 71  LEU A CG  
501 C CD1 . LEU A 71  ? 0.3522 0.4080 0.4134 -0.0198 0.0135  0.0037  71  LEU A CD1 
502 C CD2 . LEU A 71  ? 0.3544 0.4125 0.4039 -0.0023 0.0062  -0.0079 71  LEU A CD2 
503 N N   . SER A 72  ? 0.3868 0.4456 0.5154 -0.0413 -0.0078 -0.0110 72  SER A N   
504 C CA  . SER A 72  ? 0.3626 0.4073 0.4997 -0.0420 -0.0210 -0.0220 72  SER A CA  
505 C C   . SER A 72  ? 0.3677 0.3870 0.4975 -0.0447 -0.0205 -0.0154 72  SER A C   
506 O O   . SER A 72  ? 0.3454 0.3599 0.4680 -0.0486 -0.0109 -0.0007 72  SER A O   
507 C CB  . SER A 72  ? 0.3735 0.4289 0.5469 -0.0538 -0.0287 -0.0279 72  SER A CB  
508 O OG  . SER A 72  ? 0.3950 0.4484 0.5891 -0.0698 -0.0201 -0.0129 72  SER A OG  
509 N N   . SER A 73  ? 0.3753 0.3785 0.5062 -0.0406 -0.0322 -0.0277 73  SER A N   
510 C CA  . SER A 73  ? 0.3844 0.3632 0.5096 -0.0393 -0.0335 -0.0242 73  SER A CA  
511 C C   . SER A 73  ? 0.3948 0.3627 0.5381 -0.0543 -0.0295 -0.0082 73  SER A C   
512 O O   . SER A 73  ? 0.4005 0.3726 0.5712 -0.0676 -0.0316 -0.0066 73  SER A O   
513 C CB  . SER A 73  ? 0.4056 0.3700 0.5322 -0.0313 -0.0477 -0.0434 73  SER A CB  
514 O OG  . SER A 73  ? 0.4087 0.3853 0.5139 -0.0166 -0.0496 -0.0555 73  SER A OG  
515 N N   . ASN A 74  ? 0.3844 0.3400 0.5136 -0.0521 -0.0238 0.0049  74  ASN A N   
516 C CA  . ASN A 74  ? 0.3785 0.3206 0.5130 -0.0618 -0.0188 0.0245  74  ASN A CA  
517 C C   . ASN A 74  ? 0.3948 0.3564 0.5228 -0.0683 -0.0047 0.0410  74  ASN A C   
518 O O   . ASN A 74  ? 0.4235 0.3761 0.5469 -0.0737 0.0011  0.0596  74  ASN A O   
519 C CB  . ASN A 74  ? 0.4370 0.3594 0.6014 -0.0746 -0.0266 0.0262  74  ASN A CB  
520 C CG  . ASN A 74  ? 0.4691 0.3656 0.6356 -0.0657 -0.0409 0.0108  74  ASN A CG  
521 O OD1 . ASN A 74  ? 0.4707 0.3566 0.6188 -0.0531 -0.0417 0.0112  74  ASN A OD1 
522 N ND2 . ASN A 74  ? 0.4959 0.3839 0.6860 -0.0706 -0.0533 -0.0049 74  ASN A ND2 
523 N N   . CYS A 75  ? 0.3695 0.3567 0.4942 -0.0660 0.0008  0.0349  75  CYS A N   
524 C CA  . CYS A 75  ? 0.3692 0.3750 0.4840 -0.0682 0.0143  0.0475  75  CYS A CA  
525 C C   . CYS A 75  ? 0.3514 0.3505 0.4353 -0.0586 0.0168  0.0533  75  CYS A C   
526 O O   . CYS A 75  ? 0.3568 0.3440 0.4304 -0.0497 0.0092  0.0460  75  CYS A O   
527 C CB  . CYS A 75  ? 0.3644 0.3971 0.4852 -0.0652 0.0175  0.0368  75  CYS A CB  
528 S SG  . CYS A 75  ? 0.3426 0.3795 0.4353 -0.0485 0.0159  0.0257  75  CYS A SG  
529 N N   . VAL A 76  ? 0.3592 0.3679 0.4295 -0.0602 0.0273  0.0664  76  VAL A N   
530 C CA  . VAL A 76  ? 0.3642 0.3682 0.4053 -0.0514 0.0274  0.0709  76  VAL A CA  
531 C C   . VAL A 76  ? 0.3700 0.3947 0.3975 -0.0449 0.0340  0.0639  76  VAL A C   
532 O O   . VAL A 76  ? 0.3603 0.4039 0.3927 -0.0484 0.0449  0.0676  76  VAL A O   
533 C CB  . VAL A 76  ? 0.4012 0.3950 0.4309 -0.0555 0.0316  0.0917  76  VAL A CB  
534 C CG1 . VAL A 76  ? 0.3889 0.3850 0.3858 -0.0455 0.0314  0.0948  76  VAL A CG1 
535 C CG2 . VAL A 76  ? 0.4079 0.3748 0.4492 -0.0584 0.0216  0.0972  76  VAL A CG2 
536 N N   . CYS A 77  ? 0.3395 0.3608 0.3528 -0.0354 0.0278  0.0538  77  CYS A N   
537 C CA  . CYS A 77  ? 0.3473 0.3821 0.3488 -0.0282 0.0314  0.0452  77  CYS A CA  
538 C C   . CYS A 77  ? 0.3466 0.3751 0.3237 -0.0213 0.0269  0.0451  77  CYS A C   
539 O O   . CYS A 77  ? 0.3608 0.3758 0.3337 -0.0207 0.0187  0.0486  77  CYS A O   
540 C CB  A CYS A 77  ? 0.3381 0.3739 0.3486 -0.0234 0.0261  0.0313  77  CYS A CB  
541 C CB  B CYS A 77  ? 0.3231 0.3600 0.3351 -0.0240 0.0268  0.0316  77  CYS A CB  
542 S SG  A CYS A 77  ? 0.3246 0.3669 0.3602 -0.0272 0.0249  0.0254  77  CYS A SG  
543 S SG  B CYS A 77  ? 0.2952 0.3153 0.3089 -0.0214 0.0165  0.0276  77  CYS A SG  
544 N N   . GLN A 78  ? 0.3460 0.3843 0.3085 -0.0148 0.0306  0.0385  78  GLN A N   
545 C CA  . GLN A 78  ? 0.3387 0.3703 0.2809 -0.0074 0.0225  0.0319  78  GLN A CA  
546 C C   . GLN A 78  ? 0.3484 0.3772 0.2985 -0.0031 0.0174  0.0177  78  GLN A C   
547 O O   . GLN A 78  ? 0.3302 0.3679 0.2852 0.0002  0.0232  0.0114  78  GLN A O   
548 C CB  . GLN A 78  ? 0.3722 0.4136 0.2878 -0.0008 0.0284  0.0325  78  GLN A CB  
549 C CG  . GLN A 78  ? 0.3758 0.4081 0.2706 0.0069  0.0156  0.0231  78  GLN A CG  
550 C CD  . GLN A 78  ? 0.4289 0.4676 0.2897 0.0143  0.0184  0.0270  78  GLN A CD  
551 O OE1 . GLN A 78  ? 0.4771 0.5309 0.3287 0.0153  0.0336  0.0346  78  GLN A OE1 
552 N NE2 . GLN A 78  ? 0.4658 0.4954 0.3079 0.0196  0.0037  0.0227  78  GLN A NE2 
553 N N   . ILE A 79  ? 0.3007 0.3176 0.2543 -0.0030 0.0068  0.0141  79  ILE A N   
554 C CA  . ILE A 79  ? 0.3158 0.3268 0.2775 -0.0005 0.0022  0.0041  79  ILE A CA  
555 C C   . ILE A 79  ? 0.3487 0.3561 0.2947 0.0060  -0.0036 -0.0067 79  ILE A C   
556 O O   . ILE A 79  ? 0.3464 0.3500 0.2809 0.0071  -0.0121 -0.0082 79  ILE A O   
557 C CB  . ILE A 79  ? 0.3032 0.3063 0.2801 -0.0045 -0.0044 0.0064  79  ILE A CB  
558 C CG1 . ILE A 79  ? 0.3025 0.3078 0.2910 -0.0081 -0.0003 0.0140  79  ILE A CG1 
559 C CG2 . ILE A 79  ? 0.2999 0.2961 0.2859 -0.0034 -0.0071 0.0001  79  ILE A CG2 
560 C CD1 . ILE A 79  ? 0.2896 0.3012 0.2829 -0.0082 0.0071  0.0136  79  ILE A CD1 
561 N N   . HIS A 80  ? 0.3132 0.3207 0.2588 0.0119  -0.0010 -0.0157 80  HIS A N   
562 C CA  . HIS A 80  ? 0.3317 0.3326 0.2625 0.0201  -0.0075 -0.0296 80  HIS A CA  
563 C C   . HIS A 80  ? 0.3515 0.3339 0.2953 0.0192  -0.0184 -0.0376 80  HIS A C   
564 O O   . HIS A 80  ? 0.3779 0.3499 0.3131 0.0235  -0.0290 -0.0503 80  HIS A O   
565 C CB  . HIS A 80  ? 0.3399 0.3527 0.2613 0.0299  0.0023  -0.0363 80  HIS A CB  
566 C CG  . HIS A 80  ? 0.3688 0.4005 0.2735 0.0316  0.0133  -0.0294 80  HIS A CG  
567 N ND1 . HIS A 80  ? 0.4012 0.4351 0.2775 0.0385  0.0111  -0.0341 80  HIS A ND1 
568 C CD2 . HIS A 80  ? 0.3795 0.4286 0.2921 0.0266  0.0264  -0.0169 80  HIS A CD2 
569 C CE1 . HIS A 80  ? 0.4268 0.4789 0.2922 0.0379  0.0247  -0.0222 80  HIS A CE1 
570 N NE2 . HIS A 80  ? 0.4222 0.4835 0.3125 0.0295  0.0341  -0.0114 80  HIS A NE2 
571 N N   . ARG A 81  ? 0.3222 0.2996 0.2862 0.0139  -0.0163 -0.0304 81  ARG A N   
572 C CA  . ARG A 81  ? 0.3311 0.2906 0.3098 0.0107  -0.0249 -0.0332 81  ARG A CA  
573 C C   . ARG A 81  ? 0.3245 0.2857 0.3209 0.0031  -0.0199 -0.0196 81  ARG A C   
574 O O   . ARG A 81  ? 0.2769 0.2468 0.2729 0.0050  -0.0112 -0.0133 81  ARG A O   
575 C CB  . ARG A 81  ? 0.3457 0.2921 0.3235 0.0192  -0.0264 -0.0424 81  ARG A CB  
576 C CG  . ARG A 81  ? 0.3943 0.3168 0.3881 0.0147  -0.0368 -0.0448 81  ARG A CG  
577 C CD  . ARG A 81  ? 0.4236 0.3272 0.4138 0.0254  -0.0422 -0.0576 81  ARG A CD  
578 N NE  . ARG A 81  ? 0.4212 0.3247 0.4141 0.0322  -0.0342 -0.0505 81  ARG A NE  
579 C CZ  . ARG A 81  ? 0.4512 0.3400 0.4579 0.0283  -0.0339 -0.0384 81  ARG A CZ  
580 N NH1 . ARG A 81  ? 0.4507 0.3262 0.4737 0.0159  -0.0381 -0.0300 81  ARG A NH1 
581 N NH2 . ARG A 81  ? 0.4299 0.3193 0.4347 0.0377  -0.0290 -0.0333 81  ARG A NH2 
582 N N   . PHE A 82  ? 0.3061 0.2616 0.3186 -0.0049 -0.0255 -0.0157 82  PHE A N   
583 C CA  . PHE A 82  ? 0.2938 0.2532 0.3217 -0.0103 -0.0186 -0.0028 82  PHE A CA  
584 C C   . PHE A 82  ? 0.3046 0.2538 0.3547 -0.0183 -0.0236 0.0005  82  PHE A C   
585 O O   . PHE A 82  ? 0.3025 0.2424 0.3592 -0.0216 -0.0353 -0.0085 82  PHE A O   
586 C CB  . PHE A 82  ? 0.2795 0.2547 0.3083 -0.0123 -0.0148 0.0030  82  PHE A CB  
587 C CG  . PHE A 82  ? 0.3071 0.2862 0.3421 -0.0162 -0.0240 0.0003  82  PHE A CG  
588 C CD1 . PHE A 82  ? 0.3386 0.3194 0.3561 -0.0125 -0.0302 -0.0062 82  PHE A CD1 
589 C CD2 . PHE A 82  ? 0.3281 0.3117 0.3868 -0.0226 -0.0263 0.0052  82  PHE A CD2 
590 C CE1 . PHE A 82  ? 0.3570 0.3414 0.3771 -0.0140 -0.0411 -0.0085 82  PHE A CE1 
591 C CE2 . PHE A 82  ? 0.3689 0.3589 0.4366 -0.0250 -0.0373 0.0017  82  PHE A CE2 
592 C CZ  . PHE A 82  ? 0.3925 0.3816 0.4395 -0.0202 -0.0460 -0.0054 82  PHE A CZ  
593 N N   . ILE A 83  ? 0.2916 0.2430 0.3532 -0.0215 -0.0144 0.0137  83  ILE A N   
594 C CA  . ILE A 83  ? 0.3230 0.2687 0.4097 -0.0309 -0.0141 0.0226  83  ILE A CA  
595 C C   . ILE A 83  ? 0.2988 0.2656 0.3986 -0.0344 -0.0048 0.0333  83  ILE A C   
596 O O   . ILE A 83  ? 0.2783 0.2566 0.3639 -0.0276 0.0033  0.0358  83  ILE A O   
597 C CB  . ILE A 83  ? 0.3209 0.2492 0.4061 -0.0290 -0.0089 0.0319  83  ILE A CB  
598 C CG1 . ILE A 83  ? 0.3989 0.3035 0.4786 -0.0252 -0.0203 0.0198  83  ILE A CG1 
599 C CG2 . ILE A 83  ? 0.3772 0.3041 0.4872 -0.0393 -0.0018 0.0490  83  ILE A CG2 
600 C CD1 . ILE A 83  ? 0.3994 0.2905 0.4640 -0.0150 -0.0161 0.0244  83  ILE A CD1 
601 N N   . VAL A 84  ? 0.2740 0.2473 0.4034 -0.0445 -0.0064 0.0380  84  VAL A N   
602 C CA  . VAL A 84  ? 0.2867 0.2822 0.4329 -0.0466 0.0052  0.0493  84  VAL A CA  
603 C C   . VAL A 84  ? 0.2935 0.2867 0.4607 -0.0549 0.0155  0.0657  84  VAL A C   
604 O O   . VAL A 84  ? 0.2819 0.2648 0.4754 -0.0665 0.0081  0.0669  84  VAL A O   
605 C CB  . VAL A 84  ? 0.2876 0.3012 0.4560 -0.0504 -0.0029 0.0436  84  VAL A CB  
606 C CG1 . VAL A 84  ? 0.3065 0.3460 0.4918 -0.0489 0.0108  0.0537  84  VAL A CG1 
607 C CG2 . VAL A 84  ? 0.2895 0.3015 0.4347 -0.0427 -0.0135 0.0306  84  VAL A CG2 
608 N N   . ASN A 85  ? 0.3083 0.3110 0.4648 -0.0492 0.0323  0.0788  85  ASN A N   
609 C CA  . ASN A 85  ? 0.3308 0.3368 0.5043 -0.0557 0.0468  0.0991  85  ASN A CA  
610 C C   . ASN A 85  ? 0.3422 0.3812 0.5333 -0.0553 0.0614  0.1072  85  ASN A C   
611 O O   . ASN A 85  ? 0.3119 0.3667 0.4894 -0.0446 0.0629  0.0982  85  ASN A O   
612 C CB  . ASN A 85  ? 0.3312 0.3235 0.4725 -0.0462 0.0558  0.1095  85  ASN A CB  
613 C CG  . ASN A 85  ? 0.3696 0.3292 0.5047 -0.0481 0.0451  0.1083  85  ASN A CG  
614 O OD1 . ASN A 85  ? 0.3592 0.3042 0.5186 -0.0592 0.0337  0.1036  85  ASN A OD1 
615 N ND2 . ASN A 85  ? 0.3288 0.2765 0.4321 -0.0359 0.0467  0.1105  85  ASN A ND2 
616 N N   . THR A 86  ? 0.3313 0.3809 0.5547 -0.0668 0.0728  0.1246  86  THR A N   
617 C CA  . THR A 86  ? 0.3961 0.4808 0.6368 -0.0649 0.0921  0.1359  86  THR A CA  
618 C C   . THR A 86  ? 0.4253 0.5108 0.6454 -0.0598 0.1139  0.1580  86  THR A C   
619 O O   . THR A 86  ? 0.4587 0.5275 0.6873 -0.0699 0.1174  0.1741  86  THR A O   
620 C CB  . THR A 86  ? 0.3741 0.4787 0.6720 -0.0818 0.0914  0.1411  86  THR A CB  
621 O OG1 . THR A 86  ? 0.3933 0.4942 0.7052 -0.0850 0.0676  0.1202  86  THR A OG1 
622 C CG2 . THR A 86  ? 0.4055 0.5502 0.7181 -0.0757 0.1103  0.1479  86  THR A CG2 
623 N N   . LEU A 87  ? 0.4285 0.5304 0.6173 -0.0425 0.1259  0.1563  87  LEU A N   
624 C CA  . LEU A 87  ? 0.4911 0.5954 0.6504 -0.0332 0.1453  0.1751  87  LEU A CA  
625 C C   . LEU A 87  ? 0.5232 0.6479 0.7050 -0.0399 0.1608  0.1899  87  LEU A C   
626 O O   . LEU A 87  ? 0.4884 0.6327 0.7123 -0.0504 0.1599  0.1869  87  LEU A O   
627 C CB  . LEU A 87  ? 0.4932 0.6087 0.6108 -0.0111 0.1487  0.1620  87  LEU A CB  
628 C CG  . LEU A 87  ? 0.4850 0.5787 0.5733 -0.0023 0.1278  0.1392  87  LEU A CG  
629 C CD1 . LEU A 87  ? 0.4795 0.5806 0.5261 0.0183  0.1324  0.1311  87  LEU A CD1 
630 C CD2 . LEU A 87  ? 0.4723 0.5327 0.5504 -0.0084 0.1154  0.1426  87  LEU A CD2 
631 N N   . LYS A 88  ? 0.5325 0.6530 0.6845 -0.0330 0.1738  0.2058  88  LYS A N   
632 C CA  . LYS A 88  ? 0.5273 0.6663 0.6956 -0.0389 0.1906  0.2223  88  LYS A CA  
633 C C   . LYS A 88  ? 0.5138 0.6937 0.6974 -0.0317 0.2025  0.2143  88  LYS A C   
634 O O   . LYS A 88  ? 0.5004 0.7009 0.7252 -0.0436 0.2087  0.2196  88  LYS A O   
635 C CB  . LYS A 88  ? 0.5502 0.6788 0.6759 -0.0289 0.2022  0.2396  88  LYS A CB  
636 N N   . ASP A 89  ? 0.5264 0.7179 0.6784 -0.0116 0.2048  0.2004  89  ASP A N   
637 C CA  . ASP A 89  ? 0.5338 0.7614 0.6968 -0.0009 0.2149  0.1899  89  ASP A CA  
638 C C   . ASP A 89  ? 0.5043 0.7446 0.7151 -0.0101 0.2031  0.1764  89  ASP A C   
639 N N   . GLY A 90  ? 0.5000 0.7160 0.7230 -0.0215 0.1843  0.1714  90  GLY A N   
640 C C   . GLY A 90  ? 0.4238 0.6502 0.6937 -0.0208 0.1516  0.1355  90  GLY A C   
641 O O   . GLY A 90  ? 0.4155 0.6270 0.7052 -0.0326 0.1307  0.1272  90  GLY A O   
642 N N   . ARG A 91  ? 0.4483 0.6575 0.6666 -0.0062 0.1541  0.1314  91  ARG A N   
643 C CA  . ARG A 91  ? 0.4162 0.6004 0.6043 0.0024  0.1335  0.1101  91  ARG A CA  
644 C C   . ARG A 91  ? 0.4055 0.5566 0.5917 -0.0115 0.1142  0.1079  91  ARG A C   
645 O O   . ARG A 91  ? 0.4257 0.5596 0.6015 -0.0185 0.1172  0.1202  91  ARG A O   
646 C CB  . ARG A 91  ? 0.4606 0.6372 0.5986 0.0205  0.1397  0.1052  91  ARG A CB  
647 C CG  . ARG A 91  ? 0.4901 0.6579 0.6094 0.0339  0.1254  0.0820  91  ARG A CG  
648 C CD  . ARG A 91  ? 0.4883 0.6461 0.5608 0.0501  0.1273  0.0746  91  ARG A CD  
649 N NE  . ARG A 91  ? 0.4968 0.6368 0.5556 0.0566  0.1090  0.0537  91  ARG A NE  
650 C CZ  . ARG A 91  ? 0.4920 0.6395 0.5512 0.0699  0.1070  0.0385  91  ARG A CZ  
651 N NH1 . ARG A 91  ? 0.4491 0.6246 0.5231 0.0799  0.1218  0.0396  91  ARG A NH1 
652 N NH2 . ARG A 91  ? 0.5115 0.6380 0.5590 0.0734  0.0900  0.0220  91  ARG A NH2 
653 N N   . ARG A 92  ? 0.3903 0.5327 0.5852 -0.0140 0.0946  0.0926  92  ARG A N   
654 C CA  . ARG A 92  ? 0.3670 0.4796 0.5526 -0.0228 0.0766  0.0867  92  ARG A CA  
655 C C   . ARG A 92  ? 0.3558 0.4481 0.4993 -0.0121 0.0701  0.0762  92  ARG A C   
656 O O   . ARG A 92  ? 0.3496 0.4480 0.4779 0.0001  0.0711  0.0674  92  ARG A O   
657 C CB  . ARG A 92  ? 0.3679 0.4818 0.5798 -0.0303 0.0586  0.0765  92  ARG A CB  
658 C CG  . ARG A 92  ? 0.4030 0.5329 0.6626 -0.0450 0.0589  0.0849  92  ARG A CG  
659 C CD  . ARG A 92  ? 0.4081 0.5573 0.6997 -0.0459 0.0460  0.0754  92  ARG A CD  
660 N NE  . ARG A 92  ? 0.4362 0.5633 0.7191 -0.0502 0.0224  0.0628  92  ARG A NE  
661 C CZ  . ARG A 92  ? 0.4167 0.5348 0.7211 -0.0640 0.0093  0.0608  92  ARG A CZ  
662 N NH1 . ARG A 92  ? 0.4450 0.5718 0.7860 -0.0778 0.0166  0.0723  92  ARG A NH1 
663 N NH2 . ARG A 92  ? 0.4055 0.5043 0.6934 -0.0636 -0.0115 0.0471  92  ARG A NH2 
664 N N   . VAL A 93  ? 0.3092 0.3774 0.4367 -0.0168 0.0630  0.0768  93  VAL A N   
665 C CA  . VAL A 93  ? 0.3126 0.3644 0.4064 -0.0085 0.0568  0.0680  93  VAL A CA  
666 C C   . VAL A 93  ? 0.2883 0.3218 0.3822 -0.0154 0.0415  0.0601  93  VAL A C   
667 O O   . VAL A 93  ? 0.2822 0.3076 0.3931 -0.0251 0.0373  0.0639  93  VAL A O   
668 C CB  . VAL A 93  ? 0.3520 0.3974 0.4218 -0.0023 0.0660  0.0775  93  VAL A CB  
669 C CG1 . VAL A 93  ? 0.3788 0.4107 0.4204 0.0057  0.0571  0.0669  93  VAL A CG1 
670 C CG2 . VAL A 93  ? 0.3812 0.4472 0.4457 0.0066  0.0827  0.0854  93  VAL A CG2 
671 N N   . VAL A 94  ? 0.2553 0.2822 0.3316 -0.0102 0.0334  0.0486  94  VAL A N   
672 C CA  . VAL A 94  ? 0.2496 0.2628 0.3207 -0.0138 0.0214  0.0407  94  VAL A CA  
673 C C   . VAL A 94  ? 0.2670 0.2698 0.3159 -0.0081 0.0213  0.0381  94  VAL A C   
674 O O   . VAL A 94  ? 0.2691 0.2763 0.3050 -0.0014 0.0231  0.0344  94  VAL A O   
675 C CB  . VAL A 94  ? 0.2493 0.2664 0.3203 -0.0130 0.0134  0.0325  94  VAL A CB  
676 C CG1 . VAL A 94  ? 0.2655 0.2713 0.3278 -0.0156 0.0032  0.0255  94  VAL A CG1 
677 C CG2 . VAL A 94  ? 0.2741 0.3050 0.3687 -0.0156 0.0123  0.0346  94  VAL A CG2 
678 N N   . ILE A 95  ? 0.2514 0.2405 0.2989 -0.0101 0.0176  0.0384  95  ILE A N   
679 C CA  . ILE A 95  ? 0.2731 0.2544 0.3033 -0.0030 0.0164  0.0354  95  ILE A CA  
680 C C   . ILE A 95  ? 0.2664 0.2443 0.2918 -0.0029 0.0086  0.0239  95  ILE A C   
681 O O   . ILE A 95  ? 0.2626 0.2322 0.2940 -0.0068 0.0023  0.0197  95  ILE A O   
682 C CB  . ILE A 95  ? 0.2777 0.2447 0.3079 -0.0021 0.0181  0.0443  95  ILE A CB  
683 C CG1 . ILE A 95  ? 0.2949 0.2679 0.3281 -0.0027 0.0290  0.0594  95  ILE A CG1 
684 C CG2 . ILE A 95  ? 0.2886 0.2503 0.3022 0.0080  0.0152  0.0402  95  ILE A CG2 
685 C CD1 . ILE A 95  ? 0.3221 0.2946 0.3806 -0.0142 0.0321  0.0682  95  ILE A CD1 
686 N N   . LEU A 96  ? 0.2563 0.2421 0.2720 0.0018  0.0090  0.0188  96  LEU A N   
687 C CA  . LEU A 96  ? 0.2489 0.2368 0.2593 0.0026  0.0055  0.0104  96  LEU A CA  
688 C C   . LEU A 96  ? 0.2664 0.2487 0.2718 0.0094  0.0041  0.0060  96  LEU A C   
689 O O   . LEU A 96  ? 0.2597 0.2453 0.2623 0.0154  0.0056  0.0073  96  LEU A O   
690 C CB  . LEU A 96  ? 0.2417 0.2414 0.2498 0.0025  0.0077  0.0090  96  LEU A CB  
691 C CG  . LEU A 96  ? 0.2544 0.2575 0.2680 -0.0012 0.0083  0.0124  96  LEU A CG  
692 C CD1 . LEU A 96  ? 0.3119 0.3209 0.3253 -0.0017 0.0088  0.0106  96  LEU A CD1 
693 C CD2 . LEU A 96  ? 0.2850 0.2852 0.3015 -0.0056 0.0042  0.0132  96  LEU A CD2 
694 N N   . MET A 97  ? 0.2694 0.2431 0.2731 0.0103  -0.0004 -0.0006 97  MET A N   
695 C CA  . MET A 97  ? 0.2958 0.2607 0.2962 0.0189  -0.0029 -0.0064 97  MET A CA  
696 C C   . MET A 97  ? 0.3016 0.2800 0.2954 0.0257  -0.0008 -0.0160 97  MET A C   
697 O O   . MET A 97  ? 0.2872 0.2697 0.2816 0.0349  0.0000  -0.0195 97  MET A O   
698 C CB  . MET A 97  ? 0.3129 0.2566 0.3174 0.0171  -0.0101 -0.0099 97  MET A CB  
699 C CG  . MET A 97  ? 0.3190 0.2527 0.3359 0.0087  -0.0098 0.0022  97  MET A CG  
700 S SD  . MET A 97  ? 0.4129 0.3416 0.4282 0.0141  -0.0040 0.0164  97  MET A SD  
701 C CE  . MET A 97  ? 0.4079 0.3212 0.4176 0.0271  -0.0103 0.0080  97  MET A CE  
702 N N   . GLU A 98  ? 0.2827 0.2699 0.2703 0.0220  0.0007  -0.0192 98  GLU A N   
703 C CA  . GLU A 98  ? 0.2925 0.2961 0.2728 0.0275  0.0059  -0.0255 98  GLU A CA  
704 C C   . GLU A 98  ? 0.2809 0.2967 0.2584 0.0193  0.0105  -0.0185 98  GLU A C   
705 O O   . GLU A 98  ? 0.2795 0.2874 0.2545 0.0132  0.0061  -0.0146 98  GLU A O   
706 C CB  . GLU A 98  ? 0.3007 0.2969 0.2683 0.0353  0.0020  -0.0380 98  GLU A CB  
707 C CG  . GLU A 98  ? 0.3420 0.3192 0.3129 0.0443  -0.0049 -0.0466 98  GLU A CG  
708 C CD  . GLU A 98  ? 0.4006 0.3662 0.3582 0.0521  -0.0118 -0.0624 98  GLU A CD  
709 O OE1 . GLU A 98  ? 0.3942 0.3715 0.3364 0.0526  -0.0096 -0.0665 98  GLU A OE1 
710 O OE2 . GLU A 98  ? 0.4192 0.3626 0.3805 0.0586  -0.0202 -0.0711 98  GLU A OE2 
711 N N   . LEU A 99  ? 0.2853 0.3201 0.2666 0.0191  0.0187  -0.0159 99  LEU A N   
712 C CA  . LEU A 99  ? 0.2947 0.3377 0.2743 0.0109  0.0235  -0.0070 99  LEU A CA  
713 C C   . LEU A 99  ? 0.3065 0.3722 0.2902 0.0118  0.0345  -0.0054 99  LEU A C   
714 O O   . LEU A 99  ? 0.3100 0.3885 0.3033 0.0185  0.0377  -0.0117 99  LEU A O   
715 C CB  . LEU A 99  ? 0.3110 0.3488 0.3028 0.0028  0.0206  0.0004  99  LEU A CB  
716 C CG  . LEU A 99  ? 0.2760 0.3204 0.2837 0.0027  0.0207  -0.0005 99  LEU A CG  
717 C CD1 . LEU A 99  ? 0.2918 0.3542 0.3127 -0.0024 0.0269  0.0026  99  LEU A CD1 
718 C CD2 . LEU A 99  ? 0.2943 0.3278 0.3058 -0.0002 0.0154  0.0023  99  LEU A CD2 
719 N N   . GLU A 100 ? 0.3126 0.3847 0.2918 0.0050  0.0405  0.0046  100 GLU A N   
720 C CA  . GLU A 100 ? 0.3442 0.4395 0.3350 0.0014  0.0528  0.0108  100 GLU A CA  
721 C C   . GLU A 100 ? 0.3394 0.4303 0.3420 -0.0119 0.0532  0.0242  100 GLU A C   
722 O O   . GLU A 100 ? 0.3503 0.4229 0.3426 -0.0151 0.0467  0.0297  100 GLU A O   
723 C CB  . GLU A 100 ? 0.3930 0.5027 0.3635 0.0082  0.0637  0.0114  100 GLU A CB  
724 C CG  . GLU A 100 ? 0.4211 0.5203 0.3658 0.0063  0.0630  0.0206  100 GLU A CG  
725 C CD  . GLU A 100 ? 0.4418 0.5571 0.3599 0.0159  0.0744  0.0203  100 GLU A CD  
726 O OE1 . GLU A 100 ? 0.4862 0.6254 0.4103 0.0129  0.0910  0.0311  100 GLU A OE1 
727 O OE2 . GLU A 100 ? 0.4833 0.5883 0.3752 0.0266  0.0666  0.0090  100 GLU A OE2 
728 N N   . VAL A 101 ? 0.3432 0.4504 0.3713 -0.0192 0.0591  0.0281  101 VAL A N   
729 C CA  . VAL A 101 ? 0.3391 0.4404 0.3836 -0.0327 0.0587  0.0398  101 VAL A CA  
730 C C   . VAL A 101 ? 0.3738 0.4843 0.4107 -0.0385 0.0723  0.0565  101 VAL A C   
731 O O   . VAL A 101 ? 0.3814 0.5183 0.4266 -0.0387 0.0860  0.0596  101 VAL A O   
732 C CB  . VAL A 101 ? 0.3478 0.4616 0.4268 -0.0391 0.0560  0.0349  101 VAL A CB  
733 C CG1 . VAL A 101 ? 0.3844 0.4905 0.4833 -0.0542 0.0554  0.0461  101 VAL A CG1 
734 C CG2 . VAL A 101 ? 0.3368 0.4398 0.4161 -0.0315 0.0424  0.0207  101 VAL A CG2 
735 N N   . LEU A 102 ? 0.3510 0.4412 0.3710 -0.0418 0.0692  0.0680  102 LEU A N   
736 C CA  . LEU A 102 ? 0.3952 0.4905 0.4005 -0.0455 0.0816  0.0870  102 LEU A CA  
737 C C   . LEU A 102 ? 0.4202 0.5174 0.4552 -0.0621 0.0883  0.1036  102 LEU A C   
738 O O   . LEU A 102 ? 0.4165 0.5323 0.4542 -0.0680 0.1050  0.1193  102 LEU A O   
739 C CB  . LEU A 102 ? 0.4289 0.5010 0.4022 -0.0401 0.0728  0.0929  102 LEU A CB  
740 C CG  . LEU A 102 ? 0.4130 0.4831 0.3574 -0.0255 0.0655  0.0782  102 LEU A CG  
741 C CD1 . LEU A 102 ? 0.4270 0.4778 0.3463 -0.0219 0.0554  0.0857  102 LEU A CD1 
742 C CD2 . LEU A 102 ? 0.4317 0.5257 0.3584 -0.0170 0.0790  0.0749  102 LEU A CD2 
743 N N   . LYS A 103 ? 0.4020 0.4796 0.4600 -0.0698 0.0757  0.1005  103 LYS A N   
744 C CA  . LYS A 103 ? 0.4181 0.4903 0.5079 -0.0866 0.0778  0.1138  103 LYS A CA  
745 C C   . LYS A 103 ? 0.4057 0.4739 0.5274 -0.0904 0.0642  0.0961  103 LYS A C   
746 O O   . LYS A 103 ? 0.4158 0.4656 0.5278 -0.0822 0.0501  0.0825  103 LYS A O   
747 C CB  . LYS A 103 ? 0.4530 0.4940 0.5299 -0.0904 0.0732  0.1314  103 LYS A CB  
748 N N   . SER A 104 ? 0.4143 0.5018 0.5738 -0.1023 0.0685  0.0961  104 SER A N   
749 C CA  . SER A 104 ? 0.3997 0.4860 0.5876 -0.1044 0.0532  0.0771  104 SER A CA  
750 C C   . SER A 104 ? 0.4129 0.4631 0.6066 -0.1091 0.0381  0.0756  104 SER A C   
751 O O   . SER A 104 ? 0.4374 0.4653 0.6245 -0.1149 0.0405  0.0927  104 SER A O   
752 C CB  . SER A 104 ? 0.4115 0.5266 0.6448 -0.1179 0.0584  0.0778  104 SER A CB  
753 O OG  . SER A 104 ? 0.4250 0.5296 0.6835 -0.1368 0.0632  0.0969  104 SER A OG  
754 N N   . ALA A 105 ? 0.4034 0.4472 0.6069 -0.1044 0.0219  0.0544  105 ALA A N   
755 C CA  . ALA A 105 ? 0.4224 0.4341 0.6340 -0.1067 0.0065  0.0480  105 ALA A CA  
756 C C   . ALA A 105 ? 0.4635 0.4633 0.7097 -0.1265 0.0072  0.0621  105 ALA A C   
757 O O   . ALA A 105 ? 0.5095 0.4761 0.7547 -0.1295 0.0010  0.0694  105 ALA A O   
758 C CB  . ALA A 105 ? 0.3842 0.3979 0.6032 -0.0988 -0.0098 0.0221  105 ALA A CB  
759 N N   . GLU A 106 ? 0.4505 0.4778 0.7303 -0.1403 0.0149  0.0673  106 GLU A N   
760 C CA  . GLU A 106 ? 0.4429 0.4619 0.7626 -0.1620 0.0164  0.0817  106 GLU A CA  
761 C C   . GLU A 106 ? 0.4791 0.4863 0.7758 -0.1656 0.0333  0.1108  106 GLU A C   
762 O O   . GLU A 106 ? 0.5205 0.4988 0.8218 -0.1733 0.0298  0.1206  106 GLU A O   
763 C CB  . GLU A 106 ? 0.4287 0.4862 0.7825 -0.1709 0.0207  0.0757  106 GLU A CB  
764 C CG  . GLU A 106 ? 0.4090 0.4743 0.7866 -0.1674 -0.0010 0.0459  106 GLU A CG  
765 C CD  . GLU A 106 ? 0.4381 0.5174 0.7867 -0.1464 -0.0054 0.0284  106 GLU A CD  
766 O OE1 . GLU A 106 ? 0.4234 0.5209 0.7449 -0.1368 0.0108  0.0373  106 GLU A OE1 
767 O OE2 . GLU A 106 ? 0.4389 0.5094 0.7841 -0.1368 -0.0251 0.0046  106 GLU A OE2 
768 N N   . ALA A 107 ? 0.4591 0.4876 0.7285 -0.1584 0.0506  0.1239  107 ALA A N   
769 C CA  . ALA A 107 ? 0.4996 0.5169 0.7382 -0.1579 0.0647  0.1494  107 ALA A CA  
770 C C   . ALA A 107 ? 0.5318 0.5060 0.7473 -0.1507 0.0520  0.1540  107 ALA A C   
771 O O   . ALA A 107 ? 0.5988 0.5477 0.8083 -0.1553 0.0528  0.1702  107 ALA A O   
772 C CB  . ALA A 107 ? 0.4997 0.5485 0.7080 -0.1472 0.0823  0.1567  107 ALA A CB  
773 N N   . VAL A 108 ? 0.5214 0.4877 0.7176 -0.1352 0.0396  0.1352  108 VAL A N   
774 C CA  . VAL A 108 ? 0.5459 0.4767 0.7195 -0.1247 0.0276  0.1358  108 VAL A CA  
775 C C   . VAL A 108 ? 0.5611 0.4583 0.7649 -0.1319 0.0112  0.1292  108 VAL A C   
776 O O   . VAL A 108 ? 0.6012 0.4676 0.8014 -0.1331 0.0075  0.1433  108 VAL A O   
777 C CB  . VAL A 108 ? 0.4854 0.4231 0.6300 -0.1049 0.0206  0.1148  108 VAL A CB  
778 N N   . GLY A 109 ? 0.5415 0.4442 0.7697 -0.1332 0.0000  0.1043  109 GLY A N   
779 C CA  . GLY A 109 ? 0.5708 0.4445 0.8282 -0.1392 -0.0170 0.0922  109 GLY A CA  
780 C C   . GLY A 109 ? 0.5863 0.4299 0.8310 -0.1229 -0.0343 0.0739  109 GLY A C   
781 N N   . VAL A 110 ? 0.5813 0.4112 0.7954 -0.1099 -0.0322 0.0843  110 VAL A N   
782 C CA  . VAL A 110 ? 0.5777 0.3816 0.7813 -0.0927 -0.0463 0.0694  110 VAL A CA  
783 C C   . VAL A 110 ? 0.5639 0.3855 0.7317 -0.0747 -0.0409 0.0673  110 VAL A C   
784 O O   . VAL A 110 ? 0.5522 0.3954 0.7015 -0.0761 -0.0282 0.0818  110 VAL A O   
785 C CB  . VAL A 110 ? 0.6010 0.3643 0.8119 -0.0944 -0.0533 0.0846  110 VAL A CB  
786 N N   . LYS A 111 ? 0.5515 0.3648 0.7115 -0.0575 -0.0506 0.0481  111 LYS A N   
787 C CA  . LYS A 111 ? 0.5468 0.3720 0.6809 -0.0413 -0.0475 0.0479  111 LYS A CA  
788 C C   . LYS A 111 ? 0.5350 0.3454 0.6585 -0.0400 -0.0465 0.0720  111 LYS A C   
789 O O   . LYS A 111 ? 0.5682 0.3466 0.7031 -0.0417 -0.0541 0.0817  111 LYS A O   
790 C CB  . LYS A 111 ? 0.5335 0.3521 0.6673 -0.0234 -0.0570 0.0246  111 LYS A CB  
791 C CG  . LYS A 111 ? 0.5456 0.3741 0.6626 -0.0074 -0.0551 0.0257  111 LYS A CG  
792 C CD  . LYS A 111 ? 0.5535 0.3951 0.6669 0.0083  -0.0563 0.0025  111 LYS A CD  
793 C CE  . LYS A 111 ? 0.5749 0.4128 0.6874 0.0255  -0.0600 0.0013  111 LYS A CE  
794 N NZ  . LYS A 111 ? 0.6012 0.4433 0.7154 0.0430  -0.0623 -0.0220 111 LYS A NZ  
795 N N   . ILE A 112 ? 0.5239 0.3556 0.6247 -0.0363 -0.0385 0.0815  112 ILE A N   
796 C CA  . ILE A 112 ? 0.5405 0.3630 0.6254 -0.0337 -0.0386 0.1041  112 ILE A CA  
797 C C   . ILE A 112 ? 0.5513 0.3665 0.6319 -0.0153 -0.0493 0.0974  112 ILE A C   
798 O O   . ILE A 112 ? 0.5073 0.3438 0.5841 -0.0056 -0.0490 0.0815  112 ILE A O   
799 C CB  . ILE A 112 ? 0.5377 0.3872 0.5992 -0.0375 -0.0270 0.1144  112 ILE A CB  
800 C CG1 . ILE A 112 ? 0.5190 0.3775 0.5880 -0.0546 -0.0148 0.1238  112 ILE A CG1 
801 C CG2 . ILE A 112 ? 0.5622 0.4056 0.6004 -0.0302 -0.0299 0.1334  112 ILE A CG2 
802 C CD1 . ILE A 112 ? 0.4989 0.3910 0.5540 -0.0556 -0.0037 0.1183  112 ILE A CD1 
803 N N   . GLY A 113 ? 0.5774 0.3632 0.6610 -0.0102 -0.0586 0.1106  113 GLY A N   
804 C CA  . GLY A 113 ? 0.5728 0.3549 0.6550 0.0089  -0.0694 0.1056  113 GLY A CA  
805 C C   . GLY A 113 ? 0.5584 0.3400 0.6591 0.0210  -0.0749 0.0793  113 GLY A C   
806 O O   . GLY A 113 ? 0.5735 0.3460 0.6877 0.0159  -0.0748 0.0655  113 GLY A O   
807 N N   . ASN A 114 ? 0.5278 0.3214 0.6291 0.0384  -0.0802 0.0720  114 ASN A N   
808 C CA  . ASN A 114 ? 0.5228 0.3226 0.6390 0.0537  -0.0827 0.0479  114 ASN A CA  
809 C C   . ASN A 114 ? 0.4937 0.3325 0.6074 0.0617  -0.0770 0.0405  114 ASN A C   
810 O O   . ASN A 114 ? 0.4774 0.3247 0.6009 0.0775  -0.0828 0.0374  114 ASN A O   
811 C CB  . ASN A 114 ? 0.5846 0.3543 0.7150 0.0698  -0.0963 0.0467  114 ASN A CB  
812 C CG  . ASN A 114 ? 0.6633 0.4236 0.8082 0.0809  -0.0991 0.0206  114 ASN A CG  
813 O OD1 . ASN A 114 ? 0.6881 0.4633 0.8411 0.1004  -0.0999 0.0050  114 ASN A OD1 
814 N ND2 . ASN A 114 ? 0.6940 0.4313 0.8431 0.0690  -0.1006 0.0148  114 ASN A ND2 
815 N N   . PRO A 115 ? 0.4488 0.3122 0.5528 0.0510  -0.0661 0.0376  115 PRO A N   
816 C CA  . PRO A 115 ? 0.4030 0.3006 0.5077 0.0556  -0.0608 0.0327  115 PRO A CA  
817 C C   . PRO A 115 ? 0.3943 0.3061 0.5146 0.0711  -0.0581 0.0151  115 PRO A C   
818 O O   . PRO A 115 ? 0.4499 0.3494 0.5735 0.0769  -0.0577 0.0019  115 PRO A O   
819 C CB  . PRO A 115 ? 0.3755 0.2878 0.4673 0.0409  -0.0500 0.0323  115 PRO A CB  
820 C CG  . PRO A 115 ? 0.4025 0.2948 0.4928 0.0330  -0.0488 0.0290  115 PRO A CG  
821 C CD  . PRO A 115 ? 0.4672 0.3283 0.5627 0.0342  -0.0587 0.0391  115 PRO A CD  
822 N N   . VAL A 116 ? 0.3791 0.3187 0.5097 0.0782  -0.0565 0.0145  116 VAL A N   
823 C CA  . VAL A 116 ? 0.3844 0.3462 0.5327 0.0936  -0.0509 0.0008  116 VAL A CA  
824 C C   . VAL A 116 ? 0.3742 0.3649 0.5197 0.0868  -0.0360 -0.0033 116 VAL A C   
825 O O   . VAL A 116 ? 0.3425 0.3445 0.4834 0.0739  -0.0341 0.0057  116 VAL A O   
826 C CB  . VAL A 116 ? 0.4021 0.3783 0.5716 0.1059  -0.0594 0.0048  116 VAL A CB  
827 C CG1 . VAL A 116 ? 0.4163 0.4263 0.6088 0.1206  -0.0496 -0.0075 116 VAL A CG1 
828 C CG2 . VAL A 116 ? 0.4367 0.3805 0.6075 0.1155  -0.0750 0.0102  116 VAL A CG2 
829 N N   . PRO A 117 ? 0.3627 0.3653 0.5092 0.0960  -0.0254 -0.0162 117 PRO A N   
830 C CA  . PRO A 117 ? 0.3645 0.3925 0.5056 0.0896  -0.0106 -0.0163 117 PRO A CA  
831 C C   . PRO A 117 ? 0.3783 0.4364 0.5405 0.0865  -0.0067 -0.0077 117 PRO A C   
832 O O   . PRO A 117 ? 0.3742 0.4483 0.5604 0.0979  -0.0091 -0.0091 117 PRO A O   
833 C CB  . PRO A 117 ? 0.4190 0.4554 0.5567 0.1056  -0.0011 -0.0315 117 PRO A CB  
834 C CG  . PRO A 117 ? 0.4512 0.4563 0.5855 0.1157  -0.0133 -0.0427 117 PRO A CG  
835 C CD  . PRO A 117 ? 0.4314 0.4162 0.5757 0.1105  -0.0281 -0.0315 117 PRO A CD  
836 N N   . TYR A 118 ? 0.3493 0.4149 0.5056 0.0712  -0.0023 0.0005  118 TYR A N   
837 C CA  . TYR A 118 ? 0.3629 0.4549 0.5421 0.0652  0.0000  0.0075  118 TYR A CA  
838 C C   . TYR A 118 ? 0.4101 0.5333 0.6062 0.0719  0.0175  0.0059  118 TYR A C   
839 O O   . TYR A 118 ? 0.4017 0.5249 0.5811 0.0780  0.0294  0.0009  118 TYR A O   
840 C CB  . TYR A 118 ? 0.3424 0.4283 0.5099 0.0476  -0.0017 0.0149  118 TYR A CB  
841 C CG  . TYR A 118 ? 0.3422 0.4482 0.5350 0.0399  -0.0057 0.0203  118 TYR A CG  
842 C CD1 . TYR A 118 ? 0.3147 0.4183 0.5156 0.0396  -0.0229 0.0218  118 TYR A CD1 
843 C CD2 . TYR A 118 ? 0.3506 0.4784 0.5605 0.0332  0.0068  0.0242  118 TYR A CD2 
844 C CE1 . TYR A 118 ? 0.2980 0.4210 0.5249 0.0328  -0.0300 0.0237  118 TYR A CE1 
845 C CE2 . TYR A 118 ? 0.3366 0.4826 0.5764 0.0243  0.0013  0.0281  118 TYR A CE2 
846 C CZ  . TYR A 118 ? 0.2993 0.4433 0.5481 0.0241  -0.0183 0.0262  118 TYR A CZ  
847 O OH  . TYR A 118 ? 0.2909 0.4532 0.5711 0.0153  -0.0272 0.0272  118 TYR A OH  
848 N N   . ASN A 119 ? 0.3971 0.5491 0.6269 0.0710  0.0188  0.0103  119 ASN A N   
849 C CA  . ASN A 119 ? 0.3688 0.5561 0.6202 0.0756  0.0382  0.0123  119 ASN A CA  
850 C C   . ASN A 119 ? 0.3888 0.5987 0.6696 0.0590  0.0412  0.0235  119 ASN A C   
851 O O   . ASN A 119 ? 0.4822 0.7112 0.7985 0.0577  0.0318  0.0245  119 ASN A O   
852 C CB  . ASN A 119 ? 0.3813 0.5898 0.6570 0.0957  0.0402  0.0044  119 ASN A CB  
853 C CG  . ASN A 119 ? 0.5121 0.6956 0.7614 0.1132  0.0368  -0.0089 119 ASN A CG  
854 O OD1 . ASN A 119 ? 0.4845 0.6474 0.7347 0.1207  0.0198  -0.0140 119 ASN A OD1 
855 N ND2 . ASN A 119 ? 0.5295 0.7128 0.7545 0.1199  0.0517  -0.0146 119 ASN A ND2 
856 O O   . HOH B .   ? 0.4187 0.3041 0.4887 -0.0077 -0.0354 0.0563  201 HOH A O   
857 O O   . HOH B .   ? 0.6430 0.7174 0.2845 0.2170  -0.0493 -0.0276 202 HOH A O   
858 O O   . HOH B .   ? 0.5386 0.4055 0.5872 -0.0053 -0.0556 -0.0370 203 HOH A O   
859 O O   . HOH B .   ? 0.4351 0.5552 0.7146 -0.1014 -0.0015 0.0041  204 HOH A O   
860 O O   . HOH B .   ? 0.3509 0.3628 0.3392 0.0492  -0.0067 -0.0434 205 HOH A O   
861 O O   . HOH B .   ? 0.3947 0.3402 0.3993 -0.0053 -0.0526 -0.0389 206 HOH A O   
862 O O   . HOH B .   ? 0.2768 0.4768 0.6226 0.0252  -0.1538 0.0049  207 HOH A O   
863 O O   . HOH B .   ? 0.4364 0.5215 0.4243 0.1082  -0.0663 -0.0273 208 HOH A O   
864 O O   . HOH B .   ? 0.2480 0.2810 0.3607 0.0275  -0.0652 0.0351  209 HOH A O   
865 O O   . HOH B .   ? 0.4526 0.4459 0.6504 -0.0731 0.0945  0.1758  210 HOH A O   
866 O O   . HOH B .   ? 0.3249 0.5324 0.6656 -0.0036 0.0006  0.0393  211 HOH A O   
867 O O   . HOH B .   ? 0.3675 0.3832 0.3675 0.0543  0.0061  -0.0336 212 HOH A O   
868 O O   . HOH B .   ? 0.3615 0.4587 0.5119 -0.0197 -0.0451 -0.0546 213 HOH A O   
869 O O   . HOH B .   ? 0.2803 0.2986 0.2404 0.0570  -0.0066 0.0099  214 HOH A O   
870 O O   . HOH B .   ? 0.5645 0.4033 0.6879 0.0659  -0.0686 -0.0069 215 HOH A O   
871 O O   . HOH B .   ? 0.4458 0.3340 0.5708 -0.0185 -0.0557 -0.0343 216 HOH A O   
872 O O   . HOH B .   ? 0.4187 0.4001 0.4781 -0.0149 0.0744  0.1289  217 HOH A O   
873 O O   . HOH B .   ? 0.3630 0.4495 0.5604 -0.0822 0.0150  0.0215  218 HOH A O   
874 O O   . HOH B .   ? 0.4510 0.3779 0.4371 0.0648  -0.0199 -0.0544 219 HOH A O   
875 O O   . HOH B .   ? 0.4194 0.4098 0.6682 -0.0906 0.0615  0.1422  220 HOH A O   
876 O O   . HOH B .   ? 0.4922 0.3306 0.5281 0.0214  -0.0346 -0.0044 221 HOH A O   
877 O O   . HOH B .   ? 0.3932 0.4412 0.2437 0.1223  -0.0149 -0.0711 222 HOH A O   
878 O O   . HOH B .   ? 0.3620 0.5897 0.5390 0.0776  -0.0582 -0.0685 223 HOH A O   
879 O O   . HOH B .   ? 0.4373 0.3692 0.5270 0.0097  -0.0669 -0.0859 224 HOH A O   
880 O O   . HOH B .   ? 0.4181 0.4400 0.5476 -0.0234 -0.0571 -0.0643 225 HOH A O   
881 O O   . HOH B .   ? 0.3892 0.5664 0.5975 0.0119  0.0908  0.0682  226 HOH A O   
882 O O   . HOH B .   ? 0.4083 0.4865 0.3536 0.0881  0.0635  -0.0008 227 HOH A O   
883 O O   . HOH B .   ? 0.4661 0.6191 0.5327 0.1071  0.0950  -0.0048 228 HOH A O   
884 O O   . HOH B .   ? 0.4394 0.5498 0.4800 0.1083  -0.0608 -0.0358 229 HOH A O   
885 O O   . HOH B .   ? 0.4321 0.4828 0.4736 0.0317  -0.0687 -0.0847 230 HOH A O   
886 O O   . HOH B .   ? 0.5070 0.5473 0.4778 0.0348  0.0916  0.1064  231 HOH A O   
887 O O   . HOH B .   ? 0.4486 0.4453 0.5549 -0.0359 0.1061  0.1752  232 HOH A O   
888 O O   . HOH B .   ? 0.4652 0.4655 0.4647 0.0147  0.0730  0.1098  233 HOH A O   
# 
